data_3R1E
# 
_entry.id   3R1E 
# 
_audit_conform.dict_name       mmcif_pdbx.dic 
_audit_conform.dict_version    5.387 
_audit_conform.dict_location   http://mmcif.pdb.org/dictionaries/ascii/mmcif_pdbx.dic 
# 
loop_
_database_2.database_id 
_database_2.database_code 
_database_2.pdbx_database_accession 
_database_2.pdbx_DOI 
PDB   3R1E         pdb_00003r1e 10.2210/pdb3r1e/pdb 
NDB   NA1019       ?            ?                   
RCSB  RCSB064367   ?            ?                   
WWPDB D_1000064367 ?            ?                   
# 
loop_
_pdbx_audit_revision_history.ordinal 
_pdbx_audit_revision_history.data_content_type 
_pdbx_audit_revision_history.major_revision 
_pdbx_audit_revision_history.minor_revision 
_pdbx_audit_revision_history.revision_date 
1 'Structure model' 1 0 2011-06-01 
2 'Structure model' 1 1 2011-07-13 
3 'Structure model' 1 2 2011-09-14 
4 'Structure model' 1 3 2017-11-08 
5 'Structure model' 1 4 2024-02-21 
# 
_pdbx_audit_revision_details.ordinal             1 
_pdbx_audit_revision_details.revision_ordinal    1 
_pdbx_audit_revision_details.data_content_type   'Structure model' 
_pdbx_audit_revision_details.provider            repository 
_pdbx_audit_revision_details.type                'Initial release' 
_pdbx_audit_revision_details.description         ? 
_pdbx_audit_revision_details.details             ? 
# 
loop_
_pdbx_audit_revision_group.ordinal 
_pdbx_audit_revision_group.revision_ordinal 
_pdbx_audit_revision_group.data_content_type 
_pdbx_audit_revision_group.group 
1 2 'Structure model' 'Version format compliance' 
2 3 'Structure model' 'Database references'       
3 4 'Structure model' 'Refinement description'    
4 5 'Structure model' 'Data collection'           
5 5 'Structure model' 'Database references'       
6 5 'Structure model' 'Derived calculations'      
# 
loop_
_pdbx_audit_revision_category.ordinal 
_pdbx_audit_revision_category.revision_ordinal 
_pdbx_audit_revision_category.data_content_type 
_pdbx_audit_revision_category.category 
1 4 'Structure model' software               
2 5 'Structure model' chem_comp_atom         
3 5 'Structure model' chem_comp_bond         
4 5 'Structure model' database_2             
5 5 'Structure model' diffrn_source          
6 5 'Structure model' pdbx_struct_conn_angle 
7 5 'Structure model' struct_conn            
8 5 'Structure model' struct_site            
# 
loop_
_pdbx_audit_revision_item.ordinal 
_pdbx_audit_revision_item.revision_ordinal 
_pdbx_audit_revision_item.data_content_type 
_pdbx_audit_revision_item.item 
1  4 'Structure model' '_software.name'                            
2  5 'Structure model' '_database_2.pdbx_DOI'                      
3  5 'Structure model' '_database_2.pdbx_database_accession'       
4  5 'Structure model' '_diffrn_source.pdbx_synchrotron_site'      
5  5 'Structure model' '_pdbx_struct_conn_angle.ptnr1_auth_seq_id' 
6  5 'Structure model' '_pdbx_struct_conn_angle.ptnr3_auth_seq_id' 
7  5 'Structure model' '_pdbx_struct_conn_angle.value'             
8  5 'Structure model' '_struct_conn.pdbx_dist_value'              
9  5 'Structure model' '_struct_conn.pdbx_leaving_atom_flag'       
10 5 'Structure model' '_struct_conn.pdbx_ptnr1_label_alt_id'      
11 5 'Structure model' '_struct_conn.ptnr1_auth_asym_id'           
12 5 'Structure model' '_struct_conn.ptnr1_auth_comp_id'           
13 5 'Structure model' '_struct_conn.ptnr1_auth_seq_id'            
14 5 'Structure model' '_struct_conn.ptnr1_label_asym_id'          
15 5 'Structure model' '_struct_conn.ptnr1_label_atom_id'          
16 5 'Structure model' '_struct_conn.ptnr1_label_comp_id'          
17 5 'Structure model' '_struct_conn.ptnr1_label_seq_id'           
18 5 'Structure model' '_struct_conn.ptnr2_auth_asym_id'           
19 5 'Structure model' '_struct_conn.ptnr2_auth_comp_id'           
20 5 'Structure model' '_struct_conn.ptnr2_auth_seq_id'            
21 5 'Structure model' '_struct_conn.ptnr2_label_asym_id'          
22 5 'Structure model' '_struct_conn.ptnr2_label_atom_id'          
23 5 'Structure model' '_struct_conn.ptnr2_label_comp_id'          
24 5 'Structure model' '_struct_site.pdbx_auth_asym_id'            
25 5 'Structure model' '_struct_site.pdbx_auth_comp_id'            
26 5 'Structure model' '_struct_site.pdbx_auth_seq_id'             
# 
_pdbx_database_status.status_code                     REL 
_pdbx_database_status.entry_id                        3R1E 
_pdbx_database_status.recvd_initial_deposition_date   2011-03-10 
_pdbx_database_status.deposit_site                    RCSB 
_pdbx_database_status.process_site                    RCSB 
_pdbx_database_status.status_code_sf                  REL 
_pdbx_database_status.status_code_mr                  ? 
_pdbx_database_status.SG_entry                        ? 
_pdbx_database_status.status_code_cs                  ? 
_pdbx_database_status.pdb_format_compatible           Y 
_pdbx_database_status.methods_development_category    ? 
_pdbx_database_status.status_code_nmr_data            ? 
# 
loop_
_pdbx_database_related.db_name 
_pdbx_database_related.db_id 
_pdbx_database_related.details 
_pdbx_database_related.content_type 
PDB 3R1C . unspecified 
PDB 3R1D . unspecified 
# 
loop_
_audit_author.name 
_audit_author.pdbx_ordinal 
'Kiliszek, A.'     1 
'Kierzek, R.'      2 
'Krzyzosiak, W.J.' 3 
'Rypniewski, W.'   4 
# 
_citation.id                        primary 
_citation.title                     
'Crystal structures of CGG RNA repeats with implications for fragile X-associated tremor ataxia syndrome.' 
_citation.journal_abbrev            'Nucleic Acids Res.' 
_citation.journal_volume            39 
_citation.page_first                7308 
_citation.page_last                 7315 
_citation.year                      2011 
_citation.journal_id_ASTM           NARHAD 
_citation.country                   UK 
_citation.journal_id_ISSN           0305-1048 
_citation.journal_id_CSD            0389 
_citation.book_publisher            ? 
_citation.pdbx_database_id_PubMed   21596781 
_citation.pdbx_database_id_DOI      10.1093/nar/gkr368 
# 
loop_
_citation_author.citation_id 
_citation_author.name 
_citation_author.ordinal 
_citation_author.identifier_ORCID 
primary 'Kiliszek, A.'     1 ? 
primary 'Kierzek, R.'      2 ? 
primary 'Krzyzosiak, W.J.' 3 ? 
primary 'Rypniewski, W.'   4 ? 
# 
loop_
_entity.id 
_entity.type 
_entity.src_method 
_entity.pdbx_description 
_entity.formula_weight 
_entity.pdbx_number_of_molecules 
_entity.pdbx_ec 
_entity.pdbx_mutation 
_entity.pdbx_fragment 
_entity.details 
1 polymer     syn 
;RNA (5'-R(*GP*CP*(GRB)P*GP*CP*GP*GP*C)-3')
;
2675.513 2   ? ? ? ? 
2 non-polymer syn GLYCEROL                                     92.094   1   ? ? ? ? 
3 non-polymer syn 'CALCIUM ION'                                40.078   2   ? ? ? ? 
4 non-polymer syn 'BROMIDE ION'                                79.904   2   ? ? ? ? 
5 water       nat water                                        18.015   103 ? ? ? ? 
# 
_entity_poly.entity_id                      1 
_entity_poly.type                           polyribonucleotide 
_entity_poly.nstd_linkage                   no 
_entity_poly.nstd_monomer                   yes 
_entity_poly.pdbx_seq_one_letter_code       'GC(GRB)GCGGC' 
_entity_poly.pdbx_seq_one_letter_code_can   GCXGCGGC 
_entity_poly.pdbx_strand_id                 A,B 
_entity_poly.pdbx_target_identifier         ? 
# 
loop_
_pdbx_entity_nonpoly.entity_id 
_pdbx_entity_nonpoly.name 
_pdbx_entity_nonpoly.comp_id 
2 GLYCEROL      GOL 
3 'CALCIUM ION' CA  
4 'BROMIDE ION' BR  
5 water         HOH 
# 
loop_
_entity_poly_seq.entity_id 
_entity_poly_seq.num 
_entity_poly_seq.mon_id 
_entity_poly_seq.hetero 
1 1 G   n 
1 2 C   n 
1 3 GRB n 
1 4 G   n 
1 5 C   n 
1 6 G   n 
1 7 G   n 
1 8 C   n 
# 
_pdbx_entity_src_syn.entity_id              1 
_pdbx_entity_src_syn.pdbx_src_id            1 
_pdbx_entity_src_syn.pdbx_alt_source_flag   sample 
_pdbx_entity_src_syn.pdbx_beg_seq_num       ? 
_pdbx_entity_src_syn.pdbx_end_seq_num       ? 
_pdbx_entity_src_syn.organism_scientific    ? 
_pdbx_entity_src_syn.organism_common_name   ? 
_pdbx_entity_src_syn.ncbi_taxonomy_id       ? 
_pdbx_entity_src_syn.details                'This sequence is found in human mRNA' 
# 
loop_
_chem_comp.id 
_chem_comp.type 
_chem_comp.mon_nstd_flag 
_chem_comp.name 
_chem_comp.pdbx_synonyms 
_chem_comp.formula 
_chem_comp.formula_weight 
BR  non-polymer   . 'BROMIDE ION'                                ?                               'Br -1'              79.904  
C   'RNA linking' y "CYTIDINE-5'-MONOPHOSPHATE"                  ?                               'C9 H14 N3 O8 P'     323.197 
CA  non-polymer   . 'CALCIUM ION'                                ?                               'Ca 2'               40.078  
G   'RNA linking' y "GUANOSINE-5'-MONOPHOSPHATE"                 ?                               'C10 H14 N5 O8 P'    363.221 
GOL non-polymer   . GLYCEROL                                     'GLYCERIN; PROPANE-1,2,3-TRIOL' 'C3 H8 O3'           92.094  
GRB 'RNA linking' n 
;8-bromoguanosine 5'-(dihydrogen phosphate)
;
?                               'C10 H13 Br N5 O8 P' 442.117 
HOH non-polymer   . WATER                                        ?                               'H2 O'               18.015  
# 
loop_
_pdbx_poly_seq_scheme.asym_id 
_pdbx_poly_seq_scheme.entity_id 
_pdbx_poly_seq_scheme.seq_id 
_pdbx_poly_seq_scheme.mon_id 
_pdbx_poly_seq_scheme.ndb_seq_num 
_pdbx_poly_seq_scheme.pdb_seq_num 
_pdbx_poly_seq_scheme.auth_seq_num 
_pdbx_poly_seq_scheme.pdb_mon_id 
_pdbx_poly_seq_scheme.auth_mon_id 
_pdbx_poly_seq_scheme.pdb_strand_id 
_pdbx_poly_seq_scheme.pdb_ins_code 
_pdbx_poly_seq_scheme.hetero 
A 1 1 G   1 1 1 G   G   A . n 
A 1 2 C   2 2 2 C   C   A . n 
A 1 3 GRB 3 3 3 GRB GRB A . n 
A 1 4 G   4 4 4 G   G   A . n 
A 1 5 C   5 5 5 C   C   A . n 
A 1 6 G   6 6 6 G   G   A . n 
A 1 7 G   7 7 7 G   G   A . n 
A 1 8 C   8 8 8 C   C   A . n 
B 1 1 G   1 1 1 G   G   B . n 
B 1 2 C   2 2 2 C   C   B . n 
B 1 3 GRB 3 3 3 GRB GRB B . n 
B 1 4 G   4 4 4 G   G   B . n 
B 1 5 C   5 5 5 C   C   B . n 
B 1 6 G   6 6 6 G   G   B . n 
B 1 7 G   7 7 7 G   G   B . n 
B 1 8 C   8 8 8 C   C   B . n 
# 
loop_
_pdbx_nonpoly_scheme.asym_id 
_pdbx_nonpoly_scheme.entity_id 
_pdbx_nonpoly_scheme.mon_id 
_pdbx_nonpoly_scheme.ndb_seq_num 
_pdbx_nonpoly_scheme.pdb_seq_num 
_pdbx_nonpoly_scheme.auth_seq_num 
_pdbx_nonpoly_scheme.pdb_mon_id 
_pdbx_nonpoly_scheme.auth_mon_id 
_pdbx_nonpoly_scheme.pdb_strand_id 
_pdbx_nonpoly_scheme.pdb_ins_code 
C 2 GOL 1  9   1   GOL GOL A . 
D 3 CA  1  10  1   CA  CA  A . 
E 4 BR  1  11  1   BR  BR  A . 
F 3 CA  1  9   2   CA  CA  B . 
G 4 BR  1  10  1   BR  BR  B . 
H 5 HOH 1  12  7   HOH HOH A . 
H 5 HOH 2  13  9   HOH HOH A . 
H 5 HOH 3  14  14  HOH HOH A . 
H 5 HOH 4  15  15  HOH HOH A . 
H 5 HOH 5  19  19  HOH HOH A . 
H 5 HOH 6  21  21  HOH HOH A . 
H 5 HOH 7  23  23  HOH HOH A . 
H 5 HOH 8  24  24  HOH HOH A . 
H 5 HOH 9  26  26  HOH HOH A . 
H 5 HOH 10 33  33  HOH HOH A . 
H 5 HOH 11 34  34  HOH HOH A . 
H 5 HOH 12 38  38  HOH HOH A . 
H 5 HOH 13 39  39  HOH HOH A . 
H 5 HOH 14 40  40  HOH HOH A . 
H 5 HOH 15 41  41  HOH HOH A . 
H 5 HOH 16 43  43  HOH HOH A . 
H 5 HOH 17 44  44  HOH HOH A . 
H 5 HOH 18 46  46  HOH HOH A . 
H 5 HOH 19 47  47  HOH HOH A . 
H 5 HOH 20 49  49  HOH HOH A . 
H 5 HOH 21 51  51  HOH HOH A . 
H 5 HOH 22 53  53  HOH HOH A . 
H 5 HOH 23 55  55  HOH HOH A . 
H 5 HOH 24 56  56  HOH HOH A . 
H 5 HOH 25 57  57  HOH HOH A . 
H 5 HOH 26 59  59  HOH HOH A . 
H 5 HOH 27 61  61  HOH HOH A . 
H 5 HOH 28 63  63  HOH HOH A . 
H 5 HOH 29 64  64  HOH HOH A . 
H 5 HOH 30 65  65  HOH HOH A . 
H 5 HOH 31 67  67  HOH HOH A . 
H 5 HOH 32 68  68  HOH HOH A . 
H 5 HOH 33 70  70  HOH HOH A . 
H 5 HOH 34 71  71  HOH HOH A . 
H 5 HOH 35 72  72  HOH HOH A . 
H 5 HOH 36 73  73  HOH HOH A . 
H 5 HOH 37 74  74  HOH HOH A . 
H 5 HOH 38 75  75  HOH HOH A . 
H 5 HOH 39 76  76  HOH HOH A . 
H 5 HOH 40 80  80  HOH HOH A . 
H 5 HOH 41 86  86  HOH HOH A . 
H 5 HOH 42 89  89  HOH HOH A . 
H 5 HOH 43 91  91  HOH HOH A . 
H 5 HOH 44 93  93  HOH HOH A . 
H 5 HOH 45 102 102 HOH HOH A . 
H 5 HOH 46 107 107 HOH HOH A . 
H 5 HOH 47 109 109 HOH HOH A . 
H 5 HOH 48 114 114 HOH HOH A . 
H 5 HOH 49 115 115 HOH HOH A . 
H 5 HOH 50 117 117 HOH HOH A . 
H 5 HOH 51 123 123 HOH HOH A . 
H 5 HOH 52 125 125 HOH HOH A . 
H 5 HOH 53 126 126 HOH HOH A . 
I 5 HOH 1  11  11  HOH HOH B . 
I 5 HOH 2  12  12  HOH HOH B . 
I 5 HOH 3  13  13  HOH HOH B . 
I 5 HOH 4  14  3   HOH HOH B . 
I 5 HOH 5  15  4   HOH HOH B . 
I 5 HOH 6  16  16  HOH HOH B . 
I 5 HOH 7  17  17  HOH HOH B . 
I 5 HOH 8  18  18  HOH HOH B . 
I 5 HOH 9  19  6   HOH HOH B . 
I 5 HOH 10 20  20  HOH HOH B . 
I 5 HOH 11 21  8   HOH HOH B . 
I 5 HOH 12 22  22  HOH HOH B . 
I 5 HOH 13 23  10  HOH HOH B . 
I 5 HOH 14 24  5   HOH HOH B . 
I 5 HOH 15 25  25  HOH HOH B . 
I 5 HOH 16 27  27  HOH HOH B . 
I 5 HOH 17 28  28  HOH HOH B . 
I 5 HOH 18 29  29  HOH HOH B . 
I 5 HOH 19 30  30  HOH HOH B . 
I 5 HOH 20 31  31  HOH HOH B . 
I 5 HOH 21 32  32  HOH HOH B . 
I 5 HOH 22 35  35  HOH HOH B . 
I 5 HOH 23 36  36  HOH HOH B . 
I 5 HOH 24 37  37  HOH HOH B . 
I 5 HOH 25 42  42  HOH HOH B . 
I 5 HOH 26 45  45  HOH HOH B . 
I 5 HOH 27 48  48  HOH HOH B . 
I 5 HOH 28 50  50  HOH HOH B . 
I 5 HOH 29 52  52  HOH HOH B . 
I 5 HOH 30 54  54  HOH HOH B . 
I 5 HOH 31 58  58  HOH HOH B . 
I 5 HOH 32 60  60  HOH HOH B . 
I 5 HOH 33 62  62  HOH HOH B . 
I 5 HOH 34 66  66  HOH HOH B . 
I 5 HOH 35 69  69  HOH HOH B . 
I 5 HOH 36 77  77  HOH HOH B . 
I 5 HOH 37 78  78  HOH HOH B . 
I 5 HOH 38 82  82  HOH HOH B . 
I 5 HOH 39 83  83  HOH HOH B . 
I 5 HOH 40 84  84  HOH HOH B . 
I 5 HOH 41 87  87  HOH HOH B . 
I 5 HOH 42 88  88  HOH HOH B . 
I 5 HOH 43 92  92  HOH HOH B . 
I 5 HOH 44 95  95  HOH HOH B . 
I 5 HOH 45 97  97  HOH HOH B . 
I 5 HOH 46 98  98  HOH HOH B . 
I 5 HOH 47 100 100 HOH HOH B . 
I 5 HOH 48 101 101 HOH HOH B . 
I 5 HOH 49 110 110 HOH HOH B . 
I 5 HOH 50 111 111 HOH HOH B . 
# 
loop_
_software.name 
_software.classification 
_software.version 
_software.citation_id 
_software.pdbx_ordinal 
MAR345    'data collection' .        ? 1 
SHELXS    phasing           .        ? 2 
REFMAC    refinement        5.5.0109 ? 3 
DENZO     'data reduction'  .        ? 4 
SCALEPACK 'data scaling'    .        ? 5 
# 
_cell.entry_id           3R1E 
_cell.length_a           50.666 
_cell.length_b           22.538 
_cell.length_c           44.183 
_cell.angle_alpha        90.00 
_cell.angle_beta         117.82 
_cell.angle_gamma        90.00 
_cell.Z_PDB              8 
_cell.pdbx_unique_axis   ? 
_cell.length_a_esd       ? 
_cell.length_b_esd       ? 
_cell.length_c_esd       ? 
_cell.angle_alpha_esd    ? 
_cell.angle_beta_esd     ? 
_cell.angle_gamma_esd    ? 
# 
_symmetry.entry_id                         3R1E 
_symmetry.space_group_name_H-M             'C 1 2 1' 
_symmetry.pdbx_full_space_group_name_H-M   ? 
_symmetry.cell_setting                     ? 
_symmetry.Int_Tables_number                5 
_symmetry.space_group_name_Hall            ? 
# 
_exptl.entry_id          3R1E 
_exptl.method            'X-RAY DIFFRACTION' 
_exptl.crystals_number   1 
# 
_exptl_crystal.id                    1 
_exptl_crystal.density_meas          ? 
_exptl_crystal.density_Matthews      2.08 
_exptl_crystal.density_percent_sol   41.00 
_exptl_crystal.description           ? 
_exptl_crystal.F_000                 ? 
_exptl_crystal.preparation           ? 
# 
_exptl_crystal_grow.crystal_id      1 
_exptl_crystal_grow.method          'VAPOR DIFFUSION, HANGING DROP' 
_exptl_crystal_grow.temp            292 
_exptl_crystal_grow.temp_details    ? 
_exptl_crystal_grow.pH              8.5 
_exptl_crystal_grow.pdbx_details    
'10 mM CaCl2, 0.2 M NH4Cl, Tris-HCl, 30% w/v PEG 4000, pH 8.5, VAPOR DIFFUSION, HANGING DROP, temperature 292K' 
_exptl_crystal_grow.pdbx_pH_range   ? 
# 
_diffrn.id                     1 
_diffrn.ambient_temp           100 
_diffrn.ambient_temp_details   ? 
_diffrn.crystal_id             1 
# 
_diffrn_detector.diffrn_id              1 
_diffrn_detector.detector               CCD 
_diffrn_detector.type                   'MAR CCD 165 mm' 
_diffrn_detector.pdbx_collection_date   2005-03-21 
_diffrn_detector.details                ? 
# 
_diffrn_radiation.diffrn_id                        1 
_diffrn_radiation.wavelength_id                    1 
_diffrn_radiation.pdbx_monochromatic_or_laue_m_l   M 
_diffrn_radiation.monochromator                    Si 
_diffrn_radiation.pdbx_diffrn_protocol             'SINGLE WAVELENGTH' 
_diffrn_radiation.pdbx_scattering_type             x-ray 
# 
_diffrn_radiation_wavelength.id           1 
_diffrn_radiation_wavelength.wavelength   0.8126 
_diffrn_radiation_wavelength.wt           1.0 
# 
_diffrn_source.diffrn_id                   1 
_diffrn_source.source                      SYNCHROTRON 
_diffrn_source.type                        'EMBL/DESY, HAMBURG BEAMLINE X11' 
_diffrn_source.pdbx_synchrotron_site       'EMBL/DESY, HAMBURG' 
_diffrn_source.pdbx_synchrotron_beamline   X11 
_diffrn_source.pdbx_wavelength             ? 
_diffrn_source.pdbx_wavelength_list        0.8126 
# 
_reflns.entry_id                     3R1E 
_reflns.observed_criterion_sigma_I   0.0 
_reflns.observed_criterion_sigma_F   0.0 
_reflns.d_resolution_low             20.00 
_reflns.d_resolution_high            0.97 
_reflns.number_obs                   24974 
_reflns.number_all                   24974 
_reflns.percent_possible_obs         95.7 
_reflns.pdbx_Rmerge_I_obs            ? 
_reflns.pdbx_Rsym_value              0.132 
_reflns.pdbx_netI_over_sigmaI        9 
_reflns.B_iso_Wilson_estimate        7.8 
_reflns.pdbx_redundancy              5.4 
_reflns.R_free_details               ? 
_reflns.limit_h_max                  ? 
_reflns.limit_h_min                  ? 
_reflns.limit_k_max                  ? 
_reflns.limit_k_min                  ? 
_reflns.limit_l_max                  ? 
_reflns.limit_l_min                  ? 
_reflns.observed_criterion_F_max     ? 
_reflns.observed_criterion_F_min     ? 
_reflns.pdbx_chi_squared             ? 
_reflns.pdbx_scaling_rejects         ? 
_reflns.pdbx_ordinal                 1 
_reflns.pdbx_diffrn_id               1 
# 
_reflns_shell.d_res_high             0.97 
_reflns_shell.d_res_low              0.99 
_reflns_shell.percent_possible_all   93.4 
_reflns_shell.Rmerge_I_obs           ? 
_reflns_shell.pdbx_Rsym_value        0.934 
_reflns_shell.meanI_over_sigI_obs    2.5 
_reflns_shell.pdbx_redundancy        4.7 
_reflns_shell.percent_possible_obs   ? 
_reflns_shell.number_unique_all      1189 
_reflns_shell.number_measured_all    ? 
_reflns_shell.number_measured_obs    ? 
_reflns_shell.number_unique_obs      ? 
_reflns_shell.pdbx_chi_squared       ? 
_reflns_shell.pdbx_ordinal           1 
_reflns_shell.pdbx_diffrn_id         1 
# 
_refine.entry_id                                 3R1E 
_refine.ls_number_reflns_obs                     24947 
_refine.ls_number_reflns_all                     24947 
_refine.pdbx_ls_sigma_I                          ? 
_refine.pdbx_ls_sigma_F                          0 
_refine.pdbx_data_cutoff_high_absF               ? 
_refine.pdbx_data_cutoff_low_absF                ? 
_refine.pdbx_data_cutoff_high_rms_absF           ? 
_refine.ls_d_res_low                             16.41 
_refine.ls_d_res_high                            0.972 
_refine.ls_percent_reflns_obs                    95.04 
_refine.ls_R_factor_obs                          0.13664 
_refine.ls_R_factor_all                          0.13664 
_refine.ls_R_factor_R_work                       0.13664 
_refine.ls_R_factor_R_free                       ? 
_refine.ls_R_factor_R_free_error                 ? 
_refine.ls_R_factor_R_free_error_details         ? 
_refine.ls_percent_reflns_R_free                 ? 
_refine.ls_number_reflns_R_free                  ? 
_refine.ls_number_parameters                     ? 
_refine.ls_number_restraints                     ? 
_refine.occupancy_min                            ? 
_refine.occupancy_max                            ? 
_refine.correlation_coeff_Fo_to_Fc               0.975 
_refine.correlation_coeff_Fo_to_Fc_free          ? 
_refine.B_iso_mean                               12.733 
_refine.aniso_B[1][1]                            -0.17 
_refine.aniso_B[2][2]                            0.19 
_refine.aniso_B[3][3]                            -0.07 
_refine.aniso_B[1][2]                            0.00 
_refine.aniso_B[1][3]                            -0.05 
_refine.aniso_B[2][3]                            0.00 
_refine.solvent_model_details                    'BABINET MODEL WITH MASK' 
_refine.solvent_model_param_ksol                 ? 
_refine.solvent_model_param_bsol                 ? 
_refine.pdbx_solvent_vdw_probe_radii             1.20 
_refine.pdbx_solvent_ion_probe_radii             0.80 
_refine.pdbx_solvent_shrinkage_radii             0.80 
_refine.pdbx_ls_cross_valid_method               ? 
_refine.details                                  'HYDROGENS HAVE BEEN ADDED IN RIDING POSITIONS' 
_refine.pdbx_starting_model                      ? 
_refine.pdbx_method_to_determine_struct          SAD 
_refine.pdbx_isotropic_thermal_model             ? 
_refine.pdbx_stereochemistry_target_values       'MAXIMUM LIKELIHOOD' 
_refine.pdbx_stereochem_target_val_spec_case     ? 
_refine.pdbx_R_Free_selection_details            'non selected' 
_refine.pdbx_overall_ESU_R_Free                  ? 
_refine.overall_SU_ML                            0.011 
_refine.overall_SU_B                             0.435 
_refine.overall_SU_R_Cruickshank_DPI             ? 
_refine.ls_redundancy_reflns_obs                 ? 
_refine.B_iso_min                                ? 
_refine.B_iso_max                                ? 
_refine.overall_SU_R_free                        ? 
_refine.ls_wR_factor_R_free                      ? 
_refine.ls_wR_factor_R_work                      ? 
_refine.overall_FOM_free_R_set                   ? 
_refine.overall_FOM_work_R_set                   ? 
_refine.pdbx_overall_phase_error                 ? 
_refine.pdbx_refine_id                           'X-RAY DIFFRACTION' 
_refine.pdbx_overall_ESU_R                       ? 
_refine.pdbx_diffrn_id                           1 
_refine.pdbx_TLS_residual_ADP_flag               ? 
_refine.pdbx_overall_SU_R_free_Cruickshank_DPI   ? 
_refine.pdbx_overall_SU_R_Blow_DPI               ? 
_refine.pdbx_overall_SU_R_free_Blow_DPI          ? 
# 
_refine_hist.pdbx_refine_id                   'X-RAY DIFFRACTION' 
_refine_hist.cycle_id                         LAST 
_refine_hist.pdbx_number_atoms_protein        0 
_refine_hist.pdbx_number_atoms_nucleic_acid   346 
_refine_hist.pdbx_number_atoms_ligand         10 
_refine_hist.number_atoms_solvent             103 
_refine_hist.number_atoms_total               459 
_refine_hist.d_res_high                       0.972 
_refine_hist.d_res_low                        16.41 
# 
loop_
_refine_ls_restr.type 
_refine_ls_restr.dev_ideal 
_refine_ls_restr.dev_ideal_target 
_refine_ls_restr.weight 
_refine_ls_restr.number 
_refine_ls_restr.pdbx_restraint_function 
_refine_ls_restr.pdbx_refine_id 
r_bond_refined_d             0.011 0.021 ? 419 ? 'X-RAY DIFFRACTION' 
r_bond_other_d               ?     ?     ? ?   ? 'X-RAY DIFFRACTION' 
r_angle_refined_deg          1.746 3.000 ? 654 ? 'X-RAY DIFFRACTION' 
r_angle_other_deg            ?     ?     ? ?   ? 'X-RAY DIFFRACTION' 
r_dihedral_angle_1_deg       ?     ?     ? ?   ? 'X-RAY DIFFRACTION' 
r_dihedral_angle_2_deg       ?     ?     ? ?   ? 'X-RAY DIFFRACTION' 
r_dihedral_angle_3_deg       ?     ?     ? ?   ? 'X-RAY DIFFRACTION' 
r_dihedral_angle_4_deg       ?     ?     ? ?   ? 'X-RAY DIFFRACTION' 
r_chiral_restr               0.096 0.200 ? 84  ? 'X-RAY DIFFRACTION' 
r_gen_planes_refined         0.031 0.020 ? 188 ? 'X-RAY DIFFRACTION' 
r_gen_planes_other           ?     ?     ? ?   ? 'X-RAY DIFFRACTION' 
r_nbd_refined                ?     ?     ? ?   ? 'X-RAY DIFFRACTION' 
r_nbd_other                  ?     ?     ? ?   ? 'X-RAY DIFFRACTION' 
r_nbtor_refined              ?     ?     ? ?   ? 'X-RAY DIFFRACTION' 
r_nbtor_other                ?     ?     ? ?   ? 'X-RAY DIFFRACTION' 
r_xyhbond_nbd_refined        ?     ?     ? ?   ? 'X-RAY DIFFRACTION' 
r_xyhbond_nbd_other          ?     ?     ? ?   ? 'X-RAY DIFFRACTION' 
r_metal_ion_refined          ?     ?     ? ?   ? 'X-RAY DIFFRACTION' 
r_metal_ion_other            ?     ?     ? ?   ? 'X-RAY DIFFRACTION' 
r_symmetry_vdw_refined       ?     ?     ? ?   ? 'X-RAY DIFFRACTION' 
r_symmetry_vdw_other         ?     ?     ? ?   ? 'X-RAY DIFFRACTION' 
r_symmetry_hbond_refined     ?     ?     ? ?   ? 'X-RAY DIFFRACTION' 
r_symmetry_hbond_other       ?     ?     ? ?   ? 'X-RAY DIFFRACTION' 
r_symmetry_metal_ion_refined ?     ?     ? ?   ? 'X-RAY DIFFRACTION' 
r_symmetry_metal_ion_other   ?     ?     ? ?   ? 'X-RAY DIFFRACTION' 
r_mcbond_it                  ?     ?     ? ?   ? 'X-RAY DIFFRACTION' 
r_mcbond_other               ?     ?     ? ?   ? 'X-RAY DIFFRACTION' 
r_mcangle_it                 ?     ?     ? ?   ? 'X-RAY DIFFRACTION' 
r_scbond_it                  1.858 3.000 ? 419 ? 'X-RAY DIFFRACTION' 
r_scangle_it                 2.406 4.500 ? 654 ? 'X-RAY DIFFRACTION' 
r_rigid_bond_restr           1.414 3.000 ? 419 ? 'X-RAY DIFFRACTION' 
r_sphericity_free            ?     ?     ? ?   ? 'X-RAY DIFFRACTION' 
r_sphericity_bonded          ?     ?     ? ?   ? 'X-RAY DIFFRACTION' 
# 
_refine_ls_shell.pdbx_total_number_of_bins_used   20 
_refine_ls_shell.d_res_high                       0.972 
_refine_ls_shell.d_res_low                        0.997 
_refine_ls_shell.number_reflns_R_work             1648 
_refine_ls_shell.R_factor_R_work                  0.239 
_refine_ls_shell.percent_reflns_obs               85.52 
_refine_ls_shell.R_factor_R_free                  0 
_refine_ls_shell.R_factor_R_free_error            ? 
_refine_ls_shell.percent_reflns_R_free            ? 
_refine_ls_shell.number_reflns_R_free             0 
_refine_ls_shell.number_reflns_all                ? 
_refine_ls_shell.R_factor_all                     ? 
_refine_ls_shell.number_reflns_obs                ? 
_refine_ls_shell.redundancy_reflns_obs            ? 
_refine_ls_shell.pdbx_refine_id                   'X-RAY DIFFRACTION' 
# 
_struct.entry_id                  3R1E 
_struct.title                     'Crystal structure of GC(8BrG)GCGGC duplex' 
_struct.pdbx_model_details        ? 
_struct.pdbx_CASP_flag            ? 
_struct.pdbx_model_type_details   ? 
# 
_struct_keywords.entry_id        3R1E 
_struct_keywords.pdbx_keywords   RNA 
_struct_keywords.text            'CGG repeats, fragile X mental retardation, 8-bromoguanosine, RNA' 
# 
loop_
_struct_asym.id 
_struct_asym.pdbx_blank_PDB_chainid_flag 
_struct_asym.pdbx_modified 
_struct_asym.entity_id 
_struct_asym.details 
A N N 1 ? 
B N N 1 ? 
C N N 2 ? 
D N N 3 ? 
E N N 4 ? 
F N N 3 ? 
G N N 4 ? 
H N N 5 ? 
I N N 5 ? 
# 
_struct_ref.id                         1 
_struct_ref.db_name                    PDB 
_struct_ref.db_code                    3R1E 
_struct_ref.pdbx_db_accession          3R1E 
_struct_ref.entity_id                  1 
_struct_ref.pdbx_align_begin           1 
_struct_ref.pdbx_seq_one_letter_code   GCXGCGGC 
_struct_ref.pdbx_db_isoform            ? 
# 
loop_
_struct_ref_seq.align_id 
_struct_ref_seq.ref_id 
_struct_ref_seq.pdbx_PDB_id_code 
_struct_ref_seq.pdbx_strand_id 
_struct_ref_seq.seq_align_beg 
_struct_ref_seq.pdbx_seq_align_beg_ins_code 
_struct_ref_seq.seq_align_end 
_struct_ref_seq.pdbx_seq_align_end_ins_code 
_struct_ref_seq.pdbx_db_accession 
_struct_ref_seq.db_align_beg 
_struct_ref_seq.pdbx_db_align_beg_ins_code 
_struct_ref_seq.db_align_end 
_struct_ref_seq.pdbx_db_align_end_ins_code 
_struct_ref_seq.pdbx_auth_seq_align_beg 
_struct_ref_seq.pdbx_auth_seq_align_end 
1 1 3R1E A 1 ? 8 ? 3R1E 1 ? 8 ? 1 8 
2 1 3R1E B 1 ? 8 ? 3R1E 1 ? 8 ? 1 8 
# 
_pdbx_struct_assembly.id                   1 
_pdbx_struct_assembly.details              author_and_software_defined_assembly 
_pdbx_struct_assembly.method_details       PISA 
_pdbx_struct_assembly.oligomeric_details   dimeric 
_pdbx_struct_assembly.oligomeric_count     2 
# 
loop_
_pdbx_struct_assembly_prop.biol_id 
_pdbx_struct_assembly_prop.type 
_pdbx_struct_assembly_prop.value 
_pdbx_struct_assembly_prop.details 
1 'ABSA (A^2)' 790  ? 
1 MORE         -5   ? 
1 'SSA (A^2)'  3120 ? 
# 
_pdbx_struct_assembly_gen.assembly_id       1 
_pdbx_struct_assembly_gen.oper_expression   1 
_pdbx_struct_assembly_gen.asym_id_list      A,B,C,D,E,F,G,H,I 
# 
_pdbx_struct_oper_list.id                   1 
_pdbx_struct_oper_list.type                 'identity operation' 
_pdbx_struct_oper_list.name                 1_555 
_pdbx_struct_oper_list.symmetry_operation   x,y,z 
_pdbx_struct_oper_list.matrix[1][1]         1.0000000000 
_pdbx_struct_oper_list.matrix[1][2]         0.0000000000 
_pdbx_struct_oper_list.matrix[1][3]         0.0000000000 
_pdbx_struct_oper_list.vector[1]            0.0000000000 
_pdbx_struct_oper_list.matrix[2][1]         0.0000000000 
_pdbx_struct_oper_list.matrix[2][2]         1.0000000000 
_pdbx_struct_oper_list.matrix[2][3]         0.0000000000 
_pdbx_struct_oper_list.vector[2]            0.0000000000 
_pdbx_struct_oper_list.matrix[3][1]         0.0000000000 
_pdbx_struct_oper_list.matrix[3][2]         0.0000000000 
_pdbx_struct_oper_list.matrix[3][3]         1.0000000000 
_pdbx_struct_oper_list.vector[3]            0.0000000000 
# 
_struct_biol.id        1 
_struct_biol.details   ? 
# 
loop_
_struct_conn.id 
_struct_conn.conn_type_id 
_struct_conn.pdbx_leaving_atom_flag 
_struct_conn.pdbx_PDB_id 
_struct_conn.ptnr1_label_asym_id 
_struct_conn.ptnr1_label_comp_id 
_struct_conn.ptnr1_label_seq_id 
_struct_conn.ptnr1_label_atom_id 
_struct_conn.pdbx_ptnr1_label_alt_id 
_struct_conn.pdbx_ptnr1_PDB_ins_code 
_struct_conn.pdbx_ptnr1_standard_comp_id 
_struct_conn.ptnr1_symmetry 
_struct_conn.ptnr2_label_asym_id 
_struct_conn.ptnr2_label_comp_id 
_struct_conn.ptnr2_label_seq_id 
_struct_conn.ptnr2_label_atom_id 
_struct_conn.pdbx_ptnr2_label_alt_id 
_struct_conn.pdbx_ptnr2_PDB_ins_code 
_struct_conn.ptnr1_auth_asym_id 
_struct_conn.ptnr1_auth_comp_id 
_struct_conn.ptnr1_auth_seq_id 
_struct_conn.ptnr2_auth_asym_id 
_struct_conn.ptnr2_auth_comp_id 
_struct_conn.ptnr2_auth_seq_id 
_struct_conn.ptnr2_symmetry 
_struct_conn.pdbx_ptnr3_label_atom_id 
_struct_conn.pdbx_ptnr3_label_seq_id 
_struct_conn.pdbx_ptnr3_label_comp_id 
_struct_conn.pdbx_ptnr3_label_asym_id 
_struct_conn.pdbx_ptnr3_label_alt_id 
_struct_conn.pdbx_ptnr3_PDB_ins_code 
_struct_conn.details 
_struct_conn.pdbx_dist_value 
_struct_conn.pdbx_value_order 
_struct_conn.pdbx_role 
covale1  covale both ? A C  2 "O3'" ? ? ? 1_555 A GRB 3 P  ? ? A C  2  A GRB 3  1_555 ? ? ? ? ? ? ?            1.596 ? ? 
covale2  covale both ? B C  2 "O3'" ? ? ? 1_555 B GRB 3 P  ? ? B C  2  B GRB 3  1_555 ? ? ? ? ? ? ?            1.573 ? ? 
metalc1  metalc ?    ? A G  6 O6    B ? ? 1_555 D CA  . CA ? ? A G  6  A CA  10 1_555 ? ? ? ? ? ? ?            2.190 ? ? 
metalc2  metalc ?    ? A G  6 O6    A ? ? 1_555 D CA  . CA ? ? A G  6  A CA  10 1_555 ? ? ? ? ? ? ?            2.519 ? ? 
metalc3  metalc ?    ? D CA . CA    ? ? ? 1_555 H HOH . O  ? ? A CA 10 A HOH 19 1_555 ? ? ? ? ? ? ?            2.434 ? ? 
metalc4  metalc ?    ? D CA . CA    ? ? ? 1_555 H HOH . O  ? ? A CA 10 A HOH 21 1_555 ? ? ? ? ? ? ?            2.418 ? ? 
metalc5  metalc ?    ? D CA . CA    ? ? ? 1_555 H HOH . O  ? ? A CA 10 A HOH 23 1_555 ? ? ? ? ? ? ?            2.384 ? ? 
metalc6  metalc ?    ? D CA . CA    ? ? ? 1_555 H HOH . O  ? ? A CA 10 A HOH 26 1_555 ? ? ? ? ? ? ?            2.423 ? ? 
metalc7  metalc ?    ? D CA . CA    ? ? ? 1_555 H HOH . O  ? ? A CA 10 A HOH 59 1_555 ? ? ? ? ? ? ?            2.491 ? ? 
metalc8  metalc ?    ? D CA . CA    ? ? ? 1_555 H HOH . O  ? ? A CA 10 A HOH 71 1_555 ? ? ? ? ? ? ?            2.391 ? ? 
metalc9  metalc ?    ? B G  6 O6    ? ? ? 1_555 F CA  . CA ? ? B G  6  B CA  9  1_555 ? ? ? ? ? ? ?            2.291 ? ? 
metalc10 metalc ?    ? F CA . CA    ? ? ? 1_555 I HOH . O  ? ? B CA 9  B HOH 13 1_555 ? ? ? ? ? ? ?            2.462 ? ? 
metalc11 metalc ?    ? F CA . CA    ? ? ? 1_555 I HOH . O  ? ? B CA 9  B HOH 29 1_555 ? ? ? ? ? ? ?            2.609 ? ? 
metalc12 metalc ?    ? F CA . CA    ? ? ? 1_555 I HOH . O  ? ? B CA 9  B HOH 50 1_555 ? ? ? ? ? ? ?            2.464 ? ? 
metalc13 metalc ?    ? F CA . CA    ? ? ? 1_555 I HOH . O  A ? B CA 9  B HOH 54 1_555 ? ? ? ? ? ? ?            2.511 ? ? 
metalc14 metalc ?    ? F CA . CA    ? ? ? 1_555 I HOH . O  ? ? B CA 9  B HOH 92 1_555 ? ? ? ? ? ? ?            2.432 ? ? 
hydrog1  hydrog ?    ? A G  1 N1    ? ? ? 1_555 B C   8 N3 ? ? A G  1  B C   8  1_555 ? ? ? ? ? ? WATSON-CRICK ?     ? ? 
hydrog2  hydrog ?    ? A G  1 N2    ? ? ? 1_555 B C   8 O2 ? ? A G  1  B C   8  1_555 ? ? ? ? ? ? WATSON-CRICK ?     ? ? 
hydrog3  hydrog ?    ? A G  1 O6    ? ? ? 1_555 B C   8 N4 ? ? A G  1  B C   8  1_555 ? ? ? ? ? ? WATSON-CRICK ?     ? ? 
hydrog4  hydrog ?    ? A C  2 N3    ? ? ? 1_555 B G   7 N1 ? ? A C  2  B G   7  1_555 ? ? ? ? ? ? WATSON-CRICK ?     ? ? 
hydrog5  hydrog ?    ? A C  2 N4    ? ? ? 1_555 B G   7 O6 ? ? A C  2  B G   7  1_555 ? ? ? ? ? ? WATSON-CRICK ?     ? ? 
hydrog6  hydrog ?    ? A C  2 O2    ? ? ? 1_555 B G   7 N2 ? ? A C  2  B G   7  1_555 ? ? ? ? ? ? WATSON-CRICK ?     ? ? 
hydrog7  hydrog ?    ? A G  4 N1    ? ? ? 1_555 B C   5 N3 ? ? A G  4  B C   5  1_555 ? ? ? ? ? ? WATSON-CRICK ?     ? ? 
hydrog8  hydrog ?    ? A G  4 N2    ? ? ? 1_555 B C   5 O2 ? ? A G  4  B C   5  1_555 ? ? ? ? ? ? WATSON-CRICK ?     ? ? 
hydrog9  hydrog ?    ? A G  4 O6    ? ? ? 1_555 B C   5 N4 ? ? A G  4  B C   5  1_555 ? ? ? ? ? ? WATSON-CRICK ?     ? ? 
hydrog10 hydrog ?    ? A C  5 N3    ? ? ? 1_555 B G   4 N1 ? ? A C  5  B G   4  1_555 ? ? ? ? ? ? WATSON-CRICK ?     ? ? 
hydrog11 hydrog ?    ? A C  5 N4    ? ? ? 1_555 B G   4 O6 ? ? A C  5  B G   4  1_555 ? ? ? ? ? ? WATSON-CRICK ?     ? ? 
hydrog12 hydrog ?    ? A C  5 O2    ? ? ? 1_555 B G   4 N2 ? ? A C  5  B G   4  1_555 ? ? ? ? ? ? WATSON-CRICK ?     ? ? 
hydrog13 hydrog ?    ? A G  7 N1    ? ? ? 1_555 B C   2 N3 ? ? A G  7  B C   2  1_555 ? ? ? ? ? ? WATSON-CRICK ?     ? ? 
hydrog14 hydrog ?    ? A G  7 N2    ? ? ? 1_555 B C   2 O2 ? ? A G  7  B C   2  1_555 ? ? ? ? ? ? WATSON-CRICK ?     ? ? 
hydrog15 hydrog ?    ? A G  7 O6    ? ? ? 1_555 B C   2 N4 ? ? A G  7  B C   2  1_555 ? ? ? ? ? ? WATSON-CRICK ?     ? ? 
hydrog16 hydrog ?    ? A C  8 N3    ? ? ? 1_555 B G   1 N1 ? ? A C  8  B G   1  1_555 ? ? ? ? ? ? WATSON-CRICK ?     ? ? 
hydrog17 hydrog ?    ? A C  8 N4    ? ? ? 1_555 B G   1 O6 ? ? A C  8  B G   1  1_555 ? ? ? ? ? ? WATSON-CRICK ?     ? ? 
hydrog18 hydrog ?    ? A C  8 O2    ? ? ? 1_555 B G   1 N2 ? ? A C  8  B G   1  1_555 ? ? ? ? ? ? WATSON-CRICK ?     ? ? 
# 
loop_
_struct_conn_type.id 
_struct_conn_type.criteria 
_struct_conn_type.reference 
covale ? ? 
metalc ? ? 
hydrog ? ? 
# 
loop_
_pdbx_struct_conn_angle.id 
_pdbx_struct_conn_angle.ptnr1_label_atom_id 
_pdbx_struct_conn_angle.ptnr1_label_alt_id 
_pdbx_struct_conn_angle.ptnr1_label_asym_id 
_pdbx_struct_conn_angle.ptnr1_label_comp_id 
_pdbx_struct_conn_angle.ptnr1_label_seq_id 
_pdbx_struct_conn_angle.ptnr1_auth_atom_id 
_pdbx_struct_conn_angle.ptnr1_auth_asym_id 
_pdbx_struct_conn_angle.ptnr1_auth_comp_id 
_pdbx_struct_conn_angle.ptnr1_auth_seq_id 
_pdbx_struct_conn_angle.ptnr1_PDB_ins_code 
_pdbx_struct_conn_angle.ptnr1_symmetry 
_pdbx_struct_conn_angle.ptnr2_label_atom_id 
_pdbx_struct_conn_angle.ptnr2_label_alt_id 
_pdbx_struct_conn_angle.ptnr2_label_asym_id 
_pdbx_struct_conn_angle.ptnr2_label_comp_id 
_pdbx_struct_conn_angle.ptnr2_label_seq_id 
_pdbx_struct_conn_angle.ptnr2_auth_atom_id 
_pdbx_struct_conn_angle.ptnr2_auth_asym_id 
_pdbx_struct_conn_angle.ptnr2_auth_comp_id 
_pdbx_struct_conn_angle.ptnr2_auth_seq_id 
_pdbx_struct_conn_angle.ptnr2_PDB_ins_code 
_pdbx_struct_conn_angle.ptnr2_symmetry 
_pdbx_struct_conn_angle.ptnr3_label_atom_id 
_pdbx_struct_conn_angle.ptnr3_label_alt_id 
_pdbx_struct_conn_angle.ptnr3_label_asym_id 
_pdbx_struct_conn_angle.ptnr3_label_comp_id 
_pdbx_struct_conn_angle.ptnr3_label_seq_id 
_pdbx_struct_conn_angle.ptnr3_auth_atom_id 
_pdbx_struct_conn_angle.ptnr3_auth_asym_id 
_pdbx_struct_conn_angle.ptnr3_auth_comp_id 
_pdbx_struct_conn_angle.ptnr3_auth_seq_id 
_pdbx_struct_conn_angle.ptnr3_PDB_ins_code 
_pdbx_struct_conn_angle.ptnr3_symmetry 
_pdbx_struct_conn_angle.value 
_pdbx_struct_conn_angle.value_esd 
1  O6 B A G   6 ? A G   6  ? 1_555 CA ? D CA . ? A CA 10 ? 1_555 O6 A A G   6 ? A G   6  ? 1_555 1.8   ? 
2  O6 B A G   6 ? A G   6  ? 1_555 CA ? D CA . ? A CA 10 ? 1_555 O  ? H HOH . ? A HOH 19 ? 1_555 93.6  ? 
3  O6 A A G   6 ? A G   6  ? 1_555 CA ? D CA . ? A CA 10 ? 1_555 O  ? H HOH . ? A HOH 19 ? 1_555 93.5  ? 
4  O6 B A G   6 ? A G   6  ? 1_555 CA ? D CA . ? A CA 10 ? 1_555 O  ? H HOH . ? A HOH 21 ? 1_555 75.3  ? 
5  O6 A A G   6 ? A G   6  ? 1_555 CA ? D CA . ? A CA 10 ? 1_555 O  ? H HOH . ? A HOH 21 ? 1_555 75.6  ? 
6  O  ? H HOH . ? A HOH 19 ? 1_555 CA ? D CA . ? A CA 10 ? 1_555 O  ? H HOH . ? A HOH 21 ? 1_555 167.1 ? 
7  O6 B A G   6 ? A G   6  ? 1_555 CA ? D CA . ? A CA 10 ? 1_555 O  ? H HOH . ? A HOH 23 ? 1_555 71.5  ? 
8  O6 A A G   6 ? A G   6  ? 1_555 CA ? D CA . ? A CA 10 ? 1_555 O  ? H HOH . ? A HOH 23 ? 1_555 69.7  ? 
9  O  ? H HOH . ? A HOH 19 ? 1_555 CA ? D CA . ? A CA 10 ? 1_555 O  ? H HOH . ? A HOH 23 ? 1_555 85.0  ? 
10 O  ? H HOH . ? A HOH 21 ? 1_555 CA ? D CA . ? A CA 10 ? 1_555 O  ? H HOH . ? A HOH 23 ? 1_555 97.4  ? 
11 O6 B A G   6 ? A G   6  ? 1_555 CA ? D CA . ? A CA 10 ? 1_555 O  ? H HOH . ? A HOH 26 ? 1_555 76.5  ? 
12 O6 A A G   6 ? A G   6  ? 1_555 CA ? D CA . ? A CA 10 ? 1_555 O  ? H HOH . ? A HOH 26 ? 1_555 78.3  ? 
13 O  ? H HOH . ? A HOH 19 ? 1_555 CA ? D CA . ? A CA 10 ? 1_555 O  ? H HOH . ? A HOH 26 ? 1_555 78.6  ? 
14 O  ? H HOH . ? A HOH 21 ? 1_555 CA ? D CA . ? A CA 10 ? 1_555 O  ? H HOH . ? A HOH 26 ? 1_555 92.2  ? 
15 O  ? H HOH . ? A HOH 23 ? 1_555 CA ? D CA . ? A CA 10 ? 1_555 O  ? H HOH . ? A HOH 26 ? 1_555 142.9 ? 
16 O6 B A G   6 ? A G   6  ? 1_555 CA ? D CA . ? A CA 10 ? 1_555 O  ? H HOH . ? A HOH 59 ? 1_555 135.4 ? 
17 O6 A A G   6 ? A G   6  ? 1_555 CA ? D CA . ? A CA 10 ? 1_555 O  ? H HOH . ? A HOH 59 ? 1_555 137.0 ? 
18 O  ? H HOH . ? A HOH 19 ? 1_555 CA ? D CA . ? A CA 10 ? 1_555 O  ? H HOH . ? A HOH 59 ? 1_555 111.0 ? 
19 O  ? H HOH . ? A HOH 21 ? 1_555 CA ? D CA . ? A CA 10 ? 1_555 O  ? H HOH . ? A HOH 59 ? 1_555 74.3  ? 
20 O  ? H HOH . ? A HOH 23 ? 1_555 CA ? D CA . ? A CA 10 ? 1_555 O  ? H HOH . ? A HOH 59 ? 1_555 144.1 ? 
21 O  ? H HOH . ? A HOH 26 ? 1_555 CA ? D CA . ? A CA 10 ? 1_555 O  ? H HOH . ? A HOH 59 ? 1_555 73.0  ? 
22 O6 B A G   6 ? A G   6  ? 1_555 CA ? D CA . ? A CA 10 ? 1_555 O  ? H HOH . ? A HOH 71 ? 1_555 143.2 ? 
23 O6 A A G   6 ? A G   6  ? 1_555 CA ? D CA . ? A CA 10 ? 1_555 O  ? H HOH . ? A HOH 71 ? 1_555 141.4 ? 
24 O  ? H HOH . ? A HOH 19 ? 1_555 CA ? D CA . ? A CA 10 ? 1_555 O  ? H HOH . ? A HOH 71 ? 1_555 88.0  ? 
25 O  ? H HOH . ? A HOH 21 ? 1_555 CA ? D CA . ? A CA 10 ? 1_555 O  ? H HOH . ? A HOH 71 ? 1_555 104.9 ? 
26 O  ? H HOH . ? A HOH 23 ? 1_555 CA ? D CA . ? A CA 10 ? 1_555 O  ? H HOH . ? A HOH 71 ? 1_555 72.0  ? 
27 O  ? H HOH . ? A HOH 26 ? 1_555 CA ? D CA . ? A CA 10 ? 1_555 O  ? H HOH . ? A HOH 71 ? 1_555 139.3 ? 
28 O  ? H HOH . ? A HOH 59 ? 1_555 CA ? D CA . ? A CA 10 ? 1_555 O  ? H HOH . ? A HOH 71 ? 1_555 76.6  ? 
29 O6 ? B G   6 ? B G   6  ? 1_555 CA ? F CA . ? B CA 9  ? 1_555 O  ? I HOH . ? B HOH 13 ? 1_555 84.0  ? 
30 O6 ? B G   6 ? B G   6  ? 1_555 CA ? F CA . ? B CA 9  ? 1_555 O  ? I HOH . ? B HOH 29 ? 1_555 67.8  ? 
31 O  ? I HOH . ? B HOH 13 ? 1_555 CA ? F CA . ? B CA 9  ? 1_555 O  ? I HOH . ? B HOH 29 ? 1_555 138.3 ? 
32 O6 ? B G   6 ? B G   6  ? 1_555 CA ? F CA . ? B CA 9  ? 1_555 O  ? I HOH . ? B HOH 50 ? 1_555 113.1 ? 
33 O  ? I HOH . ? B HOH 13 ? 1_555 CA ? F CA . ? B CA 9  ? 1_555 O  ? I HOH . ? B HOH 50 ? 1_555 82.6  ? 
34 O  ? I HOH . ? B HOH 29 ? 1_555 CA ? F CA . ? B CA 9  ? 1_555 O  ? I HOH . ? B HOH 50 ? 1_555 81.3  ? 
35 O6 ? B G   6 ? B G   6  ? 1_555 CA ? F CA . ? B CA 9  ? 1_555 O  A I HOH . ? B HOH 54 ? 1_555 71.8  ? 
36 O  ? I HOH . ? B HOH 13 ? 1_555 CA ? F CA . ? B CA 9  ? 1_555 O  A I HOH . ? B HOH 54 ? 1_555 87.1  ? 
37 O  ? I HOH . ? B HOH 29 ? 1_555 CA ? F CA . ? B CA 9  ? 1_555 O  A I HOH . ? B HOH 54 ? 1_555 110.7 ? 
38 O  ? I HOH . ? B HOH 50 ? 1_555 CA ? F CA . ? B CA 9  ? 1_555 O  A I HOH . ? B HOH 54 ? 1_555 167.9 ? 
39 O6 ? B G   6 ? B G   6  ? 1_555 CA ? F CA . ? B CA 9  ? 1_555 O  ? I HOH . ? B HOH 92 ? 1_555 147.4 ? 
40 O  ? I HOH . ? B HOH 13 ? 1_555 CA ? F CA . ? B CA 9  ? 1_555 O  ? I HOH . ? B HOH 92 ? 1_555 75.1  ? 
41 O  ? I HOH . ? B HOH 29 ? 1_555 CA ? F CA . ? B CA 9  ? 1_555 O  ? I HOH . ? B HOH 92 ? 1_555 142.3 ? 
42 O  ? I HOH . ? B HOH 50 ? 1_555 CA ? F CA . ? B CA 9  ? 1_555 O  ? I HOH . ? B HOH 92 ? 1_555 89.0  ? 
43 O  A I HOH . ? B HOH 54 ? 1_555 CA ? F CA . ? B CA 9  ? 1_555 O  ? I HOH . ? B HOH 92 ? 1_555 82.2  ? 
# 
loop_
_struct_site.id 
_struct_site.pdbx_evidence_code 
_struct_site.pdbx_auth_asym_id 
_struct_site.pdbx_auth_comp_id 
_struct_site.pdbx_auth_seq_id 
_struct_site.pdbx_auth_ins_code 
_struct_site.pdbx_num_residues 
_struct_site.details 
AC1 Software A GOL 9  ? 7 'BINDING SITE FOR RESIDUE GOL A 9' 
AC2 Software A CA  10 ? 7 'BINDING SITE FOR RESIDUE CA A 10' 
AC3 Software A BR  11 ? 6 'BINDING SITE FOR RESIDUE BR A 11' 
AC4 Software B CA  9  ? 6 'BINDING SITE FOR RESIDUE CA B 9'  
AC5 Software B BR  10 ? 4 'BINDING SITE FOR RESIDUE BR B 10' 
# 
loop_
_struct_site_gen.id 
_struct_site_gen.site_id 
_struct_site_gen.pdbx_num_res 
_struct_site_gen.label_comp_id 
_struct_site_gen.label_asym_id 
_struct_site_gen.label_seq_id 
_struct_site_gen.pdbx_auth_ins_code 
_struct_site_gen.auth_comp_id 
_struct_site_gen.auth_asym_id 
_struct_site_gen.auth_seq_id 
_struct_site_gen.label_atom_id 
_struct_site_gen.label_alt_id 
_struct_site_gen.symmetry 
_struct_site_gen.details 
1  AC1 7 G   A 6 ? G   A 6  . ? 1_555 ? 
2  AC1 7 G   A 7 ? G   A 7  . ? 1_555 ? 
3  AC1 7 HOH H . ? HOH A 21 . ? 1_555 ? 
4  AC1 7 HOH H . ? HOH A 34 . ? 1_555 ? 
5  AC1 7 HOH H . ? HOH A 56 . ? 1_555 ? 
6  AC1 7 HOH H . ? HOH A 59 . ? 1_555 ? 
7  AC1 7 HOH H . ? HOH A 89 . ? 1_555 ? 
8  AC2 7 G   A 6 ? G   A 6  . ? 1_555 ? 
9  AC2 7 HOH H . ? HOH A 19 . ? 1_555 ? 
10 AC2 7 HOH H . ? HOH A 21 . ? 1_555 ? 
11 AC2 7 HOH H . ? HOH A 23 . ? 1_555 ? 
12 AC2 7 HOH H . ? HOH A 26 . ? 1_555 ? 
13 AC2 7 HOH H . ? HOH A 59 . ? 1_555 ? 
14 AC2 7 HOH H . ? HOH A 71 . ? 1_555 ? 
15 AC3 6 GRB A 3 ? GRB A 3  . ? 1_555 ? 
16 AC3 6 C   B 5 ? C   B 5  . ? 4_455 ? 
17 AC3 6 G   B 6 ? G   B 6  . ? 4_455 ? 
18 AC3 6 G   B 7 ? G   B 7  . ? 1_555 ? 
19 AC3 6 HOH I . ? HOH B 25 . ? 4_455 ? 
20 AC3 6 HOH I . ? HOH B 36 . ? 1_555 ? 
21 AC4 6 G   B 6 ? G   B 6  . ? 1_555 ? 
22 AC4 6 HOH I . ? HOH B 13 . ? 1_555 ? 
23 AC4 6 HOH I . ? HOH B 29 . ? 1_555 ? 
24 AC4 6 HOH I . ? HOH B 50 . ? 1_555 ? 
25 AC4 6 HOH I . ? HOH B 54 . ? 1_555 ? 
26 AC4 6 HOH I . ? HOH B 92 . ? 1_555 ? 
27 AC5 4 HOH H . ? HOH A 63 . ? 1_555 ? 
28 AC5 4 HOH H . ? HOH A 73 . ? 1_545 ? 
29 AC5 4 GRB B 3 ? GRB B 3  . ? 1_555 ? 
30 AC5 4 G   B 4 ? G   B 4  . ? 1_555 ? 
# 
loop_
_pdbx_struct_mod_residue.id 
_pdbx_struct_mod_residue.label_asym_id 
_pdbx_struct_mod_residue.label_comp_id 
_pdbx_struct_mod_residue.label_seq_id 
_pdbx_struct_mod_residue.auth_asym_id 
_pdbx_struct_mod_residue.auth_comp_id 
_pdbx_struct_mod_residue.auth_seq_id 
_pdbx_struct_mod_residue.PDB_ins_code 
_pdbx_struct_mod_residue.parent_comp_id 
_pdbx_struct_mod_residue.details 
1 A GRB 3 A GRB 3 ? G ? 
2 B GRB 3 B GRB 3 ? G ? 
# 
loop_
_chem_comp_atom.comp_id 
_chem_comp_atom.atom_id 
_chem_comp_atom.type_symbol 
_chem_comp_atom.pdbx_aromatic_flag 
_chem_comp_atom.pdbx_stereo_config 
_chem_comp_atom.pdbx_ordinal 
BR  BR     BR N N 1   
C   OP3    O  N N 2   
C   P      P  N N 3   
C   OP1    O  N N 4   
C   OP2    O  N N 5   
C   "O5'"  O  N N 6   
C   "C5'"  C  N N 7   
C   "C4'"  C  N R 8   
C   "O4'"  O  N N 9   
C   "C3'"  C  N S 10  
C   "O3'"  O  N N 11  
C   "C2'"  C  N R 12  
C   "O2'"  O  N N 13  
C   "C1'"  C  N R 14  
C   N1     N  N N 15  
C   C2     C  N N 16  
C   O2     O  N N 17  
C   N3     N  N N 18  
C   C4     C  N N 19  
C   N4     N  N N 20  
C   C5     C  N N 21  
C   C6     C  N N 22  
C   HOP3   H  N N 23  
C   HOP2   H  N N 24  
C   "H5'"  H  N N 25  
C   "H5''" H  N N 26  
C   "H4'"  H  N N 27  
C   "H3'"  H  N N 28  
C   "HO3'" H  N N 29  
C   "H2'"  H  N N 30  
C   "HO2'" H  N N 31  
C   "H1'"  H  N N 32  
C   H41    H  N N 33  
C   H42    H  N N 34  
C   H5     H  N N 35  
C   H6     H  N N 36  
CA  CA     CA N N 37  
G   OP3    O  N N 38  
G   P      P  N N 39  
G   OP1    O  N N 40  
G   OP2    O  N N 41  
G   "O5'"  O  N N 42  
G   "C5'"  C  N N 43  
G   "C4'"  C  N R 44  
G   "O4'"  O  N N 45  
G   "C3'"  C  N S 46  
G   "O3'"  O  N N 47  
G   "C2'"  C  N R 48  
G   "O2'"  O  N N 49  
G   "C1'"  C  N R 50  
G   N9     N  Y N 51  
G   C8     C  Y N 52  
G   N7     N  Y N 53  
G   C5     C  Y N 54  
G   C6     C  N N 55  
G   O6     O  N N 56  
G   N1     N  N N 57  
G   C2     C  N N 58  
G   N2     N  N N 59  
G   N3     N  N N 60  
G   C4     C  Y N 61  
G   HOP3   H  N N 62  
G   HOP2   H  N N 63  
G   "H5'"  H  N N 64  
G   "H5''" H  N N 65  
G   "H4'"  H  N N 66  
G   "H3'"  H  N N 67  
G   "HO3'" H  N N 68  
G   "H2'"  H  N N 69  
G   "HO2'" H  N N 70  
G   "H1'"  H  N N 71  
G   H8     H  N N 72  
G   H1     H  N N 73  
G   H21    H  N N 74  
G   H22    H  N N 75  
GOL C1     C  N N 76  
GOL O1     O  N N 77  
GOL C2     C  N N 78  
GOL O2     O  N N 79  
GOL C3     C  N N 80  
GOL O3     O  N N 81  
GOL H11    H  N N 82  
GOL H12    H  N N 83  
GOL HO1    H  N N 84  
GOL H2     H  N N 85  
GOL HO2    H  N N 86  
GOL H31    H  N N 87  
GOL H32    H  N N 88  
GOL HO3    H  N N 89  
GRB P      P  N N 90  
GRB BR     BR N N 91  
GRB N1     N  N N 92  
GRB C2     C  N N 93  
GRB N2     N  N N 94  
GRB N3     N  N N 95  
GRB C4     C  Y N 96  
GRB C5     C  Y N 97  
GRB C6     C  N N 98  
GRB O6     O  N N 99  
GRB N7     N  Y N 100 
GRB C8     C  Y N 101 
GRB N9     N  Y N 102 
GRB "C1'"  C  N R 103 
GRB "C2'"  C  N R 104 
GRB "O2'"  O  N N 105 
GRB "C3'"  C  N S 106 
GRB "O3'"  O  N N 107 
GRB "C4'"  C  N R 108 
GRB "O4'"  O  N N 109 
GRB "C5'"  C  N N 110 
GRB "O5'"  O  N N 111 
GRB OP1    O  N N 112 
GRB OP2    O  N N 113 
GRB OP3    O  N N 114 
GRB HN1    H  N N 115 
GRB HN2    H  N N 116 
GRB HN2A   H  N N 117 
GRB "H1'"  H  N N 118 
GRB "H2'"  H  N N 119 
GRB "HO2'" H  N N 120 
GRB "H3'"  H  N N 121 
GRB "HO3'" H  N N 122 
GRB "H4'"  H  N N 123 
GRB "H5'"  H  N N 124 
GRB "H5'A" H  N N 125 
GRB HOP1   H  N N 126 
GRB HOP3   H  N N 127 
HOH O      O  N N 128 
HOH H1     H  N N 129 
HOH H2     H  N N 130 
# 
loop_
_chem_comp_bond.comp_id 
_chem_comp_bond.atom_id_1 
_chem_comp_bond.atom_id_2 
_chem_comp_bond.value_order 
_chem_comp_bond.pdbx_aromatic_flag 
_chem_comp_bond.pdbx_stereo_config 
_chem_comp_bond.pdbx_ordinal 
C   OP3   P      sing N N 1   
C   OP3   HOP3   sing N N 2   
C   P     OP1    doub N N 3   
C   P     OP2    sing N N 4   
C   P     "O5'"  sing N N 5   
C   OP2   HOP2   sing N N 6   
C   "O5'" "C5'"  sing N N 7   
C   "C5'" "C4'"  sing N N 8   
C   "C5'" "H5'"  sing N N 9   
C   "C5'" "H5''" sing N N 10  
C   "C4'" "O4'"  sing N N 11  
C   "C4'" "C3'"  sing N N 12  
C   "C4'" "H4'"  sing N N 13  
C   "O4'" "C1'"  sing N N 14  
C   "C3'" "O3'"  sing N N 15  
C   "C3'" "C2'"  sing N N 16  
C   "C3'" "H3'"  sing N N 17  
C   "O3'" "HO3'" sing N N 18  
C   "C2'" "O2'"  sing N N 19  
C   "C2'" "C1'"  sing N N 20  
C   "C2'" "H2'"  sing N N 21  
C   "O2'" "HO2'" sing N N 22  
C   "C1'" N1     sing N N 23  
C   "C1'" "H1'"  sing N N 24  
C   N1    C2     sing N N 25  
C   N1    C6     sing N N 26  
C   C2    O2     doub N N 27  
C   C2    N3     sing N N 28  
C   N3    C4     doub N N 29  
C   C4    N4     sing N N 30  
C   C4    C5     sing N N 31  
C   N4    H41    sing N N 32  
C   N4    H42    sing N N 33  
C   C5    C6     doub N N 34  
C   C5    H5     sing N N 35  
C   C6    H6     sing N N 36  
G   OP3   P      sing N N 37  
G   OP3   HOP3   sing N N 38  
G   P     OP1    doub N N 39  
G   P     OP2    sing N N 40  
G   P     "O5'"  sing N N 41  
G   OP2   HOP2   sing N N 42  
G   "O5'" "C5'"  sing N N 43  
G   "C5'" "C4'"  sing N N 44  
G   "C5'" "H5'"  sing N N 45  
G   "C5'" "H5''" sing N N 46  
G   "C4'" "O4'"  sing N N 47  
G   "C4'" "C3'"  sing N N 48  
G   "C4'" "H4'"  sing N N 49  
G   "O4'" "C1'"  sing N N 50  
G   "C3'" "O3'"  sing N N 51  
G   "C3'" "C2'"  sing N N 52  
G   "C3'" "H3'"  sing N N 53  
G   "O3'" "HO3'" sing N N 54  
G   "C2'" "O2'"  sing N N 55  
G   "C2'" "C1'"  sing N N 56  
G   "C2'" "H2'"  sing N N 57  
G   "O2'" "HO2'" sing N N 58  
G   "C1'" N9     sing N N 59  
G   "C1'" "H1'"  sing N N 60  
G   N9    C8     sing Y N 61  
G   N9    C4     sing Y N 62  
G   C8    N7     doub Y N 63  
G   C8    H8     sing N N 64  
G   N7    C5     sing Y N 65  
G   C5    C6     sing N N 66  
G   C5    C4     doub Y N 67  
G   C6    O6     doub N N 68  
G   C6    N1     sing N N 69  
G   N1    C2     sing N N 70  
G   N1    H1     sing N N 71  
G   C2    N2     sing N N 72  
G   C2    N3     doub N N 73  
G   N2    H21    sing N N 74  
G   N2    H22    sing N N 75  
G   N3    C4     sing N N 76  
GOL C1    O1     sing N N 77  
GOL C1    C2     sing N N 78  
GOL C1    H11    sing N N 79  
GOL C1    H12    sing N N 80  
GOL O1    HO1    sing N N 81  
GOL C2    O2     sing N N 82  
GOL C2    C3     sing N N 83  
GOL C2    H2     sing N N 84  
GOL O2    HO2    sing N N 85  
GOL C3    O3     sing N N 86  
GOL C3    H31    sing N N 87  
GOL C3    H32    sing N N 88  
GOL O3    HO3    sing N N 89  
GRB OP2   P      doub N N 90  
GRB OP1   P      sing N N 91  
GRB P     OP3    sing N N 92  
GRB P     "O5'"  sing N N 93  
GRB C8    BR     sing N N 94  
GRB C2    N1     sing N N 95  
GRB N1    C6     sing N N 96  
GRB N1    HN1    sing N N 97  
GRB N2    C2     sing N N 98  
GRB C2    N3     doub N N 99  
GRB N2    HN2    sing N N 100 
GRB N2    HN2A   sing N N 101 
GRB N3    C4     sing N N 102 
GRB C4    C5     doub Y N 103 
GRB C4    N9     sing Y N 104 
GRB C6    C5     sing N N 105 
GRB C5    N7     sing Y N 106 
GRB C6    O6     doub N N 107 
GRB N7    C8     doub Y N 108 
GRB N9    C8     sing Y N 109 
GRB "C1'" N9     sing N N 110 
GRB "O4'" "C1'"  sing N N 111 
GRB "C1'" "C2'"  sing N N 112 
GRB "C1'" "H1'"  sing N N 113 
GRB "C3'" "C2'"  sing N N 114 
GRB "C2'" "O2'"  sing N N 115 
GRB "C2'" "H2'"  sing N N 116 
GRB "O2'" "HO2'" sing N N 117 
GRB "C4'" "C3'"  sing N N 118 
GRB "O3'" "C3'"  sing N N 119 
GRB "C3'" "H3'"  sing N N 120 
GRB "O3'" "HO3'" sing N N 121 
GRB "C5'" "C4'"  sing N N 122 
GRB "C4'" "O4'"  sing N N 123 
GRB "C4'" "H4'"  sing N N 124 
GRB "O5'" "C5'"  sing N N 125 
GRB "C5'" "H5'"  sing N N 126 
GRB "C5'" "H5'A" sing N N 127 
GRB OP1   HOP1   sing N N 128 
GRB OP3   HOP3   sing N N 129 
HOH O     H1     sing N N 130 
HOH O     H2     sing N N 131 
# 
loop_
_ndb_struct_conf_na.entry_id 
_ndb_struct_conf_na.feature 
3R1E 'double helix'         
3R1E 'mismatched base pair' 
# 
loop_
_ndb_struct_na_base_pair.model_number 
_ndb_struct_na_base_pair.i_label_asym_id 
_ndb_struct_na_base_pair.i_label_comp_id 
_ndb_struct_na_base_pair.i_label_seq_id 
_ndb_struct_na_base_pair.i_symmetry 
_ndb_struct_na_base_pair.j_label_asym_id 
_ndb_struct_na_base_pair.j_label_comp_id 
_ndb_struct_na_base_pair.j_label_seq_id 
_ndb_struct_na_base_pair.j_symmetry 
_ndb_struct_na_base_pair.shear 
_ndb_struct_na_base_pair.stretch 
_ndb_struct_na_base_pair.stagger 
_ndb_struct_na_base_pair.buckle 
_ndb_struct_na_base_pair.propeller 
_ndb_struct_na_base_pair.opening 
_ndb_struct_na_base_pair.pair_number 
_ndb_struct_na_base_pair.pair_name 
_ndb_struct_na_base_pair.i_auth_asym_id 
_ndb_struct_na_base_pair.i_auth_seq_id 
_ndb_struct_na_base_pair.i_PDB_ins_code 
_ndb_struct_na_base_pair.j_auth_asym_id 
_ndb_struct_na_base_pair.j_auth_seq_id 
_ndb_struct_na_base_pair.j_PDB_ins_code 
_ndb_struct_na_base_pair.hbond_type_28 
_ndb_struct_na_base_pair.hbond_type_12 
1 A G 1 1_555 B C 8 1_555 -0.307 -0.103 0.027 -3.380 -7.681  0.537  1 A_G1:C8_B A 1 ? B 8 ? 19 1 
1 A C 2 1_555 B G 7 1_555 0.177  -0.112 0.066 1.791  -10.828 -0.687 2 A_C2:G7_B A 2 ? B 7 ? 19 1 
1 A G 4 1_555 B C 5 1_555 -0.129 -0.118 0.192 4.130  -9.012  -2.015 3 A_G4:C5_B A 4 ? B 5 ? 19 1 
1 A C 5 1_555 B G 4 1_555 0.050  -0.107 0.118 1.826  -12.132 -4.033 4 A_C5:G4_B A 5 ? B 4 ? 19 1 
1 A G 7 1_555 B C 2 1_555 -0.224 -0.182 0.147 -2.386 -9.247  -0.592 5 A_G7:C2_B A 7 ? B 2 ? 19 1 
1 A C 8 1_555 B G 1 1_555 0.259  -0.157 0.190 -0.414 -4.697  -1.023 6 A_C8:G1_B A 8 ? B 1 ? 19 1 
# 
loop_
_ndb_struct_na_base_pair_step.model_number 
_ndb_struct_na_base_pair_step.i_label_asym_id_1 
_ndb_struct_na_base_pair_step.i_label_comp_id_1 
_ndb_struct_na_base_pair_step.i_label_seq_id_1 
_ndb_struct_na_base_pair_step.i_symmetry_1 
_ndb_struct_na_base_pair_step.j_label_asym_id_1 
_ndb_struct_na_base_pair_step.j_label_comp_id_1 
_ndb_struct_na_base_pair_step.j_label_seq_id_1 
_ndb_struct_na_base_pair_step.j_symmetry_1 
_ndb_struct_na_base_pair_step.i_label_asym_id_2 
_ndb_struct_na_base_pair_step.i_label_comp_id_2 
_ndb_struct_na_base_pair_step.i_label_seq_id_2 
_ndb_struct_na_base_pair_step.i_symmetry_2 
_ndb_struct_na_base_pair_step.j_label_asym_id_2 
_ndb_struct_na_base_pair_step.j_label_comp_id_2 
_ndb_struct_na_base_pair_step.j_label_seq_id_2 
_ndb_struct_na_base_pair_step.j_symmetry_2 
_ndb_struct_na_base_pair_step.shift 
_ndb_struct_na_base_pair_step.slide 
_ndb_struct_na_base_pair_step.rise 
_ndb_struct_na_base_pair_step.tilt 
_ndb_struct_na_base_pair_step.roll 
_ndb_struct_na_base_pair_step.twist 
_ndb_struct_na_base_pair_step.x_displacement 
_ndb_struct_na_base_pair_step.y_displacement 
_ndb_struct_na_base_pair_step.helical_rise 
_ndb_struct_na_base_pair_step.inclination 
_ndb_struct_na_base_pair_step.tip 
_ndb_struct_na_base_pair_step.helical_twist 
_ndb_struct_na_base_pair_step.step_number 
_ndb_struct_na_base_pair_step.step_name 
_ndb_struct_na_base_pair_step.i_auth_asym_id_1 
_ndb_struct_na_base_pair_step.i_auth_seq_id_1 
_ndb_struct_na_base_pair_step.i_PDB_ins_code_1 
_ndb_struct_na_base_pair_step.j_auth_asym_id_1 
_ndb_struct_na_base_pair_step.j_auth_seq_id_1 
_ndb_struct_na_base_pair_step.j_PDB_ins_code_1 
_ndb_struct_na_base_pair_step.i_auth_asym_id_2 
_ndb_struct_na_base_pair_step.i_auth_seq_id_2 
_ndb_struct_na_base_pair_step.i_PDB_ins_code_2 
_ndb_struct_na_base_pair_step.j_auth_asym_id_2 
_ndb_struct_na_base_pair_step.j_auth_seq_id_2 
_ndb_struct_na_base_pair_step.j_PDB_ins_code_2 
1 A G 1 1_555 B C 8 1_555 A C 2 1_555 B G 7 1_555 -0.535 -1.023 3.207 0.587  6.599  33.958 -2.690 0.987  2.952 11.166 -0.994 
34.579 1 AA_G1C2:G7C8_BB A 1 ? B 8 ? A 2 ? B 7 ? 
1 A C 2 1_555 B G 7 1_555 A G 4 1_555 B C 5 1_555 -0.093 -2.942 6.190 -4.005 14.409 60.932 -4.012 -0.238 5.437 13.983 3.887  
62.568 2 AA_C2G4:C5G7_BB A 2 ? B 7 ? A 4 ? B 5 ? 
1 A G 4 1_555 B C 5 1_555 A C 5 1_555 B G 4 1_555 -0.394 -1.720 3.325 -0.784 5.716  34.870 -3.660 0.537  3.022 9.458  1.298  
35.330 3 AA_G4C5:G4C5_BB A 4 ? B 5 ? A 5 ? B 4 ? 
1 A C 5 1_555 B G 4 1_555 A G 7 1_555 B C 2 1_555 1.117  -3.933 6.225 3.335  12.250 58.782 -5.026 -0.819 5.434 12.324 -3.355 
60.018 4 AA_C5G7:C2G4_BB A 5 ? B 4 ? A 7 ? B 2 ? 
1 A G 7 1_555 B C 2 1_555 A C 8 1_555 B G 1 1_555 0.165  -1.353 3.290 -0.582 2.630  35.590 -2.586 -0.352 3.182 4.296  0.950  
35.688 5 AA_G7C8:G1C2_BB A 7 ? B 2 ? A 8 ? B 1 ? 
# 
_atom_sites.entry_id                    3R1E 
_atom_sites.fract_transf_matrix[1][1]   -0.01933087 
_atom_sites.fract_transf_matrix[1][2]   0.00777204 
_atom_sites.fract_transf_matrix[1][3]   -0.00799589 
_atom_sites.fract_transf_matrix[2][1]   0.01086756 
_atom_sites.fract_transf_matrix[2][2]   0.04086323 
_atom_sites.fract_transf_matrix[2][3]   0.01344581 
_atom_sites.fract_transf_matrix[3][1]   -0.00048836 
_atom_sites.fract_transf_matrix[3][2]   0.00811433 
_atom_sites.fract_transf_matrix[3][3]   -0.02426558 
_atom_sites.fract_transf_vector[1]      -0.099256 
_atom_sites.fract_transf_vector[2]      0.087523 
_atom_sites.fract_transf_vector[3]      0.193153 
# 
loop_
_atom_type.symbol 
BR 
C  
CA 
N  
O  
P  
# 
loop_
_atom_site.group_PDB 
_atom_site.id 
_atom_site.type_symbol 
_atom_site.label_atom_id 
_atom_site.label_alt_id 
_atom_site.label_comp_id 
_atom_site.label_asym_id 
_atom_site.label_entity_id 
_atom_site.label_seq_id 
_atom_site.pdbx_PDB_ins_code 
_atom_site.Cartn_x 
_atom_site.Cartn_y 
_atom_site.Cartn_z 
_atom_site.occupancy 
_atom_site.B_iso_or_equiv 
_atom_site.pdbx_formal_charge 
_atom_site.auth_seq_id 
_atom_site.auth_comp_id 
_atom_site.auth_asym_id 
_atom_site.auth_atom_id 
_atom_site.pdbx_PDB_model_num 
ATOM   1   O  "O5'" . G   A 1 1 ? -10.603 5.170   3.482   1.00 13.92 ? 1   G   A "O5'" 1 
ATOM   2   C  "C5'" . G   A 1 1 ? -11.091 6.472   3.611   1.00 12.48 ? 1   G   A "C5'" 1 
ATOM   3   C  "C4'" . G   A 1 1 ? -10.219 7.320   4.497   1.00 10.42 ? 1   G   A "C4'" 1 
ATOM   4   O  "O4'" . G   A 1 1 ? -10.212 6.782   5.834   1.00 10.26 ? 1   G   A "O4'" 1 
ATOM   5   C  "C3'" . G   A 1 1 ? -8.737  7.441   4.155   1.00 10.39 ? 1   G   A "C3'" 1 
ATOM   6   O  "O3'" . G   A 1 1 ? -8.597  8.447   3.154   1.00 10.86 ? 1   G   A "O3'" 1 
ATOM   7   C  "C2'" . G   A 1 1 ? -8.135  7.809   5.474   1.00 10.26 ? 1   G   A "C2'" 1 
ATOM   8   O  "O2'" . G   A 1 1 ? -8.443  9.153   5.775   1.00 11.20 ? 1   G   A "O2'" 1 
ATOM   9   C  "C1'" . G   A 1 1 ? -8.917  6.892   6.394   1.00 10.24 ? 1   G   A "C1'" 1 
ATOM   10  N  N9    . G   A 1 1 ? -8.364  5.568   6.575   1.00 10.15 ? 1   G   A N9    1 
ATOM   11  C  C8    . G   A 1 1 ? -8.867  4.374   6.083   1.00 10.96 ? 1   G   A C8    1 
ATOM   12  N  N7    . G   A 1 1 ? -8.192  3.334   6.503   1.00 10.61 ? 1   G   A N7    1 
ATOM   13  C  C5    . G   A 1 1 ? -7.212  3.868   7.338   1.00 9.95  ? 1   G   A C5    1 
ATOM   14  C  C6    . G   A 1 1 ? -6.213  3.239   8.129   1.00 9.27  ? 1   G   A C6    1 
ATOM   15  O  O6    . G   A 1 1 ? -5.958  2.030   8.249   1.00 10.16 ? 1   G   A O6    1 
ATOM   16  N  N1    . G   A 1 1 ? -5.431  4.160   8.806   1.00 9.62  ? 1   G   A N1    1 
ATOM   17  C  C2    . G   A 1 1 ? -5.604  5.513   8.800   1.00 10.06 ? 1   G   A C2    1 
ATOM   18  N  N2    . G   A 1 1 ? -4.743  6.220   9.524   1.00 10.74 ? 1   G   A N2    1 
ATOM   19  N  N3    . G   A 1 1 ? -6.550  6.112   8.081   1.00 9.95  ? 1   G   A N3    1 
ATOM   20  C  C4    . G   A 1 1 ? -7.313  5.229   7.408   1.00 9.91  ? 1   G   A C4    1 
ATOM   21  P  P     . C   A 1 2 ? -7.383  8.421   2.107   1.00 11.57 ? 2   C   A P     1 
ATOM   22  O  OP1   . C   A 1 2 ? -7.691  9.453   1.110   1.00 13.41 ? 2   C   A OP1   1 
ATOM   23  O  OP2   . C   A 1 2 ? -7.172  7.035   1.635   1.00 13.49 ? 2   C   A OP2   1 
ATOM   24  O  "O5'" . C   A 1 2 ? -6.106  8.815   2.955   1.00 11.32 ? 2   C   A "O5'" 1 
ATOM   25  C  "C5'" . C   A 1 2 ? -6.022  10.084  3.598   1.00 11.78 ? 2   C   A "C5'" 1 
ATOM   26  C  "C4'" . C   A 1 2 ? -4.793  10.065  4.484   1.00 9.93  ? 2   C   A "C4'" 1 
ATOM   27  O  "O4'" . C   A 1 2 ? -4.908  9.081   5.523   1.00 10.78 ? 2   C   A "O4'" 1 
ATOM   28  C  "C3'" . C   A 1 2 ? -3.498  9.692   3.804   1.00 9.97  ? 2   C   A "C3'" 1 
ATOM   29  O  "O3'" . C   A 1 2 ? -2.999  10.851  3.130   1.00 10.06 ? 2   C   A "O3'" 1 
ATOM   30  C  "C2'" . C   A 1 2 ? -2.627  9.225   4.966   1.00 10.08 ? 2   C   A "C2'" 1 
ATOM   31  O  "O2'" . C   A 1 2 ? -2.119  10.277  5.750   1.00 11.24 ? 2   C   A "O2'" 1 
ATOM   32  C  "C1'" . C   A 1 2 ? -3.638  8.470   5.767   1.00 10.20 ? 2   C   A "C1'" 1 
ATOM   33  N  N1    . C   A 1 2 ? -3.770  7.018   5.544   1.00 9.31  ? 2   C   A N1    1 
ATOM   34  C  C2    . C   A 1 2 ? -2.959  6.164   6.296   1.00 9.02  ? 2   C   A C2    1 
ATOM   35  O  O2    . C   A 1 2 ? -2.055  6.651   6.985   1.00 9.96  ? 2   C   A O2    1 
ATOM   36  N  N3    . C   A 1 2 ? -3.168  4.827   6.202   1.00 9.06  ? 2   C   A N3    1 
ATOM   37  C  C4    . C   A 1 2 ? -4.134  4.336   5.427   1.00 9.32  ? 2   C   A C4    1 
ATOM   38  N  N4    . C   A 1 2 ? -4.301  3.007   5.397   1.00 9.67  ? 2   C   A N4    1 
ATOM   39  C  C5    . C   A 1 2 ? -4.931  5.178   4.611   1.00 9.67  ? 2   C   A C5    1 
ATOM   40  C  C6    . C   A 1 2 ? -4.710  6.498   4.727   1.00 9.47  ? 2   C   A C6    1 
HETATM 41  P  P     . GRB A 1 3 ? -2.060  10.689  1.849   1.00 9.59  ? 3   GRB A P     1 
HETATM 42  BR BR    . GRB A 1 3 ? 2.895   5.418   6.554   0.80 9.55  ? 3   GRB A BR    1 
HETATM 43  N  N1    . GRB A 1 3 ? -2.008  4.632   2.812   1.00 9.18  ? 3   GRB A N1    1 
HETATM 44  C  C2    . GRB A 1 3 ? -1.842  5.992   2.572   1.00 9.42  ? 3   GRB A C2    1 
HETATM 45  N  N2    . GRB A 1 3 ? -2.693  6.569   1.709   1.00 10.36 ? 3   GRB A N2    1 
HETATM 46  N  N3    . GRB A 1 3 ? -0.874  6.717   3.117   1.00 9.02  ? 3   GRB A N3    1 
HETATM 47  C  C4    . GRB A 1 3 ? -0.079  5.993   3.962   1.00 8.56  ? 3   GRB A C4    1 
HETATM 48  C  C5    . GRB A 1 3 ? -0.216  4.645   4.272   1.00 8.13  ? 3   GRB A C5    1 
HETATM 49  C  C6    . GRB A 1 3 ? -1.233  3.887   3.672   1.00 8.94  ? 3   GRB A C6    1 
HETATM 50  O  O6    . GRB A 1 3 ? -1.458  2.673   3.817   1.00 8.90  ? 3   GRB A O6    1 
HETATM 51  N  N7    . GRB A 1 3 ? 0.753   4.266   5.174   1.00 8.59  ? 3   GRB A N7    1 
HETATM 52  C  C8    . GRB A 1 3 ? 1.431   5.340   5.393   1.00 8.88  ? 3   GRB A C8    1 
HETATM 53  N  N9    . GRB A 1 3 ? 0.988   6.447   4.702   1.00 8.85  ? 3   GRB A N9    1 
HETATM 54  C  "C1'" . GRB A 1 3 ? 1.644   7.780   4.752   1.00 8.81  ? 3   GRB A "C1'" 1 
HETATM 55  C  "C2'" . GRB A 1 3 ? 2.919   7.804   3.910   1.00 8.47  ? 3   GRB A "C2'" 1 
HETATM 56  O  "O2'" . GRB A 1 3 ? 3.775   8.827   4.373   1.00 9.15  ? 3   GRB A "O2'" 1 
HETATM 57  C  "C3'" . GRB A 1 3 ? 2.363   8.219   2.560   1.00 8.24  ? 3   GRB A "C3'" 1 
HETATM 58  O  "O3'" . GRB A 1 3 ? 3.333   8.785   1.697   1.00 8.86  ? 3   GRB A "O3'" 1 
HETATM 59  C  "C4'" . GRB A 1 3 ? 1.348   9.271   2.964   1.00 8.74  ? 3   GRB A "C4'" 1 
HETATM 60  O  "O4'" . GRB A 1 3 ? 0.818   8.791   4.213   1.00 8.64  ? 3   GRB A "O4'" 1 
HETATM 61  C  "C5'" . GRB A 1 3 ? 0.257   9.446   1.970   1.00 8.71  ? 3   GRB A "C5'" 1 
HETATM 62  O  "O5'" . GRB A 1 3 ? -0.645  10.395  2.512   1.00 9.44  ? 3   GRB A "O5'" 1 
HETATM 63  O  OP1   . GRB A 1 3 ? -2.521  9.551   1.029   1.00 10.08 ? 3   GRB A OP1   1 
HETATM 64  O  OP2   . GRB A 1 3 ? -2.026  12.037  1.205   1.00 10.29 ? 3   GRB A OP2   1 
ATOM   65  P  P     . G   A 1 4 ? 4.027   7.892   0.548   1.00 9.24  ? 4   G   A P     1 
ATOM   66  O  OP1   . G   A 1 4 ? 5.010   8.786   -0.106  1.00 10.76 ? 4   G   A OP1   1 
ATOM   67  O  OP2   . G   A 1 4 ? 3.010   7.206   -0.264  1.00 10.67 ? 4   G   A OP2   1 
ATOM   68  O  "O5'" . G   A 1 4 ? 4.729   6.718   1.353   1.00 8.49  ? 4   G   A "O5'" 1 
ATOM   69  C  "C5'" . G   A 1 4 ? 5.853   6.999   2.211   1.00 8.89  ? 4   G   A "C5'" 1 
ATOM   70  C  "C4'" . G   A 1 4 ? 6.287   5.706   2.858   1.00 8.04  ? 4   G   A "C4'" 1 
ATOM   71  O  "O4'" . G   A 1 4 ? 5.227   5.201   3.717   1.00 8.25  ? 4   G   A "O4'" 1 
ATOM   72  C  "C3'" . G   A 1 4 ? 6.542   4.564   1.903   1.00 8.01  ? 4   G   A "C3'" 1 
ATOM   73  O  "O3'" . G   A 1 4 ? 7.807   4.764   1.292   1.00 8.38  ? 4   G   A "O3'" 1 
ATOM   74  C  "C2'" . G   A 1 4 ? 6.470   3.385   2.855   1.00 7.99  ? 4   G   A "C2'" 1 
ATOM   75  O  "O2'" . G   A 1 4 ? 7.619   3.428   3.685   1.00 8.45  ? 4   G   A "O2'" 1 
ATOM   76  C  "C1'" . G   A 1 4 ? 5.228   3.773   3.622   1.00 7.96  ? 4   G   A "C1'" 1 
ATOM   77  N  N9    . G   A 1 4 ? 3.980   3.344   3.003   1.00 7.76  ? 4   G   A N9    1 
ATOM   78  C  C8    . G   A 1 4 ? 3.016   4.115   2.377   1.00 8.27  ? 4   G   A C8    1 
ATOM   79  N  N7    . G   A 1 4 ? 1.967   3.437   1.996   1.00 8.22  ? 4   G   A N7    1 
ATOM   80  C  C5    . G   A 1 4 ? 2.258   2.116   2.374   1.00 7.79  ? 4   G   A C5    1 
ATOM   81  C  C6    . G   A 1 4 ? 1.498   0.923   2.244   1.00 7.62  ? 4   G   A C6    1 
ATOM   82  O  O6    . G   A 1 4 ? 0.369   0.786   1.767   1.00 8.27  ? 4   G   A O6    1 
ATOM   83  N  N1    . G   A 1 4 ? 2.190   -0.186  2.724   1.00 7.58  ? 4   G   A N1    1 
ATOM   84  C  C2    . G   A 1 4 ? 3.426   -0.148  3.300   1.00 7.91  ? 4   G   A C2    1 
ATOM   85  N  N2    . G   A 1 4 ? 3.977   -1.309  3.670   1.00 8.19  ? 4   G   A N2    1 
ATOM   86  N  N3    . G   A 1 4 ? 4.139   0.971   3.477   1.00 7.83  ? 4   G   A N3    1 
ATOM   87  C  C4    . G   A 1 4 ? 3.467   2.058   2.987   1.00 7.84  ? 4   G   A C4    1 
ATOM   88  P  P     . C   A 1 5 ? 8.074   4.142   -0.174  1.00 9.56  ? 5   C   A P     1 
ATOM   89  O  OP1   . C   A 1 5 ? 9.366   4.707   -0.572  1.00 10.86 ? 5   C   A OP1   1 
ATOM   90  O  OP2   . C   A 1 5 ? 6.874   4.320   -1.052  1.00 10.39 ? 5   C   A OP2   1 
ATOM   91  O  "O5'" . C   A 1 5 ? 8.191   2.556   0.083   1.00 9.49  ? 5   C   A "O5'" 1 
ATOM   92  C  "C5'" . C   A 1 5 ? 9.210   2.030   0.901   1.00 10.63 ? 5   C   A "C5'" 1 
ATOM   93  C  "C4'" . C   A 1 5 ? 8.980   0.536   1.080   1.00 10.53 ? 5   C   A "C4'" 1 
ATOM   94  O  "O4'" . C   A 1 5 ? 7.704   0.265   1.735   1.00 9.32  ? 5   C   A "O4'" 1 
ATOM   95  C  "C3'" . C   A 1 5 ? 8.894   -0.262  -0.216  1.00 10.47 ? 5   C   A "C3'" 1 
ATOM   96  O  "O3'" A C   A 1 5 ? 10.149  -0.512  -0.926  0.50 11.65 ? 5   C   A "O3'" 1 
ATOM   97  O  "O3'" B C   A 1 5 ? 10.227  -0.576  -0.426  0.50 12.11 ? 5   C   A "O3'" 1 
ATOM   98  C  "C2'" . C   A 1 5 ? 8.155   -1.526  0.242   1.00 10.08 ? 5   C   A "C2'" 1 
ATOM   99  O  "O2'" . C   A 1 5 ? 8.974   -2.356  1.049   1.00 12.18 ? 5   C   A "O2'" 1 
ATOM   100 C  "C1'" . C   A 1 5 ? 7.137   -0.904  1.142   1.00 9.15  ? 5   C   A "C1'" 1 
ATOM   101 N  N1    . C   A 1 5 ? 5.876   -0.528  0.490   1.00 8.61  ? 5   C   A N1    1 
ATOM   102 C  C2    . C   A 1 5 ? 4.916   -1.522  0.241   1.00 8.72  ? 5   C   A C2    1 
ATOM   103 O  O2    . C   A 1 5 ? 5.213   -2.712  0.440   1.00 8.92  ? 5   C   A O2    1 
ATOM   104 N  N3    . C   A 1 5 ? 3.704   -1.170  -0.256  1.00 8.53  ? 5   C   A N3    1 
ATOM   105 C  C4    . C   A 1 5 ? 3.415   0.116   -0.521  1.00 8.25  ? 5   C   A C4    1 
ATOM   106 N  N4    . C   A 1 5 ? 2.218   0.424   -0.978  1.00 9.01  ? 5   C   A N4    1 
ATOM   107 C  C5    . C   A 1 5 ? 4.370   1.133   -0.305  1.00 8.90  ? 5   C   A C5    1 
ATOM   108 C  C6    . C   A 1 5 ? 5.568   0.791   0.199   1.00 9.17  ? 5   C   A C6    1 
ATOM   109 P  P     A G   A 1 6 ? 10.389  -0.138  -2.478  0.50 11.02 ? 6   G   A P     1 
ATOM   110 P  P     B G   A 1 6 ? 10.807  -0.336  -1.873  0.50 10.66 ? 6   G   A P     1 
ATOM   111 O  OP1   A G   A 1 6 ? 11.812  -0.383  -2.759  0.50 12.03 ? 6   G   A OP1   1 
ATOM   112 O  OP1   B G   A 1 6 ? 12.273  -0.368  -1.757  0.50 12.86 ? 6   G   A OP1   1 
ATOM   113 O  OP2   A G   A 1 6 ? 9.828   1.194   -2.786  0.50 12.34 ? 6   G   A OP2   1 
ATOM   114 O  OP2   B G   A 1 6 ? 10.152  0.824   -2.523  0.50 12.31 ? 6   G   A OP2   1 
ATOM   115 O  "O5'" A G   A 1 6 ? 9.468   -1.188  -3.267  0.50 11.32 ? 6   G   A "O5'" 1 
ATOM   116 O  "O5'" B G   A 1 6 ? 10.372  -1.681  -2.609  0.50 12.26 ? 6   G   A "O5'" 1 
ATOM   117 C  "C5'" A G   A 1 6 ? 9.832   -2.553  -3.178  0.50 10.37 ? 6   G   A "C5'" 1 
ATOM   118 C  "C5'" B G   A 1 6 ? 9.613   -1.686  -3.792  0.50 11.23 ? 6   G   A "C5'" 1 
ATOM   119 C  "C4'" A G   A 1 6 ? 8.679   -3.483  -3.505  0.50 10.10 ? 6   G   A "C4'" 1 
ATOM   120 C  "C4'" B G   A 1 6 ? 8.697   -2.875  -3.663  0.50 9.61  ? 6   G   A "C4'" 1 
ATOM   121 O  "O4'" A G   A 1 6 ? 7.591   -3.222  -2.591  0.50 8.98  ? 6   G   A "O4'" 1 
ATOM   122 O  "O4'" B G   A 1 6 ? 7.706   -2.591  -2.642  0.50 10.09 ? 6   G   A "O4'" 1 
ATOM   123 C  "C3'" A G   A 1 6 ? 7.980   -3.365  -4.842  0.50 9.28  ? 6   G   A "C3'" 1 
ATOM   124 C  "C3'" B G   A 1 6 ? 7.893   -3.138  -4.909  0.50 9.66  ? 6   G   A "C3'" 1 
ATOM   125 O  "O3'" A G   A 1 6 ? 8.761   -4.003  -5.849  0.50 9.68  ? 6   G   A "O3'" 1 
ATOM   126 O  "O3'" B G   A 1 6 ? 8.673   -3.937  -5.826  0.50 10.22 ? 6   G   A "O3'" 1 
ATOM   127 C  "C2'" A G   A 1 6 ? 6.712   -4.160  -4.531  0.50 8.84  ? 6   G   A "C2'" 1 
ATOM   128 C  "C2'" B G   A 1 6 ? 6.702   -3.884  -4.328  0.50 9.56  ? 6   G   A "C2'" 1 
ATOM   129 O  "O2'" A G   A 1 6 ? 7.020   -5.532  -4.376  0.50 9.41  ? 6   G   A "O2'" 1 
ATOM   130 O  "O2'" B G   A 1 6 ? 7.127   -5.174  -3.975  0.50 10.14 ? 6   G   A "O2'" 1 
ATOM   131 C  "C1'" A G   A 1 6 ? 6.353   -3.538  -3.196  0.50 9.27  ? 6   G   A "C1'" 1 
ATOM   132 C  "C1'" B G   A 1 6 ? 6.456   -3.072  -3.064  0.50 9.43  ? 6   G   A "C1'" 1 
ATOM   133 N  N9    A G   A 1 6 ? 5.547   -2.334  -3.370  0.50 8.45  ? 6   G   A N9    1 
ATOM   134 N  N9    B G   A 1 6 ? 5.615   -1.915  -3.298  0.50 8.92  ? 6   G   A N9    1 
ATOM   135 C  C8    A G   A 1 6 ? 5.914   -1.018  -3.255  0.50 9.90  ? 6   G   A C8    1 
ATOM   136 C  C8    B G   A 1 6 ? 5.969   -0.590  -3.244  0.50 9.97  ? 6   G   A C8    1 
ATOM   137 N  N7    A G   A 1 6 ? 4.919   -0.197  -3.481  0.50 9.49  ? 6   G   A N7    1 
ATOM   138 N  N7    B G   A 1 6 ? 4.968   0.209   -3.505  0.50 9.96  ? 6   G   A N7    1 
ATOM   139 C  C5    A G   A 1 6 ? 3.821   -1.011  -3.747  0.50 10.06 ? 6   G   A C5    1 
ATOM   140 C  C5    B G   A 1 6 ? 3.882   -0.628  -3.729  0.50 9.01  ? 6   G   A C5    1 
ATOM   141 C  C6    A G   A 1 6 ? 2.465   -0.706  -4.066  0.50 9.60  ? 6   G   A C6    1 
ATOM   142 C  C6    B G   A 1 6 ? 2.529   -0.356  -4.053  0.50 9.29  ? 6   G   A C6    1 
ATOM   143 O  O6    A G   A 1 6 ? 1.936   0.412   -4.181  0.50 10.47 ? 6   G   A O6    1 
ATOM   144 O  O6    B G   A 1 6 ? 1.980   0.745   -4.213  0.50 9.99  ? 6   G   A O6    1 
ATOM   145 N  N1    A G   A 1 6 ? 1.695   -1.858  -4.248  0.50 10.10 ? 6   G   A N1    1 
ATOM   146 N  N1    B G   A 1 6 ? 1.776   -1.522  -4.174  0.50 8.43  ? 6   G   A N1    1 
ATOM   147 C  C2    A G   A 1 6 ? 2.198   -3.144  -4.158  0.50 8.80  ? 6   G   A C2    1 
ATOM   148 C  C2    B G   A 1 6 ? 2.289   -2.798  -4.040  0.50 8.95  ? 6   G   A C2    1 
ATOM   149 N  N2    A G   A 1 6 ? 1.346   -4.147  -4.393  0.50 9.87  ? 6   G   A N2    1 
ATOM   150 N  N2    B G   A 1 6 ? 1.441   -3.816  -4.218  0.50 8.83  ? 6   G   A N2    1 
ATOM   151 N  N3    A G   A 1 6 ? 3.456   -3.433  -3.873  0.50 9.00  ? 6   G   A N3    1 
ATOM   152 N  N3    B G   A 1 6 ? 3.547   -3.065  -3.744  0.50 8.40  ? 6   G   A N3    1 
ATOM   153 C  C4    A G   A 1 6 ? 4.211   -2.332  -3.670  0.50 8.54  ? 6   G   A C4    1 
ATOM   154 C  C4    B G   A 1 6 ? 4.287   -1.943  -3.598  0.50 9.28  ? 6   G   A C4    1 
ATOM   155 P  P     . G   A 1 7 ? 8.401   -3.849  -7.392  1.00 11.49 ? 7   G   A P     1 
ATOM   156 O  OP1   . G   A 1 7 ? 9.468   -4.583  -8.093  1.00 14.40 ? 7   G   A OP1   1 
ATOM   157 O  OP2   . G   A 1 7 ? 8.106   -2.451  -7.799  1.00 13.46 ? 7   G   A OP2   1 
ATOM   158 O  "O5'" . G   A 1 7 ? 7.010   -4.591  -7.605  1.00 12.06 ? 7   G   A "O5'" 1 
ATOM   159 C  "C5'" . G   A 1 7 ? 6.936   -6.019  -7.434  1.00 13.72 ? 7   G   A "C5'" 1 
ATOM   160 C  "C4'" . G   A 1 7 ? 5.506   -6.444  -7.630  1.00 13.33 ? 7   G   A "C4'" 1 
ATOM   161 O  "O4'" . G   A 1 7 ? 4.630   -5.771  -6.677  1.00 12.81 ? 7   G   A "O4'" 1 
ATOM   162 C  "C3'" . G   A 1 7 ? 4.896   -6.063  -8.967  1.00 13.43 ? 7   G   A "C3'" 1 
ATOM   163 O  "O3'" . G   A 1 7 ? 5.397   -6.926  -9.985  1.00 15.27 ? 7   G   A "O3'" 1 
ATOM   164 C  "C2'" . G   A 1 7 ? 3.420   -6.224  -8.691  1.00 12.72 ? 7   G   A "C2'" 1 
ATOM   165 O  "O2'" . G   A 1 7 ? 3.056   -7.589  -8.609  1.00 15.25 ? 7   G   A "O2'" 1 
ATOM   166 C  "C1'" . G   A 1 7 ? 3.384   -5.543  -7.345  1.00 12.58 ? 7   G   A "C1'" 1 
ATOM   167 N  N9    . G   A 1 7 ? 3.087   -4.105  -7.370  1.00 11.37 ? 7   G   A N9    1 
ATOM   168 C  C8    . G   A 1 7 ? 3.928   -3.045  -7.110  1.00 10.75 ? 7   G   A C8    1 
ATOM   169 N  N7    . G   A 1 7 ? 3.314   -1.883  -7.131  1.00 11.02 ? 7   G   A N7    1 
ATOM   170 C  C5    . G   A 1 7 ? 2.012   -2.202  -7.435  1.00 10.38 ? 7   G   A C5    1 
ATOM   171 C  C6    . G   A 1 7 ? 0.879   -1.385  -7.578  1.00 10.44 ? 7   G   A C6    1 
ATOM   172 O  O6    . G   A 1 7 ? 0.802   -0.163  -7.444  1.00 11.36 ? 7   G   A O6    1 
ATOM   173 N  N1    . G   A 1 7 ? -0.257  -2.116  -7.920  1.00 11.04 ? 7   G   A N1    1 
ATOM   174 C  C2    . G   A 1 7 ? -0.313  -3.481  -8.092  1.00 10.99 ? 7   G   A C2    1 
ATOM   175 N  N2    . G   A 1 7 ? -1.481  -4.026  -8.434  1.00 11.65 ? 7   G   A N2    1 
ATOM   176 N  N3    . G   A 1 7 ? 0.740   -4.261  -7.929  1.00 11.06 ? 7   G   A N3    1 
ATOM   177 C  C4    . G   A 1 7 ? 1.852   -3.562  -7.588  1.00 10.86 ? 7   G   A C4    1 
ATOM   178 P  P     . C   A 1 8 ? 5.558   -6.393  -11.483 1.00 17.52 ? 8   C   A P     1 
ATOM   179 O  OP1   . C   A 1 8 ? 6.236   -7.487  -12.203 1.00 20.30 ? 8   C   A OP1   1 
ATOM   180 O  OP2   . C   A 1 8 ? 6.152   -5.034  -11.456 1.00 19.78 ? 8   C   A OP2   1 
ATOM   181 O  "O5'" . C   A 1 8 ? 4.040   -6.229  -11.975 1.00 16.49 ? 8   C   A "O5'" 1 
ATOM   182 C  "C5'" . C   A 1 8 ? 3.200   -7.384  -12.084 1.00 17.51 ? 8   C   A "C5'" 1 
ATOM   183 C  "C4'" . C   A 1 8 ? 1.785   -6.961  -12.403 1.00 16.11 ? 8   C   A "C4'" 1 
ATOM   184 O  "O4'" . C   A 1 8 ? 1.309   -6.144  -11.307 1.00 15.28 ? 8   C   A "O4'" 1 
ATOM   185 C  "C3'" . C   A 1 8 ? 1.618   -6.053  -13.616 1.00 16.74 ? 8   C   A "C3'" 1 
ATOM   186 O  "O3'" . C   A 1 8 ? 1.589   -6.750  -14.847 1.00 19.43 ? 8   C   A "O3'" 1 
ATOM   187 C  "C2'" . C   A 1 8 ? 0.278   -5.411  -13.294 1.00 15.55 ? 8   C   A "C2'" 1 
ATOM   188 O  "O2'" . C   A 1 8 ? -0.821  -6.289  -13.511 1.00 16.80 ? 8   C   A "O2'" 1 
ATOM   189 C  "C1'" . C   A 1 8 ? 0.417   -5.174  -11.817 1.00 14.09 ? 8   C   A "C1'" 1 
ATOM   190 N  N1    . C   A 1 8 ? 0.934   -3.834  -11.492 1.00 13.06 ? 8   C   A N1    1 
ATOM   191 C  C2    . C   A 1 8 ? -0.002  -2.787  -11.539 1.00 12.93 ? 8   C   A C2    1 
ATOM   192 O  O2    . C   A 1 8 ? -1.191  -2.990  -11.881 1.00 13.74 ? 8   C   A O2    1 
ATOM   193 N  N3    . C   A 1 8 ? 0.428   -1.555  -11.182 1.00 13.38 ? 8   C   A N3    1 
ATOM   194 C  C4    . C   A 1 8 ? 1.689   -1.329  -10.836 1.00 12.54 ? 8   C   A C4    1 
ATOM   195 N  N4    . C   A 1 8 ? 2.040   -0.089  -10.501 1.00 13.19 ? 8   C   A N4    1 
ATOM   196 C  C5    . C   A 1 8 ? 2.658   -2.372  -10.825 1.00 13.42 ? 8   C   A C5    1 
ATOM   197 C  C6    . C   A 1 8 ? 2.238   -3.604  -11.153 1.00 13.30 ? 8   C   A C6    1 
ATOM   198 O  "O5'" . G   B 1 1 ? -5.729  6.587   -9.467  1.00 23.13 ? 1   G   B "O5'" 1 
ATOM   199 C  "C5'" . G   B 1 1 ? -6.891  6.555   -10.272 1.00 22.17 ? 1   G   B "C5'" 1 
ATOM   200 C  "C4'" . G   B 1 1 ? -7.056  5.216   -10.959 1.00 19.36 ? 1   G   B "C4'" 1 
ATOM   201 O  "O4'" . G   B 1 1 ? -5.943  4.961   -11.843 1.00 19.15 ? 1   G   B "O4'" 1 
ATOM   202 C  "C3'" . G   B 1 1 ? -7.107  4.022   -10.021 1.00 17.56 ? 1   G   B "C3'" 1 
ATOM   203 O  "O3'" . G   B 1 1 ? -8.407  3.848   -9.535  1.00 18.32 ? 1   G   B "O3'" 1 
ATOM   204 C  "C2'" . G   B 1 1 ? -6.728  2.886   -10.937 1.00 18.09 ? 1   G   B "C2'" 1 
ATOM   205 O  "O2'" . G   B 1 1 ? -7.790  2.517   -11.801 1.00 20.45 ? 1   G   B "O2'" 1 
ATOM   206 C  "C1'" . G   B 1 1 ? -5.627  3.583   -11.701 1.00 17.17 ? 1   G   B "C1'" 1 
ATOM   207 N  N9    . G   B 1 1 ? -4.253  3.455   -11.214 1.00 16.05 ? 1   G   B N9    1 
ATOM   208 C  C8    . G   B 1 1 ? -3.448  4.458   -10.729 1.00 17.05 ? 1   G   B C8    1 
ATOM   209 N  N7    . G   B 1 1 ? -2.247  4.049   -10.435 1.00 16.53 ? 1   G   B N7    1 
ATOM   210 C  C5    . G   B 1 1 ? -2.236  2.700   -10.772 1.00 14.96 ? 1   G   B C5    1 
ATOM   211 C  C6    . G   B 1 1 ? -1.205  1.737   -10.707 1.00 14.11 ? 1   G   B C6    1 
ATOM   212 O  O6    . G   B 1 1 ? -0.033  1.885   -10.350 1.00 14.27 ? 1   G   B O6    1 
ATOM   213 N  N1    . G   B 1 1 ? -1.660  0.495   -11.160 1.00 13.91 ? 1   G   B N1    1 
ATOM   214 C  C2    . G   B 1 1 ? -2.924  0.226   -11.610 1.00 14.63 ? 1   G   B C2    1 
ATOM   215 N  N2    . G   B 1 1 ? -3.180  -1.018  -12.000 1.00 14.88 ? 1   G   B N2    1 
ATOM   216 N  N3    . G   B 1 1 ? -3.885  1.116   -11.679 1.00 15.05 ? 1   G   B N3    1 
ATOM   217 C  C4    . G   B 1 1 ? -3.473  2.328   -11.256 1.00 15.45 ? 1   G   B C4    1 
ATOM   218 P  P     . C   B 1 2 ? -8.678  3.226   -8.098  1.00 19.30 ? 2   C   B P     1 
ATOM   219 O  OP1   . C   B 1 2 ? -10.143 3.348   -7.867  1.00 21.64 ? 2   C   B OP1   1 
ATOM   220 O  OP2   . C   B 1 2 ? -7.726  3.840   -7.162  1.00 20.96 ? 2   C   B OP2   1 
ATOM   221 O  "O5'" . C   B 1 2 ? -8.242  1.688   -8.247  1.00 17.33 ? 2   C   B "O5'" 1 
ATOM   222 C  "C5'" . C   B 1 2 ? -9.051  0.822   -9.066  1.00 17.19 ? 2   C   B "C5'" 1 
ATOM   223 C  "C4'" . C   B 1 2 ? -8.358  -0.522  -9.143  1.00 16.61 ? 2   C   B "C4'" 1 
ATOM   224 O  "O4'" . C   B 1 2 ? -7.072  -0.364  -9.782  1.00 16.43 ? 2   C   B "O4'" 1 
ATOM   225 C  "C3'" . C   B 1 2 ? -7.978  -1.115  -7.804  1.00 15.65 ? 2   C   B "C3'" 1 
ATOM   226 O  "O3'" . C   B 1 2 ? -9.122  -1.677  -7.206  1.00 15.62 ? 2   C   B "O3'" 1 
ATOM   227 C  "C2'" . C   B 1 2 ? -6.926  -2.134  -8.212  1.00 15.44 ? 2   C   B "C2'" 1 
ATOM   228 O  "O2'" . C   B 1 2 ? -7.413  -3.277  -8.885  1.00 17.36 ? 2   C   B "O2'" 1 
ATOM   229 C  "C1'" . C   B 1 2 ? -6.165  -1.296  -9.210  1.00 14.75 ? 2   C   B "C1'" 1 
ATOM   230 N  N1    . C   B 1 2 ? -4.984  -0.561  -8.667  1.00 13.68 ? 2   C   B N1    1 
ATOM   231 C  C2    . C   B 1 2 ? -3.779  -1.256  -8.529  1.00 12.34 ? 2   C   B C2    1 
ATOM   232 O  O2    . C   B 1 2 ? -3.755  -2.442  -8.843  1.00 13.05 ? 2   C   B O2    1 
ATOM   233 N  N3    . C   B 1 2 ? -2.675  -0.598  -8.107  1.00 11.71 ? 2   C   B N3    1 
ATOM   234 C  C4    . C   B 1 2 ? -2.778  0.704   -7.767  1.00 12.45 ? 2   C   B C4    1 
ATOM   235 N  N4    . C   B 1 2 ? -1.666  1.322   -7.343  1.00 13.10 ? 2   C   B N4    1 
ATOM   236 C  C5    . C   B 1 2 ? -4.006  1.435   -7.845  1.00 13.29 ? 2   C   B C5    1 
ATOM   237 C  C6    . C   B 1 2 ? -5.078  0.762   -8.305  1.00 13.86 ? 2   C   B C6    1 
HETATM 238 P  P     . GRB B 1 3 ? -9.078  -2.143  -5.704  1.00 14.87 ? 3   GRB B P     1 
HETATM 239 BR BR    . GRB B 1 3 ? -1.334  -6.330  -5.602  0.80 11.84 ? 3   GRB B BR    1 
HETATM 240 N  N1    . GRB B 1 3 ? -3.201  -0.462  -4.721  1.00 10.59 ? 3   GRB B N1    1 
HETATM 241 C  C2    . GRB B 1 3 ? -4.465  -0.972  -4.969  1.00 10.63 ? 3   GRB B C2    1 
HETATM 242 N  N2    . GRB B 1 3 ? -5.503  -0.145  -4.911  1.00 12.16 ? 3   GRB B N2    1 
HETATM 243 N  N3    . GRB B 1 3 ? -4.674  -2.264  -5.263  1.00 10.78 ? 3   GRB B N3    1 
HETATM 244 C  C4    . GRB B 1 3 ? -3.551  -3.010  -5.265  1.00 10.21 ? 3   GRB B C4    1 
HETATM 245 C  C5    . GRB B 1 3 ? -2.260  -2.576  -5.026  1.00 9.99  ? 3   GRB B C5    1 
HETATM 246 C  C6    . GRB B 1 3 ? -2.034  -1.211  -4.723  1.00 10.08 ? 3   GRB B C6    1 
HETATM 247 O  O6    . GRB B 1 3 ? -0.939  -0.671  -4.493  1.00 11.10 ? 3   GRB B O6    1 
HETATM 248 N  N7    . GRB B 1 3 ? -1.357  -3.605  -5.118  1.00 9.90  ? 3   GRB B N7    1 
HETATM 249 C  C8    . GRB B 1 3 ? -2.084  -4.627  -5.409  1.00 10.34 ? 3   GRB B C8    1 
HETATM 250 N  N9    . GRB B 1 3 ? -3.426  -4.368  -5.519  1.00 10.66 ? 3   GRB B N9    1 
HETATM 251 C  "C1'" . GRB B 1 3 ? -4.436  -5.366  -5.909  1.00 10.73 ? 3   GRB B "C1'" 1 
HETATM 252 C  "C2'" . GRB B 1 3 ? -4.674  -6.386  -4.827  1.00 10.73 ? 3   GRB B "C2'" 1 
HETATM 253 O  "O2'" . GRB B 1 3 ? -5.032  -7.635  -5.368  1.00 11.36 ? 3   GRB B "O2'" 1 
HETATM 254 C  "C3'" . GRB B 1 3 ? -5.798  -5.705  -4.073  1.00 10.76 ? 3   GRB B "C3'" 1 
HETATM 255 O  "O3'" . GRB B 1 3 ? -6.571  -6.599  -3.258  1.00 9.70  ? 3   GRB B "O3'" 1 
HETATM 256 C  "C4'" . GRB B 1 3 ? -6.653  -5.154  -5.196  1.00 10.96 ? 3   GRB B "C4'" 1 
HETATM 257 O  "O4'" . GRB B 1 3 ? -5.679  -4.771  -6.195  1.00 11.12 ? 3   GRB B "O4'" 1 
HETATM 258 C  "C5'" . GRB B 1 3 ? -7.416  -3.942  -4.741  1.00 11.90 ? 3   GRB B "C5'" 1 
HETATM 259 O  "O5'" . GRB B 1 3 ? -8.236  -3.486  -5.823  1.00 13.30 ? 3   GRB B "O5'" 1 
HETATM 260 O  OP1   . GRB B 1 3 ? -8.358  -1.154  -4.875  1.00 15.11 ? 3   GRB B OP1   1 
HETATM 261 O  OP2   . GRB B 1 3 ? -10.469 -2.478  -5.347  1.00 18.22 ? 3   GRB B OP2   1 
ATOM   262 P  P     . G   B 1 4 ? -6.349  -6.668  -1.706  1.00 9.84  ? 4   G   B P     1 
ATOM   263 O  OP1   . G   B 1 4 ? -7.281  -7.740  -1.212  1.00 10.40 ? 4   G   B OP1   1 
ATOM   264 O  OP2   . G   B 1 4 ? -6.422  -5.315  -1.128  1.00 10.75 ? 4   G   B OP2   1 
ATOM   265 O  "O5'" . G   B 1 4 ? -4.853  -7.119  -1.544  1.00 9.09  ? 4   G   B "O5'" 1 
ATOM   266 C  "C5'" . G   B 1 4 ? -4.479  -8.458  -1.882  1.00 9.25  ? 4   G   B "C5'" 1 
ATOM   267 C  "C4'" . G   B 1 4 ? -3.006  -8.641  -1.657  1.00 8.50  ? 4   G   B "C4'" 1 
ATOM   268 O  "O4'" . G   B 1 4 ? -2.246  -7.783  -2.548  1.00 8.90  ? 4   G   B "O4'" 1 
ATOM   269 C  "C3'" . G   B 1 4 ? -2.512  -8.210  -0.297  1.00 7.84  ? 4   G   B "C3'" 1 
ATOM   270 O  "O3'" . G   B 1 4 ? -2.862  -9.157  0.685   1.00 8.36  ? 4   G   B "O3'" 1 
ATOM   271 C  "C2'" . G   B 1 4 ? -1.024  -8.064  -0.560  1.00 8.28  ? 4   G   B "C2'" 1 
ATOM   272 O  "O2'" . G   B 1 4 ? -0.381  -9.318  -0.709  1.00 8.74  ? 4   G   B "O2'" 1 
ATOM   273 C  "C1'" . G   B 1 4 ? -1.050  -7.370  -1.890  1.00 8.50  ? 4   G   B "C1'" 1 
ATOM   274 N  N9    . G   B 1 4 ? -1.092  -5.901  -1.767  1.00 8.37  ? 4   G   B N9    1 
ATOM   275 C  C8    . G   B 1 4 ? -2.151  -5.055  -1.962  1.00 9.09  ? 4   G   B C8    1 
ATOM   276 N  N7    . G   B 1 4 ? -1.827  -3.805  -1.773  1.00 8.79  ? 4   G   B N7    1 
ATOM   277 C  C5    . G   B 1 4 ? -0.494  -3.821  -1.430  1.00 8.49  ? 4   G   B C5    1 
ATOM   278 C  C6    . G   B 1 4 ? 0.406   -2.761  -1.149  1.00 8.47  ? 4   G   B C6    1 
ATOM   279 O  O6    . G   B 1 4 ? 0.177   -1.532  -1.184  1.00 8.87  ? 4   G   B O6    1 
ATOM   280 N  N1    . G   B 1 4 ? 1.670   -3.218  -0.815  1.00 8.25  ? 4   G   B N1    1 
ATOM   281 C  C2    . G   B 1 4 ? 2.036   -4.549  -0.780  1.00 7.80  ? 4   G   B C2    1 
ATOM   282 N  N2    . G   B 1 4 ? 3.276   -4.808  -0.370  1.00 8.77  ? 4   G   B N2    1 
ATOM   283 N  N3    . G   B 1 4 ? 1.209   -5.535  -1.114  1.00 7.92  ? 4   G   B N3    1 
ATOM   284 C  C4    . G   B 1 4 ? -0.026  -5.105  -1.425  1.00 7.80  ? 4   G   B C4    1 
ATOM   285 P  P     . C   B 1 5 ? -3.142  -8.684  2.184   1.00 8.63  ? 5   C   B P     1 
ATOM   286 O  OP1   . C   B 1 5 ? -3.544  -9.926  2.931   1.00 9.92  ? 5   C   B OP1   1 
ATOM   287 O  OP2   . C   B 1 5 ? -4.030  -7.502  2.210   1.00 9.49  ? 5   C   B OP2   1 
ATOM   288 O  "O5'" . C   B 1 5 ? -1.735  -8.182  2.686   1.00 8.15  ? 5   C   B "O5'" 1 
ATOM   289 C  "C5'" . C   B 1 5 ? -0.652  -9.114  2.827   1.00 7.97  ? 5   C   B "C5'" 1 
ATOM   290 C  "C4'" . C   B 1 5 ? 0.591   -8.383  3.258   1.00 7.94  ? 5   C   B "C4'" 1 
ATOM   291 O  "O4'" . C   B 1 5 ? 1.000   -7.444  2.238   1.00 8.02  ? 5   C   B "O4'" 1 
ATOM   292 C  "C3'" . C   B 1 5 ? 0.409   -7.480  4.468   1.00 7.20  ? 5   C   B "C3'" 1 
ATOM   293 O  "O3'" . C   B 1 5 ? 0.348   -8.249  5.636   1.00 7.94  ? 5   C   B "O3'" 1 
ATOM   294 C  "C2'" . C   B 1 5 ? 1.663   -6.614  4.338   1.00 7.89  ? 5   C   B "C2'" 1 
ATOM   295 O  "O2'" . C   B 1 5 ? 2.776   -7.412  4.714   1.00 8.59  ? 5   C   B "O2'" 1 
ATOM   296 C  "C1'" . C   B 1 5 ? 1.633   -6.327  2.864   1.00 7.77  ? 5   C   B "C1'" 1 
ATOM   297 N  N1    . C   B 1 5 ? 0.858   -5.112  2.573   1.00 8.05  ? 5   C   B N1    1 
ATOM   298 C  C2    . C   B 1 5 ? 1.484   -3.875  2.779   1.00 8.03  ? 5   C   B C2    1 
ATOM   299 O  O2    . C   B 1 5 ? 2.637   -3.851  3.213   1.00 8.64  ? 5   C   B O2    1 
ATOM   300 N  N3    . C   B 1 5 ? 0.802   -2.731  2.480   1.00 8.01  ? 5   C   B N3    1 
ATOM   301 C  C4    . C   B 1 5 ? -0.467  -2.807  2.059   1.00 7.91  ? 5   C   B C4    1 
ATOM   302 N  N4    . C   B 1 5 ? -1.120  -1.678  1.801   1.00 8.94  ? 5   C   B N4    1 
ATOM   303 C  C5    . C   B 1 5 ? -1.144  -4.065  1.902   1.00 8.27  ? 5   C   B C5    1 
ATOM   304 C  C6    . C   B 1 5 ? -0.443  -5.170  2.165   1.00 8.22  ? 5   C   B C6    1 
ATOM   305 P  P     . G   B 1 6 ? -0.538  -7.760  6.898   1.00 8.07  ? 6   G   B P     1 
ATOM   306 O  OP1   . G   B 1 6 ? -0.664  -8.977  7.764   1.00 8.96  ? 6   G   B OP1   1 
ATOM   307 O  OP2   . G   B 1 6 ? -1.768  -7.050  6.442   1.00 8.90  ? 6   G   B OP2   1 
ATOM   308 O  "O5'" . G   B 1 6 ? 0.339   -6.635  7.606   1.00 8.03  ? 6   G   B "O5'" 1 
ATOM   309 C  "C5'" . G   B 1 6 ? 1.673   -6.869  8.029   1.00 8.87  ? 6   G   B "C5'" 1 
ATOM   310 C  "C4'" . G   B 1 6 ? 2.456   -5.567  8.077   1.00 7.80  ? 6   G   B "C4'" 1 
ATOM   311 O  "O4'" . G   B 1 6 ? 2.439   -4.929  6.785   1.00 7.82  ? 6   G   B "O4'" 1 
ATOM   312 C  "C3'" . G   B 1 6 ? 1.907   -4.505  9.020   1.00 7.90  ? 6   G   B "C3'" 1 
ATOM   313 O  "O3'" . G   B 1 6 ? 2.287   -4.806  10.334  1.00 8.05  ? 6   G   B "O3'" 1 
ATOM   314 C  "C2'" . G   B 1 6 ? 2.512   -3.232  8.424   1.00 8.31  ? 6   G   B "C2'" 1 
ATOM   315 O  "O2'" . G   B 1 6 ? 3.876   -3.178  8.763   1.00 8.42  ? 6   G   B "O2'" 1 
ATOM   316 C  "C1'" . G   B 1 6 ? 2.355   -3.505  6.937   1.00 7.96  ? 6   G   B "C1'" 1 
ATOM   317 N  N9    . G   B 1 6 ? 1.065   -3.064  6.399   1.00 7.83  ? 6   G   B N9    1 
ATOM   318 C  C8    . G   B 1 6 ? -0.029  -3.808  6.085   1.00 8.03  ? 6   G   B C8    1 
ATOM   319 N  N7    . G   B 1 6 ? -1.013  -3.111  5.581   1.00 8.81  ? 6   G   B N7    1 
ATOM   320 C  C5    . G   B 1 6 ? -0.501  -1.805  5.545   1.00 8.63  ? 6   G   B C5    1 
ATOM   321 C  C6    . G   B 1 6 ? -1.114  -0.618  5.077   1.00 8.12  ? 6   G   B C6    1 
ATOM   322 O  O6    . G   B 1 6 ? -2.233  -0.475  4.586   1.00 8.71  ? 6   G   B O6    1 
ATOM   323 N  N1    . G   B 1 6 ? -0.269  0.480   5.204   1.00 7.92  ? 6   G   B N1    1 
ATOM   324 C  C2    . G   B 1 6 ? 0.962   0.440   5.772   1.00 7.82  ? 6   G   B C2    1 
ATOM   325 N  N2    . G   B 1 6 ? 1.642   1.592   5.858   1.00 8.18  ? 6   G   B N2    1 
ATOM   326 N  N3    . G   B 1 6 ? 1.564   -0.687  6.194   1.00 7.69  ? 6   G   B N3    1 
ATOM   327 C  C4    . G   B 1 6 ? 0.764   -1.757  6.034   1.00 7.67  ? 6   G   B C4    1 
ATOM   328 P  P     . G   B 1 7 ? 1.450   -4.264  11.601  1.00 8.36  ? 7   G   B P     1 
ATOM   329 O  OP1   . G   B 1 7 ? 1.979   -4.928  12.769  1.00 9.34  ? 7   G   B OP1   1 
ATOM   330 O  OP2   . G   B 1 7 ? 0.019   -4.337  11.319  1.00 9.48  ? 7   G   B OP2   1 
ATOM   331 O  "O5'" . G   B 1 7 ? 1.788   -2.694  11.636  1.00 8.35  ? 7   G   B "O5'" 1 
ATOM   332 C  "C5'" . G   B 1 7 ? 3.109   -2.288  11.972  1.00 7.98  ? 7   G   B "C5'" 1 
ATOM   333 C  "C4'" . G   B 1 7 ? 3.168   -0.782  11.862  1.00 7.64  ? 7   G   B "C4'" 1 
ATOM   334 O  "O4'" . G   B 1 7 ? 2.979   -0.410  10.493  1.00 8.22  ? 7   G   B "O4'" 1 
ATOM   335 C  "C3'" . G   B 1 7 ? 2.105   0.001   12.597  1.00 7.75  ? 7   G   B "C3'" 1 
ATOM   336 O  "O3'" . G   B 1 7 ? 2.445   0.074   13.974  1.00 8.26  ? 7   G   B "O3'" 1 
ATOM   337 C  "C2'" . G   B 1 7 ? 2.105   1.323   11.855  1.00 8.49  ? 7   G   B "C2'" 1 
ATOM   338 O  "O2'" . G   B 1 7 ? 3.213   2.083   12.303  1.00 8.87  ? 7   G   B "O2'" 1 
ATOM   339 C  "C1'" . G   B 1 7 ? 2.292   0.828   10.440  1.00 8.03  ? 7   G   B "C1'" 1 
ATOM   340 N  N9    . G   B 1 7 ? 1.013   0.641   9.738   1.00 8.33  ? 7   G   B N9    1 
ATOM   341 C  C8    . G   B 1 7 ? 0.300   -0.525  9.565   1.00 8.61  ? 7   G   B C8    1 
ATOM   342 N  N7    . G   B 1 7 ? -0.777  -0.382  8.879   1.00 8.55  ? 7   G   B N7    1 
ATOM   343 C  C5    . G   B 1 7 ? -0.809  0.974   8.555   1.00 8.58  ? 7   G   B C5    1 
ATOM   344 C  C6    . G   B 1 7 ? -1.732  1.742   7.793   1.00 8.45  ? 7   G   B C6    1 
ATOM   345 O  O6    . G   B 1 7 ? -2.742  1.363   7.203   1.00 9.09  ? 7   G   B O6    1 
ATOM   346 N  N1    . G   B 1 7 ? -1.397  3.106   7.762   1.00 8.74  ? 7   G   B N1    1 
ATOM   347 C  C2    . G   B 1 7 ? -0.308  3.645   8.390   1.00 8.58  ? 7   G   B C2    1 
ATOM   348 N  N2    . G   B 1 7 ? -0.191  4.989   8.330   1.00 8.94  ? 7   G   B N2    1 
ATOM   349 N  N3    . G   B 1 7 ? 0.584   2.941   9.081   1.00 8.80  ? 7   G   B N3    1 
ATOM   350 C  C4    . G   B 1 7 ? 0.273   1.611   9.098   1.00 8.21  ? 7   G   B C4    1 
ATOM   351 P  P     . C   B 1 8 ? 1.284   0.153   15.083  1.00 8.63  ? 8   C   B P     1 
ATOM   352 O  OP1   . C   B 1 8 ? 1.977   0.096   16.382  1.00 9.98  ? 8   C   B OP1   1 
ATOM   353 O  OP2   . C   B 1 8 ? 0.222   -0.826  14.769  1.00 9.96  ? 8   C   B OP2   1 
ATOM   354 O  "O5'" . C   B 1 8 ? 0.623   1.588   14.846  1.00 8.49  ? 8   C   B "O5'" 1 
ATOM   355 C  "C5'" . C   B 1 8 ? 1.419   2.774   15.064  1.00 8.65  ? 8   C   B "C5'" 1 
ATOM   356 C  "C4'" . C   B 1 8 ? 0.708   3.951   14.465  1.00 8.63  ? 8   C   B "C4'" 1 
ATOM   357 O  "O4'" . C   B 1 8 ? 0.506   3.743   13.053  1.00 8.70  ? 8   C   B "O4'" 1 
ATOM   358 C  "C3'" . C   B 1 8 ? -0.679  4.251   14.993  1.00 8.87  ? 8   C   B "C3'" 1 
ATOM   359 O  "O3'" . C   B 1 8 ? -0.558  4.965   16.242  1.00 9.51  ? 8   C   B "O3'" 1 
ATOM   360 C  "C2'" . C   B 1 8 ? -1.285  5.075   13.869  1.00 9.78  ? 8   C   B "C2'" 1 
ATOM   361 O  "O2'" . C   B 1 8 ? -0.848  6.419   13.917  1.00 10.71 ? 8   C   B "O2'" 1 
ATOM   362 C  "C1'" . C   B 1 8 ? -0.683  4.376   12.650  1.00 8.76  ? 8   C   B "C1'" 1 
ATOM   363 N  N1    . C   B 1 8 ? -1.578  3.362   12.024  1.00 8.65  ? 8   C   B N1    1 
ATOM   364 C  C2    . C   B 1 8 ? -2.549  3.830   11.146  1.00 9.36  ? 8   C   B C2    1 
ATOM   365 O  O2    . C   B 1 8 ? -2.680  5.052   11.000  1.00 10.01 ? 8   C   B O2    1 
ATOM   366 N  N3    . C   B 1 8 ? -3.389  2.953   10.533  1.00 8.89  ? 8   C   B N3    1 
ATOM   367 C  C4    . C   B 1 8 ? -3.242  1.642   10.763  1.00 8.75  ? 8   C   B C4    1 
ATOM   368 N  N4    . C   B 1 8 ? -4.079  0.810   10.148  1.00 9.43  ? 8   C   B N4    1 
ATOM   369 C  C5    . C   B 1 8 ? -2.249  1.149   11.672  1.00 8.87  ? 8   C   B C5    1 
ATOM   370 C  C6    . C   B 1 8 ? -1.446  2.034   12.278  1.00 8.63  ? 8   C   B C6    1 
HETATM 371 C  C1    . GOL C 2 . ? 5.989   2.711   -7.023  0.80 14.71 ? 9   GOL A C1    1 
HETATM 372 O  O1    . GOL C 2 . ? 4.890   3.579   -7.159  0.80 16.14 ? 9   GOL A O1    1 
HETATM 373 C  C2    . GOL C 2 . ? 5.662   1.286   -7.493  0.80 13.50 ? 9   GOL A C2    1 
HETATM 374 O  O2    . GOL C 2 . ? 4.547   0.741   -6.765  0.80 12.94 ? 9   GOL A O2    1 
HETATM 375 C  C3    . GOL C 2 . ? 6.903   0.395   -7.308  0.80 14.97 ? 9   GOL A C3    1 
HETATM 376 O  O3    . GOL C 2 . ? 7.052   0.012   -5.982  0.80 14.88 ? 9   GOL A O3    1 
HETATM 377 CA CA    . CA  D 3 . ? 1.749   2.918   -4.356  1.00 12.39 ? 10  CA  A CA    1 
HETATM 378 BR BR    . BR  E 4 . ? 3.155   5.255   7.934   0.20 22.64 ? 11  BR  A BR    1 
HETATM 379 CA CA    . CA  F 3 . ? -4.287  -1.161  3.836   1.00 16.68 ? 9   CA  B CA    1 
HETATM 380 BR BR    . BR  G 4 . ? -0.123  -7.370  -5.464  0.20 23.60 ? 10  BR  B BR    1 
HETATM 381 O  O     . HOH H 5 . ? 4.454   8.883   6.976   1.00 10.16 ? 12  HOH A O     1 
HETATM 382 O  O     . HOH H 5 . ? -4.264  3.466   1.279   1.00 14.50 ? 13  HOH A O     1 
HETATM 383 O  O     . HOH H 5 . ? 0.166   4.182   0.002   1.00 13.18 ? 14  HOH A O     1 
HETATM 384 O  O     . HOH H 5 . ? 4.085   4.721   -1.207  1.00 14.41 ? 15  HOH A O     1 
HETATM 385 O  O     . HOH H 5 . ? 1.864   3.242   -1.947  1.00 11.64 ? 19  HOH A O     1 
HETATM 386 O  O     . HOH H 5 . ? 1.957   2.170   -6.646  1.00 13.08 ? 21  HOH A O     1 
HETATM 387 O  O     . HOH H 5 . ? -0.388  1.958   -3.913  1.00 16.18 ? 23  HOH A O     1 
HETATM 388 O  O     . HOH H 5 . ? 6.139   -2.206  -9.835  1.00 16.42 ? 24  HOH A O     1 
HETATM 389 O  O     . HOH H 5 . ? 4.120   2.628   -3.948  1.00 14.06 ? 26  HOH A O     1 
HETATM 390 O  O     . HOH H 5 . ? -1.552  2.148   0.444   0.70 11.85 ? 33  HOH A O     1 
HETATM 391 O  O     A HOH H 5 . ? 4.732   0.138   -9.505  0.80 13.90 ? 34  HOH A O     1 
HETATM 392 O  O     B HOH H 5 . ? 5.304   1.307   -9.067  0.20 9.50  ? 34  HOH A O     1 
HETATM 393 O  O     . HOH H 5 . ? -1.292  8.688   -1.300  1.00 17.00 ? 38  HOH A O     1 
HETATM 394 O  O     . HOH H 5 . ? -2.503  -6.797  -9.127  1.00 19.25 ? 39  HOH A O     1 
HETATM 395 O  O     . HOH H 5 . ? -10.022 10.841  1.553   1.00 16.72 ? 40  HOH A O     1 
HETATM 396 O  O     . HOH H 5 . ? 9.444   -6.852  -4.358  1.00 19.32 ? 41  HOH A O     1 
HETATM 397 O  O     . HOH H 5 . ? 11.099  3.476   -2.222  1.00 19.01 ? 43  HOH A O     1 
HETATM 398 O  O     . HOH H 5 . ? -4.351  13.494  1.674   1.00 19.01 ? 44  HOH A O     1 
HETATM 399 O  O     . HOH H 5 . ? -7.059  8.975   8.208   1.00 17.50 ? 46  HOH A O     1 
HETATM 400 O  O     . HOH H 5 . ? 10.781  6.076   1.353   1.00 19.41 ? 47  HOH A O     1 
HETATM 401 O  O     . HOH H 5 . ? 7.916   8.876   -0.406  1.00 19.17 ? 49  HOH A O     1 
HETATM 402 O  O     . HOH H 5 . ? -0.320  8.698   7.302   1.00 16.81 ? 51  HOH A O     1 
HETATM 403 O  O     . HOH H 5 . ? 0.462   6.715   -0.818  1.00 17.59 ? 53  HOH A O     1 
HETATM 404 O  O     . HOH H 5 . ? -5.096  6.157   0.091   1.00 20.83 ? 55  HOH A O     1 
HETATM 405 O  O     . HOH H 5 . ? 8.370   1.927   -4.592  1.00 17.97 ? 56  HOH A O     1 
HETATM 406 O  O     . HOH H 5 . ? -4.708  9.694   -0.627  1.00 27.00 ? 57  HOH A O     1 
HETATM 407 O  O     . HOH H 5 . ? 2.927   4.753   -5.561  1.00 17.60 ? 59  HOH A O     1 
HETATM 408 O  O     . HOH H 5 . ? -3.513  -4.307  -11.381 0.50 18.54 ? 61  HOH A O     1 
HETATM 409 O  O     . HOH H 5 . ? 2.081   -8.614  -5.122  1.00 21.99 ? 63  HOH A O     1 
HETATM 410 O  O     . HOH H 5 . ? -6.890  -0.297  7.278   1.00 23.08 ? 64  HOH A O     1 
HETATM 411 O  O     . HOH H 5 . ? -6.245  11.776  0.158   0.50 17.60 ? 65  HOH A O     1 
HETATM 412 O  O     . HOH H 5 . ? -12.742 3.352   3.418   1.00 22.23 ? 67  HOH A O     1 
HETATM 413 O  O     . HOH H 5 . ? 6.574   3.898   -3.751  0.50 11.08 ? 68  HOH A O     1 
HETATM 414 O  O     . HOH H 5 . ? 0.469   -8.063  -8.920  1.00 21.73 ? 70  HOH A O     1 
HETATM 415 O  O     . HOH H 5 . ? 0.122   4.668   -4.429  1.00 26.42 ? 71  HOH A O     1 
HETATM 416 O  O     . HOH H 5 . ? -4.258  9.383   9.377   1.00 20.66 ? 72  HOH A O     1 
HETATM 417 O  O     . HOH H 5 . ? 4.891   11.525  0.184   1.00 18.47 ? 73  HOH A O     1 
HETATM 418 O  O     . HOH H 5 . ? 0.875   10.493  -2.320  1.00 26.57 ? 74  HOH A O     1 
HETATM 419 O  O     . HOH H 5 . ? -6.539  2.257   3.335   1.00 26.01 ? 75  HOH A O     1 
HETATM 420 O  O     . HOH H 5 . ? 9.098   7.010   -2.144  0.50 23.63 ? 76  HOH A O     1 
HETATM 421 O  O     . HOH H 5 . ? 10.430  -7.104  -7.434  1.00 24.76 ? 80  HOH A O     1 
HETATM 422 O  O     . HOH H 5 . ? 11.349  5.104   -4.604  0.50 25.80 ? 86  HOH A O     1 
HETATM 423 O  O     . HOH H 5 . ? 5.432   5.295   -9.275  1.00 26.74 ? 89  HOH A O     1 
HETATM 424 O  O     . HOH H 5 . ? -1.711  -7.907  -11.530 0.30 18.28 ? 91  HOH A O     1 
HETATM 425 O  O     . HOH H 5 . ? -2.078  12.921  -1.332  1.00 28.04 ? 93  HOH A O     1 
HETATM 426 O  O     . HOH H 5 . ? 4.072   6.394   -3.812  0.50 18.60 ? 102 HOH A O     1 
HETATM 427 O  O     . HOH H 5 . ? -0.179  -8.939  -15.071 1.00 33.24 ? 107 HOH A O     1 
HETATM 428 O  O     . HOH H 5 . ? 4.254   -10.075 -8.837  1.00 29.19 ? 109 HOH A O     1 
HETATM 429 O  O     . HOH H 5 . ? 8.971   -4.870  -10.819 0.30 17.10 ? 114 HOH A O     1 
HETATM 430 O  O     . HOH H 5 . ? -8.589  8.865   -1.474  0.30 18.11 ? 115 HOH A O     1 
HETATM 431 O  O     A HOH H 5 . ? 1.639   -10.588 -10.758 0.50 27.11 ? 117 HOH A O     1 
HETATM 432 O  O     B HOH H 5 . ? 0.172   -9.548  -10.657 0.50 26.51 ? 117 HOH A O     1 
HETATM 433 O  O     . HOH H 5 . ? 13.026  6.677   0.325   0.70 28.58 ? 123 HOH A O     1 
HETATM 434 O  O     . HOH H 5 . ? -5.387  11.430  8.095   0.50 24.36 ? 125 HOH A O     1 
HETATM 435 O  O     . HOH H 5 . ? -8.493  4.696   1.805   1.00 29.99 ? 126 HOH A O     1 
HETATM 436 O  O     . HOH I 5 . ? -3.466  2.538   -4.089  1.00 14.86 ? 11  HOH B O     1 
HETATM 437 O  O     . HOH I 5 . ? 4.305   2.020   6.529   1.00 12.89 ? 12  HOH B O     1 
HETATM 438 O  O     . HOH I 5 . ? -3.505  -3.392  4.522   1.00 13.73 ? 13  HOH B O     1 
HETATM 439 O  O     . HOH I 5 . ? 4.327   -0.955  7.299   1.00 9.46  ? 14  HOH B O     1 
HETATM 440 O  O     . HOH I 5 . ? 4.345   -1.403  16.562  1.00 11.04 ? 15  HOH B O     1 
HETATM 441 O  O     . HOH I 5 . ? 5.457   -4.209  2.707   1.00 12.00 ? 16  HOH B O     1 
HETATM 442 O  O     . HOH I 5 . ? -3.040  -5.013  7.850   1.00 15.33 ? 17  HOH B O     1 
HETATM 443 O  O     . HOH I 5 . ? -1.303  -2.120  12.780  1.00 13.39 ? 18  HOH B O     1 
HETATM 444 O  O     . HOH I 5 . ? -3.435  -12.230 1.569   1.00 11.35 ? 19  HOH B O     1 
HETATM 445 O  O     . HOH I 5 . ? -4.592  -4.979  1.083   1.00 13.96 ? 20  HOH B O     1 
HETATM 446 O  O     . HOH I 5 . ? -0.540  -11.514 6.312   1.00 10.33 ? 21  HOH B O     1 
HETATM 447 O  O     . HOH I 5 . ? -3.791  -6.217  4.718   1.00 13.85 ? 22  HOH B O     1 
HETATM 448 O  O     . HOH I 5 . ? -2.987  5.030   17.401  1.00 12.85 ? 23  HOH B O     1 
HETATM 449 O  O     . HOH I 5 . ? -1.404  -6.674  11.233  1.00 11.68 ? 24  HOH B O     1 
HETATM 450 O  O     . HOH I 5 . ? 5.453   -6.875  4.523   1.00 12.14 ? 25  HOH B O     1 
HETATM 451 O  O     . HOH I 5 . ? -3.744  -1.771  -1.664  1.00 16.77 ? 27  HOH B O     1 
HETATM 452 O  O     . HOH I 5 . ? -1.831  0.281   -1.551  1.00 15.89 ? 28  HOH B O     1 
HETATM 453 O  O     . HOH I 5 . ? -3.387  0.896   2.507   1.00 15.73 ? 29  HOH B O     1 
HETATM 454 O  O     . HOH I 5 . ? 4.516   -4.953  14.043  1.00 16.13 ? 30  HOH B O     1 
HETATM 455 O  O     A HOH I 5 . ? -2.828  -2.306  8.321   0.50 18.38 ? 31  HOH B O     1 
HETATM 456 O  O     B HOH I 5 . ? -1.694  -3.050  9.226   0.50 10.51 ? 31  HOH B O     1 
HETATM 457 O  O     . HOH I 5 . ? 0.433   -5.580  14.880  1.00 16.58 ? 32  HOH B O     1 
HETATM 458 O  O     . HOH I 5 . ? -1.775  -1.377  16.618  1.00 18.38 ? 35  HOH B O     1 
HETATM 459 O  O     . HOH I 5 . ? 1.668   6.503   10.167  1.00 13.56 ? 36  HOH B O     1 
HETATM 460 O  O     . HOH I 5 . ? 1.277   3.608   -8.758  1.00 19.57 ? 37  HOH B O     1 
HETATM 461 O  O     . HOH I 5 . ? -3.310  -8.768  -7.211  1.00 16.42 ? 42  HOH B O     1 
HETATM 462 O  O     . HOH I 5 . ? 1.651   6.980   12.703  1.00 17.33 ? 45  HOH B O     1 
HETATM 463 O  O     . HOH I 5 . ? -3.480  -9.388  8.237   1.00 22.79 ? 48  HOH B O     1 
HETATM 464 O  O     . HOH I 5 . ? -4.206  -2.175  1.592   1.00 18.00 ? 50  HOH B O     1 
HETATM 465 O  O     . HOH I 5 . ? -4.103  -2.065  10.562  1.00 21.01 ? 52  HOH B O     1 
HETATM 466 O  O     A HOH I 5 . ? -4.487  -0.621  6.281   0.65 16.37 ? 54  HOH B O     1 
HETATM 467 O  O     B HOH I 5 . ? -3.779  -1.154  7.344   0.35 14.88 ? 54  HOH B O     1 
HETATM 468 O  O     . HOH I 5 . ? -9.211  1.365   -4.246  1.00 31.18 ? 58  HOH B O     1 
HETATM 469 O  O     . HOH I 5 . ? -6.617  -8.372  1.498   1.00 21.42 ? 60  HOH B O     1 
HETATM 470 O  O     A HOH I 5 . ? -9.857  -7.020  -2.231  0.80 20.39 ? 62  HOH B O     1 
HETATM 471 O  O     B HOH I 5 . ? -9.855  -7.665  -0.480  0.20 13.02 ? 62  HOH B O     1 
HETATM 472 O  O     . HOH I 5 . ? -3.139  -11.068 5.445   0.80 16.22 ? 66  HOH B O     1 
HETATM 473 O  O     . HOH I 5 . ? -5.430  -3.880  6.939   1.00 31.61 ? 69  HOH B O     1 
HETATM 474 O  O     . HOH I 5 . ? 0.536   -3.245  16.385  0.50 15.68 ? 77  HOH B O     1 
HETATM 475 O  O     . HOH I 5 . ? -5.803  -1.685  -12.711 1.00 27.53 ? 78  HOH B O     1 
HETATM 476 O  O     . HOH I 5 . ? -6.156  -2.645  -1.679  1.00 21.15 ? 82  HOH B O     1 
HETATM 477 O  O     . HOH I 5 . ? -6.622  2.579   -4.845  1.00 27.33 ? 83  HOH B O     1 
HETATM 478 O  O     . HOH I 5 . ? -9.241  -5.348  -8.164  1.00 26.09 ? 84  HOH B O     1 
HETATM 479 O  O     . HOH I 5 . ? -8.144  -1.065  -2.207  1.00 28.52 ? 87  HOH B O     1 
HETATM 480 O  O     . HOH I 5 . ? -3.236  7.721   12.421  1.00 26.59 ? 88  HOH B O     1 
HETATM 481 O  O     . HOH I 5 . ? -6.316  -2.423  4.286   1.00 25.24 ? 92  HOH B O     1 
HETATM 482 O  O     . HOH I 5 . ? -5.453  -5.243  -9.372  1.00 38.18 ? 95  HOH B O     1 
HETATM 483 O  O     . HOH I 5 . ? -2.507  7.824   15.539  1.00 29.29 ? 97  HOH B O     1 
HETATM 484 O  O     . HOH I 5 . ? -1.842  4.167   -6.664  1.00 28.51 ? 98  HOH B O     1 
HETATM 485 O  O     . HOH I 5 . ? -3.798  -6.469  10.056  1.00 22.98 ? 100 HOH B O     1 
HETATM 486 O  O     . HOH I 5 . ? -11.264 2.167   -5.818  0.50 25.24 ? 101 HOH B O     1 
HETATM 487 O  O     . HOH I 5 . ? -5.452  -7.714  6.641   0.50 23.21 ? 110 HOH B O     1 
HETATM 488 O  O     . HOH I 5 . ? -1.434  7.556   10.612  1.00 26.39 ? 111 HOH B O     1 
# 
loop_
_atom_site_anisotrop.id 
_atom_site_anisotrop.type_symbol 
_atom_site_anisotrop.pdbx_label_atom_id 
_atom_site_anisotrop.pdbx_label_alt_id 
_atom_site_anisotrop.pdbx_label_comp_id 
_atom_site_anisotrop.pdbx_label_asym_id 
_atom_site_anisotrop.pdbx_label_seq_id 
_atom_site_anisotrop.pdbx_PDB_ins_code 
_atom_site_anisotrop.U[1][1] 
_atom_site_anisotrop.U[2][2] 
_atom_site_anisotrop.U[3][3] 
_atom_site_anisotrop.U[1][2] 
_atom_site_anisotrop.U[1][3] 
_atom_site_anisotrop.U[2][3] 
_atom_site_anisotrop.pdbx_auth_seq_id 
_atom_site_anisotrop.pdbx_auth_comp_id 
_atom_site_anisotrop.pdbx_auth_asym_id 
_atom_site_anisotrop.pdbx_auth_atom_id 
1   O  "O5'" . G   A 1 ? 0.1408 0.1872 0.2007 0.0119  -0.0086 -0.0050 1   G   A "O5'" 
2   C  "C5'" . G   A 1 ? 0.1418 0.1889 0.1432 0.0219  -0.0016 0.0075  1   G   A "C5'" 
3   C  "C4'" . G   A 1 ? 0.0859 0.1751 0.1346 0.0043  0.0038  0.0191  1   G   A "C4'" 
4   O  "O4'" . G   A 1 ? 0.0878 0.1691 0.1327 0.0108  0.0113  0.0248  1   G   A "O4'" 
5   C  "C3'" . G   A 1 ? 0.1029 0.1712 0.1204 0.0218  0.0047  0.0304  1   G   A "C3'" 
6   O  "O3'" . G   A 1 ? 0.0930 0.1787 0.1408 0.0281  0.0090  0.0272  1   G   A "O3'" 
7   C  "C2'" . G   A 1 ? 0.0980 0.1586 0.1331 0.0248  0.0112  0.0197  1   G   A "C2'" 
8   O  "O2'" . G   A 1 ? 0.1109 0.1582 0.1562 0.0170  0.0164  0.0080  1   G   A "O2'" 
9   C  "C1'" . G   A 1 ? 0.0786 0.1576 0.1526 0.0189  0.0112  0.0187  1   G   A "C1'" 
10  N  N9    . G   A 1 ? 0.1036 0.1577 0.1243 -0.0030 0.0020  0.0197  1   G   A N9    
11  C  C8    . G   A 1 ? 0.1134 0.1511 0.1518 0.0007  0.0002  0.0227  1   G   A C8    
12  N  N7    . G   A 1 ? 0.1079 0.1544 0.1409 -0.0032 0.0034  0.0089  1   G   A N7    
13  C  C5    . G   A 1 ? 0.1022 0.1614 0.1144 -0.0127 0.0130  0.0107  1   G   A C5    
14  C  C6    . G   A 1 ? 0.0964 0.1424 0.1131 0.0102  0.0027  0.0161  1   G   A C6    
15  O  O6    . G   A 1 ? 0.1130 0.1521 0.1208 0.0054  -0.0046 0.0031  1   G   A O6    
16  N  N1    . G   A 1 ? 0.1186 0.1450 0.1019 -0.0007 0.0016  0.0143  1   G   A N1    
17  C  C2    . G   A 1 ? 0.1105 0.1521 0.1197 0.0106  -0.0019 0.0159  1   G   A C2    
18  N  N2    . G   A 1 ? 0.1148 0.1547 0.1384 0.0056  -0.0072 0.0061  1   G   A N2    
19  N  N3    . G   A 1 ? 0.1106 0.1596 0.1079 0.0173  0.0079  0.0142  1   G   A N3    
20  C  C4    . G   A 1 ? 0.0835 0.1641 0.1288 0.0110  0.0075  0.0156  1   G   A C4    
21  P  P     . C   A 2 ? 0.1106 0.1903 0.1387 0.0199  0.0093  0.0315  2   C   A P     
22  O  OP1   . C   A 2 ? 0.1489 0.2252 0.1350 0.0212  0.0053  0.0619  2   C   A OP1   
23  O  OP2   . C   A 2 ? 0.1647 0.2104 0.1374 0.0155  0.0168  0.0138  2   C   A OP2   
24  O  "O5'" . C   A 2 ? 0.1031 0.1630 0.1637 0.0111  0.0099  0.0307  2   C   A "O5'" 
25  C  "C5'" . C   A 2 ? 0.1158 0.1539 0.1778 0.0342  0.0245  0.0266  2   C   A "C5'" 
26  C  "C4'" . C   A 2 ? 0.0940 0.1528 0.1306 0.0232  0.0092  0.0370  2   C   A "C4'" 
27  O  "O4'" . C   A 2 ? 0.1148 0.1321 0.1626 0.0184  0.0230  0.0260  2   C   A "O4'" 
28  C  "C3'" . C   A 2 ? 0.1069 0.1341 0.1379 0.0073  0.0067  0.0343  2   C   A "C3'" 
29  O  "O3'" . C   A 2 ? 0.1166 0.1307 0.1346 0.0104  0.0162  0.0312  2   C   A "O3'" 
30  C  "C2'" . C   A 2 ? 0.1112 0.1350 0.1366 0.0084  0.0003  0.0279  2   C   A "C2'" 
31  O  "O2'" . C   A 2 ? 0.1516 0.1284 0.1471 -0.0007 0.0065  0.0271  2   C   A "O2'" 
32  C  "C1'" . C   A 2 ? 0.1192 0.1269 0.1413 0.0144  0.0114  0.0200  2   C   A "C1'" 
33  N  N1    . C   A 2 ? 0.1026 0.1245 0.1265 0.0170  0.0017  0.0226  2   C   A N1    
34  C  C2    . C   A 2 ? 0.0992 0.1278 0.1157 0.0198  0.0163  0.0167  2   C   A C2    
35  O  O2    . C   A 2 ? 0.1211 0.1173 0.1397 0.0086  -0.0082 0.0205  2   C   A O2    
36  N  N3    . C   A 2 ? 0.1105 0.1293 0.1042 0.0066  0.0128  0.0235  2   C   A N3    
37  C  C4    . C   A 2 ? 0.0960 0.1427 0.1154 0.0078  0.0199  0.0163  2   C   A C4    
38  N  N4    . C   A 2 ? 0.1163 0.1391 0.1121 0.0048  0.0059  0.0087  2   C   A N4    
39  C  C5    . C   A 2 ? 0.1113 0.1444 0.1115 0.0088  0.0059  0.0317  2   C   A C5    
40  C  C6    . C   A 2 ? 0.0997 0.1398 0.1201 0.0120  0.0184  0.0311  2   C   A C6    
41  P  P     . GRB A 3 ? 0.1109 0.1262 0.1273 0.0070  -0.0051 0.0224  3   GRB A P     
42  BR BR    . GRB A 3 ? 0.1216 0.1265 0.1145 0.0035  -0.0092 0.0159  3   GRB A BR    
43  N  N1    . GRB A 3 ? 0.1100 0.1237 0.1149 0.0149  -0.0035 0.0084  3   GRB A N1    
44  C  C2    . GRB A 3 ? 0.1192 0.1208 0.1178 0.0092  -0.0022 0.0183  3   GRB A C2    
45  N  N2    . GRB A 3 ? 0.1227 0.1330 0.1376 0.0076  -0.0200 0.0196  3   GRB A N2    
46  N  N3    . GRB A 3 ? 0.0892 0.1257 0.1275 0.0114  -0.0038 0.0096  3   GRB A N3    
47  C  C4    . GRB A 3 ? 0.1123 0.1094 0.1033 0.0201  0.0058  0.0094  3   GRB A C4    
48  C  C5    . GRB A 3 ? 0.0880 0.1160 0.1048 0.0148  0.0065  0.0019  3   GRB A C5    
49  C  C6    . GRB A 3 ? 0.0983 0.1248 0.1163 0.0103  0.0047  0.0149  3   GRB A C6    
50  O  O6    . GRB A 3 ? 0.1079 0.1173 0.1129 0.0069  0.0014  0.0019  3   GRB A O6    
51  N  N7    . GRB A 3 ? 0.1038 0.1177 0.1045 0.0091  -0.0029 0.0084  3   GRB A N7    
52  C  C8    . GRB A 3 ? 0.1232 0.1338 0.0802 0.0113  0.0020  0.0212  3   GRB A C8    
53  N  N9    . GRB A 3 ? 0.0982 0.1235 0.1145 0.0038  -0.0009 0.0046  3   GRB A N9    
54  C  "C1'" . GRB A 3 ? 0.1007 0.1063 0.1279 0.0093  -0.0005 0.0116  3   GRB A "C1'" 
55  C  "C2'" . GRB A 3 ? 0.1002 0.1183 0.1032 0.0034  0.0064  0.0040  3   GRB A "C2'" 
56  O  "O2'" . GRB A 3 ? 0.1136 0.1163 0.1175 0.0013  -0.0112 0.0049  3   GRB A "O2'" 
57  C  "C3'" . GRB A 3 ? 0.1063 0.1108 0.0958 0.0046  0.0041  0.0196  3   GRB A "C3'" 
58  O  "O3'" . GRB A 3 ? 0.1157 0.1109 0.1098 0.0031  0.0017  0.0081  3   GRB A "O3'" 
59  C  "C4'" . GRB A 3 ? 0.1172 0.1136 0.1012 0.0102  -0.0027 0.0096  3   GRB A "C4'" 
60  O  "O4'" . GRB A 3 ? 0.1048 0.1150 0.1084 0.0152  0.0004  0.0046  3   GRB A "O4'" 
61  C  "C5'" . GRB A 3 ? 0.0944 0.1284 0.1081 0.0139  -0.0024 0.0165  3   GRB A "C5'" 
62  O  "O5'" . GRB A 3 ? 0.0967 0.1262 0.1357 0.0108  -0.0088 0.0096  3   GRB A "O5'" 
63  O  OP1   . GRB A 3 ? 0.1166 0.1410 0.1254 -0.0133 -0.0228 0.0282  3   GRB A OP1   
64  O  OP2   . GRB A 3 ? 0.1234 0.1400 0.1275 0.0048  -0.0083 0.0454  3   GRB A OP2   
65  P  P     . G   A 4 ? 0.1261 0.1204 0.1043 0.0142  0.0018  0.0101  4   G   A P     
66  O  OP1   . G   A 4 ? 0.1397 0.1311 0.1378 0.0135  0.0320  0.0281  4   G   A OP1   
67  O  OP2   . G   A 4 ? 0.1349 0.1498 0.1206 0.0250  -0.0145 0.0027  4   G   A OP2   
68  O  "O5'" . G   A 4 ? 0.1027 0.0981 0.1215 0.0121  -0.0055 0.0054  4   G   A "O5'" 
69  C  "C5'" . G   A 4 ? 0.1103 0.1040 0.1234 0.0036  -0.0122 0.0049  4   G   A "C5'" 
70  C  "C4'" . G   A 4 ? 0.0983 0.1064 0.1009 0.0063  0.0092  0.0050  4   G   A "C4'" 
71  O  "O4'" . G   A 4 ? 0.1115 0.1032 0.0984 0.0020  0.0075  -0.0029 4   G   A "O4'" 
72  C  "C3'" . G   A 4 ? 0.0877 0.1120 0.1045 0.0067  0.0032  0.0078  4   G   A "C3'" 
73  O  "O3'" . G   A 4 ? 0.1089 0.1075 0.1018 0.0031  0.0094  0.0083  4   G   A "O3'" 
74  C  "C2'" . G   A 4 ? 0.0984 0.1055 0.0994 -0.0031 -0.0030 0.0063  4   G   A "C2'" 
75  O  "O2'" . G   A 4 ? 0.0978 0.1100 0.1132 -0.0032 -0.0021 0.0050  4   G   A "O2'" 
76  C  "C1'" . G   A 4 ? 0.0928 0.0950 0.1143 0.0022  -0.0046 -0.0080 4   G   A "C1'" 
77  N  N9    . G   A 4 ? 0.1009 0.0984 0.0955 -0.0005 0.0079  0.0038  4   G   A N9    
78  C  C8    . G   A 4 ? 0.0913 0.1203 0.1024 0.0144  0.0069  0.0050  4   G   A C8    
79  N  N7    . G   A 4 ? 0.1085 0.1023 0.1015 0.0052  -0.0044 0.0060  4   G   A N7    
80  C  C5    . G   A 4 ? 0.1012 0.1111 0.0835 0.0028  0.0043  0.0061  4   G   A C5    
81  C  C6    . G   A 4 ? 0.0796 0.1129 0.0968 0.0039  0.0081  0.0022  4   G   A C6    
82  O  O6    . G   A 4 ? 0.1005 0.1062 0.1074 -0.0013 0.0032  -0.0005 4   G   A O6    
83  N  N1    . G   A 4 ? 0.0823 0.1136 0.0918 0.0051  0.0025  0.0000  4   G   A N1    
84  C  C2    . G   A 4 ? 0.0930 0.1189 0.0883 0.0037  0.0204  -0.0026 4   G   A C2    
85  N  N2    . G   A 4 ? 0.0977 0.1038 0.1096 0.0082  -0.0016 0.0042  4   G   A N2    
86  N  N3    . G   A 4 ? 0.0933 0.1096 0.0944 0.0043  0.0033  0.0009  4   G   A N3    
87  C  C4    . G   A 4 ? 0.0954 0.1104 0.0921 0.0028  0.0110  -0.0079 4   G   A C4    
88  P  P     . C   A 5 ? 0.1336 0.1162 0.1132 0.0054  0.0259  0.0053  5   C   A P     
89  O  OP1   . C   A 5 ? 0.1296 0.1225 0.1604 -0.0208 0.0406  -0.0043 5   C   A OP1   
90  O  OP2   . C   A 5 ? 0.1602 0.1403 0.0941 0.0107  -0.0017 0.0087  5   C   A OP2   
91  O  "O5'" . C   A 5 ? 0.1265 0.0963 0.1377 0.0033  0.0165  -0.0022 5   C   A "O5'" 
92  C  "C5'" . C   A 5 ? 0.1364 0.1108 0.1566 0.0084  0.0051  0.0012  5   C   A "C5'" 
93  C  "C4'" . C   A 5 ? 0.1217 0.1169 0.1615 -0.0042 -0.0063 -0.0118 5   C   A "C4'" 
94  O  "O4'" . C   A 5 ? 0.1148 0.1139 0.1253 -0.0062 0.0059  -0.0007 5   C   A "O4'" 
95  C  "C3'" . C   A 5 ? 0.1131 0.1295 0.1550 0.0133  0.0284  -0.0139 5   C   A "C3'" 
96  O  "O3'" A C   A 5 ? 0.1482 0.1403 0.1540 0.0123  0.0202  -0.0165 5   C   A "O3'" 
97  O  "O3'" B C   A 5 ? 0.1362 0.1534 0.1702 0.0418  0.0454  -0.0081 5   C   A "O3'" 
98  C  "C2'" . C   A 5 ? 0.1149 0.1133 0.1546 0.0151  0.0047  0.0024  5   C   A "C2'" 
99  O  "O2'" . C   A 5 ? 0.1557 0.1078 0.1990 0.0104  -0.0231 -0.0149 5   C   A "O2'" 
100 C  "C1'" . C   A 5 ? 0.1150 0.1051 0.1274 -0.0082 -0.0077 -0.0039 5   C   A "C1'" 
101 N  N1    . C   A 5 ? 0.1082 0.1130 0.1058 0.0018  0.0112  -0.0038 5   C   A N1    
102 C  C2    . C   A 5 ? 0.1039 0.1155 0.1118 -0.0151 0.0138  -0.0018 5   C   A C2    
103 O  O2    . C   A 5 ? 0.1111 0.1096 0.1181 -0.0070 -0.0069 0.0031  5   C   A O2    
104 N  N3    . C   A 5 ? 0.1104 0.1175 0.0962 -0.0049 0.0151  0.0002  5   C   A N3    
105 C  C4    . C   A 5 ? 0.1066 0.1134 0.0936 0.0004  0.0131  0.0035  5   C   A C4    
106 N  N4    . C   A 5 ? 0.1206 0.1151 0.1065 -0.0032 0.0077  0.0006  5   C   A N4    
107 C  C5    . C   A 5 ? 0.1288 0.1202 0.0892 -0.0067 0.0082  -0.0028 5   C   A C5    
108 C  C6    . C   A 5 ? 0.1307 0.1148 0.1028 0.0107  0.0120  -0.0041 5   C   A C6    
109 P  P     A G   A 6 ? 0.1191 0.1408 0.1589 -0.0042 0.0310  -0.0110 6   G   A P     
110 P  P     B G   A 6 ? 0.1380 0.1175 0.1494 -0.0077 0.0123  -0.0043 6   G   A P     
111 O  OP1   A G   A 6 ? 0.1139 0.1711 0.1720 -0.0190 0.0469  -0.0429 6   G   A OP1   
112 O  OP1   B G   A 6 ? 0.1159 0.1872 0.1853 -0.0321 0.0111  0.0114  6   G   A OP1   
113 O  OP2   A G   A 6 ? 0.1545 0.1295 0.1849 -0.0044 0.0315  -0.0075 6   G   A OP2   
114 O  OP2   B G   A 6 ? 0.1342 0.1410 0.1924 0.0045  0.0146  0.0167  6   G   A OP2   
115 O  "O5'" A G   A 6 ? 0.1243 0.1308 0.1749 -0.0066 0.0264  -0.0202 6   G   A "O5'" 
116 O  "O5'" B G   A 6 ? 0.1438 0.1331 0.1888 0.0358  -0.0300 -0.0294 6   G   A "O5'" 
117 C  "C5'" A G   A 6 ? 0.1006 0.1296 0.1638 -0.0057 0.0187  -0.0109 6   G   A "C5'" 
118 C  "C5'" B G   A 6 ? 0.1201 0.1587 0.1478 -0.0023 -0.0107 0.0069  6   G   A "C5'" 
119 C  "C4'" A G   A 6 ? 0.1289 0.1334 0.1214 -0.0072 0.0135  -0.0006 6   G   A "C4'" 
120 C  "C4'" B G   A 6 ? 0.1022 0.1625 0.1005 0.0048  0.0204  0.0077  6   G   A "C4'" 
121 O  "O4'" A G   A 6 ? 0.1085 0.1250 0.1073 -0.0073 0.0065  0.0098  6   G   A "O4'" 
122 O  "O4'" B G   A 6 ? 0.0922 0.1816 0.1093 -0.0002 0.0076  0.0067  6   G   A "O4'" 
123 C  "C3'" A G   A 6 ? 0.0995 0.1324 0.1205 0.0063  0.0062  0.0180  6   G   A "C3'" 
124 C  "C3'" B G   A 6 ? 0.0967 0.1646 0.1058 0.0061  0.0160  0.0108  6   G   A "C3'" 
125 O  "O3'" A G   A 6 ? 0.1170 0.1359 0.1148 0.0059  0.0300  0.0045  6   G   A "O3'" 
126 O  "O3'" B G   A 6 ? 0.1310 0.1460 0.1111 0.0128  0.0177  0.0150  6   G   A "O3'" 
127 C  "C2'" A G   A 6 ? 0.1119 0.1223 0.1016 -0.0012 0.0038  0.0194  6   G   A "C2'" 
128 C  "C2'" B G   A 6 ? 0.1064 0.1443 0.1125 0.0038  -0.0014 0.0227  6   G   A "C2'" 
129 O  "O2'" A G   A 6 ? 0.1246 0.1122 0.1206 0.0130  -0.0043 0.0223  6   G   A "O2'" 
130 O  "O2'" B G   A 6 ? 0.1110 0.1434 0.1309 -0.0115 -0.0054 0.0437  6   G   A "O2'" 
131 C  "C1'" A G   A 6 ? 0.1087 0.1235 0.1201 0.0170  0.0090  0.0047  6   G   A "C1'" 
132 C  "C1'" B G   A 6 ? 0.1013 0.1610 0.0958 0.0002  0.0044  0.0223  6   G   A "C1'" 
133 N  N9    A G   A 6 ? 0.1051 0.1278 0.0881 0.0088  0.0105  -0.0036 6   G   A N9    
134 N  N9    B G   A 6 ? 0.0951 0.1382 0.1056 -0.0060 -0.0003 0.0160  6   G   A N9    
135 C  C8    A G   A 6 ? 0.1270 0.1351 0.1140 0.0180  -0.0062 0.0074  6   G   A C8    
136 C  C8    B G   A 6 ? 0.1278 0.1473 0.1034 -0.0082 0.0151  0.0036  6   G   A C8    
137 N  N7    A G   A 6 ? 0.1247 0.1335 0.1024 0.0014  -0.0032 0.0017  6   G   A N7    
138 N  N7    B G   A 6 ? 0.1250 0.1566 0.0966 -0.0072 0.0075  0.0013  6   G   A N7    
139 C  C5    A G   A 6 ? 0.1357 0.1429 0.1034 0.0052  -0.0049 -0.0079 6   G   A C5    
140 C  C5    B G   A 6 ? 0.1147 0.1430 0.0844 -0.0012 0.0000  0.0145  6   G   A C5    
141 C  C6    A G   A 6 ? 0.1437 0.1355 0.0853 0.0174  -0.0008 0.0061  6   G   A C6    
142 C  C6    B G   A 6 ? 0.1256 0.1451 0.0823 0.0034  0.0056  0.0125  6   G   A C6    
143 O  O6    A G   A 6 ? 0.1420 0.1451 0.1105 0.0196  0.0078  -0.0002 6   G   A O6    
144 O  O6    B G   A 6 ? 0.1130 0.1400 0.1262 0.0075  -0.0080 0.0186  6   G   A O6    
145 N  N1    A G   A 6 ? 0.1381 0.1437 0.1016 0.0081  0.0164  0.0133  6   G   A N1    
146 N  N1    B G   A 6 ? 0.1120 0.1324 0.0759 0.0043  -0.0012 0.0128  6   G   A N1    
147 C  C2    A G   A 6 ? 0.1134 0.1302 0.0905 0.0107  0.0108  0.0168  6   G   A C2    
148 C  C2    B G   A 6 ? 0.1011 0.1407 0.0982 0.0051  0.0108  0.0066  6   G   A C2    
149 N  N2    A G   A 6 ? 0.1263 0.1506 0.0980 -0.0236 0.0177  0.0202  6   G   A N2    
150 N  N2    B G   A 6 ? 0.0904 0.1252 0.1200 0.0015  0.0034  0.0214  6   G   A N2    
151 N  N3    A G   A 6 ? 0.1258 0.1349 0.0809 0.0130  0.0006  0.0135  6   G   A N3    
152 N  N3    B G   A 6 ? 0.1001 0.1395 0.0795 -0.0093 0.0076  0.0138  6   G   A N3    
153 C  C4    A G   A 6 ? 0.1298 0.1322 0.0623 0.0153  0.0020  0.0067  6   G   A C4    
154 C  C4    B G   A 6 ? 0.1113 0.1546 0.0867 0.0003  -0.0036 -0.0022 6   G   A C4    
155 P  P     . G   A 7 ? 0.1487 0.1768 0.1110 0.0132  0.0147  0.0125  7   G   A P     
156 O  OP1   . G   A 7 ? 0.1725 0.2274 0.1470 0.0274  0.0250  -0.0070 7   G   A OP1   
157 O  OP2   . G   A 7 ? 0.1703 0.1814 0.1593 -0.0032 0.0111  0.0431  7   G   A OP2   
158 O  "O5'" . G   A 7 ? 0.1527 0.1627 0.1428 0.0133  -0.0034 -0.0053 7   G   A "O5'" 
159 C  "C5'" . G   A 7 ? 0.1737 0.1574 0.1900 0.0087  -0.0127 -0.0071 7   G   A "C5'" 
160 C  "C4'" . G   A 7 ? 0.1666 0.1612 0.1783 0.0075  -0.0191 -0.0058 7   G   A "C4'" 
161 O  "O4'" . G   A 7 ? 0.1578 0.1681 0.1607 -0.0064 -0.0216 0.0145  7   G   A "O4'" 
162 C  "C3'" . G   A 7 ? 0.1769 0.1709 0.1624 0.0138  -0.0083 -0.0045 7   G   A "C3'" 
163 O  "O3'" . G   A 7 ? 0.2027 0.1899 0.1873 0.0298  -0.0347 -0.0359 7   G   A "O3'" 
164 C  "C2'" . G   A 7 ? 0.1605 0.1702 0.1526 0.0020  -0.0306 0.0161  7   G   A "C2'" 
165 O  "O2'" . G   A 7 ? 0.1926 0.1455 0.2412 -0.0226 -0.0450 -0.0004 7   G   A "O2'" 
166 C  "C1'" . G   A 7 ? 0.1436 0.1783 0.1559 0.0010  -0.0290 0.0161  7   G   A "C1'" 
167 N  N9    . G   A 7 ? 0.1522 0.1681 0.1117 -0.0120 -0.0093 0.0131  7   G   A N9    
168 C  C8    . G   A 7 ? 0.1324 0.1735 0.1026 -0.0089 -0.0019 0.0264  7   G   A C8    
169 N  N7    . G   A 7 ? 0.1508 0.1587 0.1089 -0.0062 -0.0053 0.0240  7   G   A N7    
170 C  C5    . G   A 7 ? 0.1524 0.1574 0.0844 0.0010  0.0039  0.0119  7   G   A C5    
171 C  C6    . G   A 7 ? 0.1520 0.1669 0.0774 0.0001  -0.0025 0.0157  7   G   A C6    
172 O  O6    . G   A 7 ? 0.1570 0.1645 0.1101 0.0056  0.0008  0.0160  7   G   A O6    
173 N  N1    . G   A 7 ? 0.1507 0.1668 0.1018 0.0041  0.0051  0.0210  7   G   A N1    
174 C  C2    . G   A 7 ? 0.1389 0.1736 0.1047 -0.0136 0.0094  0.0140  7   G   A C2    
175 N  N2    . G   A 7 ? 0.1279 0.1888 0.1256 -0.0111 -0.0017 0.0139  7   G   A N2    
176 N  N3    . G   A 7 ? 0.1432 0.1637 0.1133 -0.0140 0.0076  0.0288  7   G   A N3    
177 C  C4    . G   A 7 ? 0.1370 0.1670 0.1083 -0.0022 -0.0058 0.0125  7   G   A C4    
178 P  P     . C   A 8 ? 0.2312 0.2592 0.1750 0.0383  -0.0055 -0.0342 8   C   A P     
179 O  OP1   . C   A 8 ? 0.2412 0.2913 0.2385 0.0459  0.0044  -0.0531 8   C   A OP1   
180 O  OP2   . C   A 8 ? 0.2468 0.2960 0.2089 -0.0112 0.0083  -0.0095 8   C   A OP2   
181 O  "O5'" . C   A 8 ? 0.2221 0.2202 0.1842 0.0235  -0.0346 -0.0248 8   C   A "O5'" 
182 C  "C5'" . C   A 8 ? 0.2475 0.2229 0.1946 0.0125  -0.0355 -0.0199 8   C   A "C5'" 
183 C  "C4'" . C   A 8 ? 0.2330 0.2095 0.1694 0.0072  -0.0234 0.0133  8   C   A "C4'" 
184 O  "O4'" . C   A 8 ? 0.2362 0.1845 0.1598 0.0218  -0.0165 0.0337  8   C   A "O4'" 
185 C  "C3'" . C   A 8 ? 0.2566 0.2296 0.1498 0.0036  -0.0291 -0.0034 8   C   A "C3'" 
186 O  "O3'" . C   A 8 ? 0.2966 0.2412 0.2001 0.0070  -0.0442 -0.0189 8   C   A "O3'" 
187 C  "C2'" . C   A 8 ? 0.2220 0.1925 0.1761 -0.0148 -0.0189 0.0325  8   C   A "C2'" 
188 O  "O2'" . C   A 8 ? 0.2317 0.2012 0.2053 -0.0129 -0.0412 0.0362  8   C   A "O2'" 
189 C  "C1'" . C   A 8 ? 0.1939 0.1924 0.1491 -0.0059 -0.0280 0.0394  8   C   A "C1'" 
190 N  N1    . C   A 8 ? 0.1870 0.1892 0.1199 0.0043  -0.0082 0.0374  8   C   A N1    
191 C  C2    . C   A 8 ? 0.1869 0.2114 0.0932 0.0103  -0.0013 0.0533  8   C   A C2    
192 O  O2    . C   A 8 ? 0.1833 0.2080 0.1306 -0.0053 0.0018  0.0411  8   C   A O2    
193 N  N3    . C   A 8 ? 0.2062 0.2013 0.1006 0.0097  0.0026  0.0327  8   C   A N3    
194 C  C4    . C   A 8 ? 0.2022 0.1858 0.0883 0.0116  0.0033  0.0329  8   C   A C4    
195 N  N4    . C   A 8 ? 0.2092 0.1939 0.0980 0.0094  0.0033  0.0181  8   C   A N4    
196 C  C5    . C   A 8 ? 0.2139 0.2033 0.0926 0.0142  0.0031  0.0292  8   C   A C5    
197 C  C6    . C   A 8 ? 0.2126 0.1895 0.1030 -0.0003 -0.0032 0.0352  8   C   A C6    
198 O  "O5'" . G   B 1 ? 0.2937 0.2455 0.3397 0.0079  0.0307  0.0257  1   G   B "O5'" 
199 C  "C5'" . G   B 1 ? 0.2783 0.2388 0.3251 0.0273  0.0332  0.0331  1   G   B "C5'" 
200 C  "C4'" . G   B 1 ? 0.2551 0.2211 0.2592 0.0401  0.0199  0.0603  1   G   B "C4'" 
201 O  "O4'" . G   B 1 ? 0.2669 0.2376 0.2229 0.0546  0.0069  0.0892  1   G   B "O4'" 
202 C  "C3'" . G   B 1 ? 0.2430 0.1967 0.2272 0.0326  0.0199  0.0594  1   G   B "C3'" 
203 O  "O3'" . G   B 1 ? 0.2296 0.2152 0.2512 0.0529  0.0276  0.0528  1   G   B "O3'" 
204 C  "C2'" . G   B 1 ? 0.2499 0.2371 0.2002 0.0226  0.0068  0.0525  1   G   B "C2'" 
205 O  "O2'" . G   B 1 ? 0.2785 0.2600 0.2384 0.0617  -0.0293 0.0287  1   G   B "O2'" 
206 C  "C1'" . G   B 1 ? 0.2352 0.2255 0.1915 0.0409  0.0019  0.0745  1   G   B "C1'" 
207 N  N9    . G   B 1 ? 0.2209 0.2178 0.1709 0.0276  0.0164  0.0495  1   G   B N9    
208 C  C8    . G   B 1 ? 0.2463 0.2338 0.1674 0.0210  -0.0151 0.0541  1   G   B C8    
209 N  N7    . G   B 1 ? 0.2320 0.2206 0.1755 0.0295  0.0141  0.0456  1   G   B N7    
210 C  C5    . G   B 1 ? 0.2231 0.2214 0.1239 0.0358  0.0150  0.0599  1   G   B C5    
211 C  C6    . G   B 1 ? 0.2146 0.2131 0.1084 0.0213  0.0071  0.0578  1   G   B C6    
212 O  O6    . G   B 1 ? 0.2188 0.1923 0.1310 0.0169  0.0014  0.0248  1   G   B O6    
213 N  N1    . G   B 1 ? 0.1993 0.2182 0.1110 0.0094  0.0120  0.0533  1   G   B N1    
214 C  C2    . G   B 1 ? 0.2055 0.2306 0.1196 0.0043  -0.0007 0.0420  1   G   B C2    
215 N  N2    . G   B 1 ? 0.2127 0.2268 0.1259 0.0077  -0.0008 0.0494  1   G   B N2    
216 N  N3    . G   B 1 ? 0.2013 0.2415 0.1291 0.0212  0.0036  0.0576  1   G   B N3    
217 C  C4    . G   B 1 ? 0.2092 0.2280 0.1495 0.0319  0.0160  0.0569  1   G   B C4    
218 P  P     . C   B 2 ? 0.2373 0.2377 0.2582 0.0592  0.0395  0.0593  2   C   B P     
219 O  OP1   . C   B 2 ? 0.2363 0.2678 0.3179 0.0646  0.0437  0.0608  2   C   B OP1   
220 O  OP2   . C   B 2 ? 0.3031 0.2433 0.2497 0.0404  0.0363  0.0329  2   C   B OP2   
221 O  "O5'" . C   B 2 ? 0.2066 0.2088 0.2429 0.0432  0.0022  0.0643  2   C   B "O5'" 
222 C  "C5'" . C   B 2 ? 0.1989 0.2139 0.2404 0.0399  -0.0367 0.0680  2   C   B "C5'" 
223 C  "C4'" . C   B 2 ? 0.1759 0.2095 0.2455 0.0270  -0.0514 0.0676  2   C   B "C4'" 
224 O  "O4'" . C   B 2 ? 0.1953 0.2284 0.2005 0.0263  -0.0529 0.0597  2   C   B "O4'" 
225 C  "C3'" . C   B 2 ? 0.1732 0.1930 0.2282 0.0292  -0.0294 0.0648  2   C   B "C3'" 
226 O  "O3'" . C   B 2 ? 0.1436 0.1946 0.2553 0.0080  -0.0392 0.0669  2   C   B "O3'" 
227 C  "C2'" . C   B 2 ? 0.1986 0.1860 0.2018 0.0223  -0.0427 0.0467  2   C   B "C2'" 
228 O  "O2'" . C   B 2 ? 0.1986 0.2222 0.2387 -0.0286 -0.0724 0.0270  2   C   B "O2'" 
229 C  "C1'" . C   B 2 ? 0.1748 0.1943 0.1913 0.0193  -0.0588 0.0633  2   C   B "C1'" 
230 N  N1    . C   B 2 ? 0.1826 0.1908 0.1461 0.0014  -0.0199 0.0574  2   C   B N1    
231 C  C2    . C   B 2 ? 0.1576 0.2048 0.1062 0.0073  -0.0183 0.0474  2   C   B C2    
232 O  O2    . C   B 2 ? 0.1712 0.1930 0.1315 0.0030  -0.0097 0.0234  2   C   B O2    
233 N  N3    . C   B 2 ? 0.1606 0.1826 0.1017 0.0064  0.0019  0.0333  2   C   B N3    
234 C  C4    . C   B 2 ? 0.1945 0.1767 0.1016 -0.0003 -0.0055 0.0520  2   C   B C4    
235 N  N4    . C   B 2 ? 0.1847 0.1704 0.1427 -0.0160 0.0012  0.0348  2   C   B N4    
236 C  C5    . C   B 2 ? 0.1688 0.1864 0.1497 0.0057  -0.0077 0.0443  2   C   B C5    
237 C  C6    . C   B 2 ? 0.1934 0.1940 0.1391 0.0069  -0.0097 0.0507  2   C   B C6    
238 P  P     . GRB B 3 ? 0.1245 0.1847 0.2555 0.0231  -0.0107 0.0572  3   GRB B P     
239 BR BR    . GRB B 3 ? 0.1397 0.1607 0.1492 0.0053  0.0034  0.0327  3   GRB B BR    
240 N  N1    . GRB B 3 ? 0.1169 0.1538 0.1317 0.0097  -0.0070 0.0270  3   GRB B N1    
241 C  C2    . GRB B 3 ? 0.1265 0.1568 0.1205 0.0208  0.0078  0.0422  3   GRB B C2    
242 N  N2    . GRB B 3 ? 0.1272 0.1646 0.1701 0.0286  0.0020  0.0414  3   GRB B N2    
243 N  N3    . GRB B 3 ? 0.1227 0.1489 0.1379 0.0091  0.0015  0.0333  3   GRB B N3    
244 C  C4    . GRB B 3 ? 0.1297 0.1577 0.1003 0.0050  0.0004  0.0376  3   GRB B C4    
245 C  C5    . GRB B 3 ? 0.1169 0.1497 0.1129 0.0026  0.0107  0.0358  3   GRB B C5    
246 C  C6    . GRB B 3 ? 0.1263 0.1508 0.1056 0.0148  0.0103  0.0298  3   GRB B C6    
247 O  O6    . GRB B 3 ? 0.1228 0.1638 0.1349 -0.0065 -0.0029 0.0241  3   GRB B O6    
248 N  N7    . GRB B 3 ? 0.1256 0.1430 0.1073 0.0018  0.0092  0.0276  3   GRB B N7    
249 C  C8    . GRB B 3 ? 0.0950 0.1893 0.1084 -0.0071 0.0102  0.0323  3   GRB B C8    
250 N  N9    . GRB B 3 ? 0.1224 0.1532 0.1291 0.0049  0.0015  0.0364  3   GRB B N9    
251 C  "C1'" . GRB B 3 ? 0.1122 0.1735 0.1220 0.0018  -0.0129 0.0328  3   GRB B "C1'" 
252 C  "C2'" . GRB B 3 ? 0.1280 0.1554 0.1240 -0.0127 -0.0018 0.0188  3   GRB B "C2'" 
253 O  "O2'" . GRB B 3 ? 0.1346 0.1565 0.1403 -0.0085 0.0001  0.0089  3   GRB B "O2'" 
254 C  "C3'" . GRB B 3 ? 0.1266 0.1444 0.1377 -0.0004 -0.0063 0.0227  3   GRB B "C3'" 
255 O  "O3'" . GRB B 3 ? 0.0884 0.1389 0.1411 -0.0023 -0.0003 0.0324  3   GRB B "O3'" 
256 C  "C4'" . GRB B 3 ? 0.1229 0.1632 0.1300 0.0136  -0.0023 0.0395  3   GRB B "C4'" 
257 O  "O4'" . GRB B 3 ? 0.1226 0.1660 0.1337 -0.0029 -0.0171 0.0401  3   GRB B "O4'" 
258 C  "C5'" . GRB B 3 ? 0.1242 0.1657 0.1621 0.0263  0.0066  0.0460  3   GRB B "C5'" 
259 O  "O5'" . GRB B 3 ? 0.1323 0.1833 0.1898 0.0121  -0.0290 0.0517  3   GRB B "O5'" 
260 O  OP1   . GRB B 3 ? 0.1660 0.1776 0.2305 0.0498  0.0299  0.0341  3   GRB B OP1   
261 O  OP2   . GRB B 3 ? 0.1282 0.2387 0.3252 0.0285  0.0030  0.0496  3   GRB B OP2   
262 P  P     . G   B 4 ? 0.1146 0.1322 0.1267 0.0163  -0.0006 0.0140  4   G   B P     
263 O  OP1   . G   B 4 ? 0.1132 0.1410 0.1407 -0.0032 0.0148  0.0259  4   G   B OP1   
264 O  OP2   . G   B 4 ? 0.1256 0.1378 0.1449 0.0237  -0.0051 0.0149  4   G   B OP2   
265 O  "O5'" . G   B 4 ? 0.0894 0.1230 0.1328 0.0140  -0.0065 0.0035  4   G   B "O5'" 
266 C  "C5'" . G   B 4 ? 0.1015 0.1158 0.1341 0.0187  -0.0129 -0.0107 4   G   B "C5'" 
267 C  "C4'" . G   B 4 ? 0.1120 0.1181 0.0927 -0.0011 -0.0053 0.0181  4   G   B "C4'" 
268 O  "O4'" . G   B 4 ? 0.1115 0.1268 0.0998 -0.0021 -0.0072 0.0094  4   G   B "O4'" 
269 C  "C3'" . G   B 4 ? 0.0914 0.1217 0.0846 0.0100  -0.0095 0.0100  4   G   B "C3'" 
270 O  "O3'" . G   B 4 ? 0.1003 0.1210 0.0965 -0.0098 -0.0032 0.0170  4   G   B "O3'" 
271 C  "C2'" . G   B 4 ? 0.0904 0.1101 0.1141 0.0059  -0.0135 0.0035  4   G   B "C2'" 
272 O  "O2'" . G   B 4 ? 0.0931 0.1121 0.1265 0.0074  0.0084  0.0036  4   G   B "O2'" 
273 C  "C1'" . G   B 4 ? 0.1059 0.1068 0.1100 -0.0023 -0.0135 0.0023  4   G   B "C1'" 
274 N  N9    . G   B 4 ? 0.1046 0.1167 0.0964 0.0149  -0.0009 0.0111  4   G   B N9    
275 C  C8    . G   B 4 ? 0.1199 0.1199 0.1052 0.0093  0.0011  0.0123  4   G   B C8    
276 N  N7    . G   B 4 ? 0.1013 0.1192 0.1134 0.0047  -0.0006 0.0161  4   G   B N7    
277 C  C5    . G   B 4 ? 0.1047 0.1245 0.0933 -0.0025 0.0078  0.0128  4   G   B C5    
278 C  C6    . G   B 4 ? 0.0986 0.1178 0.1052 0.0044  0.0174  0.0040  4   G   B C6    
279 O  O6    . G   B 4 ? 0.1135 0.1030 0.1203 0.0095  0.0088  0.0041  4   G   B O6    
280 N  N1    . G   B 4 ? 0.1053 0.1047 0.1035 0.0073  -0.0035 0.0029  4   G   B N1    
281 C  C2    . G   B 4 ? 0.0843 0.1143 0.0975 0.0008  0.0044  0.0038  4   G   B C2    
282 N  N2    . G   B 4 ? 0.1094 0.1153 0.1083 -0.0040 -0.0050 0.0166  4   G   B N2    
283 N  N3    . G   B 4 ? 0.0977 0.1167 0.0863 0.0008  -0.0054 0.0166  4   G   B N3    
284 C  C4    . G   B 4 ? 0.0950 0.1121 0.0892 0.0029  -0.0004 0.0053  4   G   B C4    
285 P  P     . C   B 5 ? 0.1043 0.1228 0.1008 -0.0074 -0.0010 0.0086  5   C   B P     
286 O  OP1   . C   B 5 ? 0.1332 0.1318 0.1116 -0.0158 0.0093  0.0154  5   C   B OP1   
287 O  OP2   . C   B 5 ? 0.1085 0.1326 0.1193 0.0091  0.0067  -0.0040 5   C   B OP2   
288 O  "O5'" . C   B 5 ? 0.0993 0.1013 0.1089 0.0045  -0.0050 0.0046  5   C   B "O5'" 
289 C  "C5'" . C   B 5 ? 0.1039 0.1042 0.0946 0.0096  -0.0019 0.0013  5   C   B "C5'" 
290 C  "C4'" . C   B 5 ? 0.0996 0.1109 0.0908 0.0133  0.0069  0.0103  5   C   B "C4'" 
291 O  "O4'" . C   B 5 ? 0.1068 0.1061 0.0917 -0.0009 0.0001  0.0015  5   C   B "O4'" 
292 C  "C3'" . C   B 5 ? 0.0949 0.1035 0.0750 0.0023  -0.0034 0.0031  5   C   B "C3'" 
293 O  "O3'" . C   B 5 ? 0.1115 0.1045 0.0855 0.0108  0.0016  -0.0003 5   C   B "O3'" 
294 C  "C2'" . C   B 5 ? 0.0788 0.1042 0.1168 0.0110  0.0064  -0.0082 5   C   B "C2'" 
295 O  "O2'" . C   B 5 ? 0.1024 0.1215 0.1021 0.0120  -0.0046 -0.0012 5   C   B "O2'" 
296 C  "C1'" . C   B 5 ? 0.1008 0.0978 0.0964 -0.0002 0.0017  -0.0003 5   C   B "C1'" 
297 N  N1    . C   B 5 ? 0.0985 0.1153 0.0919 -0.0022 -0.0006 0.0098  5   C   B N1    
298 C  C2    . C   B 5 ? 0.0979 0.1082 0.0990 -0.0089 0.0004  -0.0031 5   C   B C2    
299 O  O2    . C   B 5 ? 0.1024 0.1059 0.1199 -0.0116 -0.0007 0.0035  5   C   B O2    
300 N  N3    . C   B 5 ? 0.1058 0.1052 0.0933 -0.0018 0.0020  0.0076  5   C   B N3    
301 C  C4    . C   B 5 ? 0.0980 0.1125 0.0900 0.0013  0.0070  0.0012  5   C   B C4    
302 N  N4    . C   B 5 ? 0.1116 0.1183 0.1096 0.0072  -0.0045 0.0024  5   C   B N4    
303 C  C5    . C   B 5 ? 0.1118 0.1114 0.0907 0.0019  -0.0011 0.0009  5   C   B C5    
304 C  C6    . C   B 5 ? 0.1157 0.1132 0.0832 0.0017  -0.0012 0.0014  5   C   B C6    
305 P  P     . G   B 6 ? 0.1006 0.1092 0.0966 -0.0006 -0.0001 0.0038  6   G   B P     
306 O  OP1   . G   B 6 ? 0.1418 0.1192 0.0793 -0.0102 -0.0012 0.0182  6   G   B OP1   
307 O  OP2   . G   B 6 ? 0.0970 0.1262 0.1148 0.0062  0.0104  -0.0125 6   G   B OP2   
308 O  "O5'" . G   B 6 ? 0.0863 0.1041 0.1144 -0.0101 -0.0076 -0.0043 6   G   B "O5'" 
309 C  "C5'" . G   B 6 ? 0.1029 0.1091 0.1249 -0.0125 -0.0037 -0.0038 6   G   B "C5'" 
310 C  "C4'" . G   B 6 ? 0.1002 0.1035 0.0926 0.0032  -0.0010 -0.0054 6   G   B "C4'" 
311 O  "O4'" . G   B 6 ? 0.1045 0.1006 0.0919 0.0030  0.0027  -0.0025 6   G   B "O4'" 
312 C  "C3'" . G   B 6 ? 0.1112 0.0914 0.0973 0.0079  0.0037  0.0016  6   G   B "C3'" 
313 O  "O3'" . G   B 6 ? 0.1206 0.0971 0.0879 0.0110  -0.0032 0.0001  6   G   B "O3'" 
314 C  "C2'" . G   B 6 ? 0.1005 0.1154 0.0998 -0.0030 -0.0031 0.0120  6   G   B "C2'" 
315 O  "O2'" . G   B 6 ? 0.0993 0.1173 0.1031 -0.0038 -0.0059 0.0014  6   G   B "O2'" 
316 C  "C1'" . G   B 6 ? 0.1022 0.0972 0.1030 0.0098  0.0004  -0.0027 6   G   B "C1'" 
317 N  N9    . G   B 6 ? 0.1066 0.0961 0.0948 -0.0024 -0.0054 0.0069  6   G   B N9    
318 C  C8    . G   B 6 ? 0.0855 0.1252 0.0942 -0.0017 -0.0058 0.0018  6   G   B C8    
319 N  N7    . G   B 6 ? 0.1042 0.1176 0.1130 -0.0055 -0.0033 -0.0010 6   G   B N7    
320 C  C5    . G   B 6 ? 0.1133 0.1185 0.0958 -0.0080 0.0062  0.0020  6   G   B C5    
321 C  C6    . G   B 6 ? 0.0952 0.1134 0.0999 0.0034  -0.0006 -0.0037 6   G   B C6    
322 O  O6    . G   B 6 ? 0.0975 0.1194 0.1139 0.0006  -0.0014 -0.0049 6   G   B O6    
323 N  N1    . G   B 6 ? 0.0973 0.1120 0.0913 0.0079  0.0043  0.0050  6   G   B N1    
324 C  C2    . G   B 6 ? 0.0892 0.1174 0.0903 -0.0005 0.0032  0.0099  6   G   B C2    
325 N  N2    . G   B 6 ? 0.1069 0.1051 0.0985 0.0009  0.0042  0.0080  6   G   B N2    
326 N  N3    . G   B 6 ? 0.0928 0.1114 0.0878 0.0004  0.0004  0.0059  6   G   B N3    
327 C  C4    . G   B 6 ? 0.0928 0.1146 0.0839 0.0009  -0.0002 -0.0014 6   G   B C4    
328 P  P     . G   B 7 ? 0.1164 0.1040 0.0971 -0.0011 0.0048  -0.0023 7   G   B P     
329 O  OP1   . G   B 7 ? 0.1470 0.1190 0.0885 -0.0025 0.0081  0.0006  7   G   B OP1   
330 O  OP2   . G   B 7 ? 0.1020 0.1249 0.1328 -0.0161 0.0101  -0.0133 7   G   B OP2   
331 O  "O5'" . G   B 7 ? 0.1152 0.1003 0.1019 0.0009  -0.0043 -0.0112 7   G   B "O5'" 
332 C  "C5'" . G   B 7 ? 0.0905 0.1051 0.1075 0.0070  -0.0030 -0.0059 7   G   B "C5'" 
333 C  "C4'" . G   B 7 ? 0.1038 0.1017 0.0848 0.0095  0.0017  0.0034  7   G   B "C4'" 
334 O  "O4'" . G   B 7 ? 0.1005 0.1090 0.1026 0.0177  0.0045  -0.0035 7   G   B "O4'" 
335 C  "C3'" . G   B 7 ? 0.1013 0.1136 0.0793 0.0130  0.0022  0.0110  7   G   B "C3'" 
336 O  "O3'" . G   B 7 ? 0.1018 0.1161 0.0956 0.0037  0.0062  0.0048  7   G   B "O3'" 
337 C  "C2'" . G   B 7 ? 0.0947 0.1212 0.1065 -0.0111 -0.0019 -0.0020 7   G   B "C2'" 
338 O  "O2'" . G   B 7 ? 0.1078 0.1053 0.1239 0.0040  0.0126  -0.0089 7   G   B "O2'" 
339 C  "C1'" . G   B 7 ? 0.0983 0.1131 0.0936 0.0092  0.0160  -0.0006 7   G   B "C1'" 
340 N  N9    . G   B 7 ? 0.1013 0.1099 0.1051 0.0000  0.0109  -0.0049 7   G   B N9    
341 C  C8    . G   B 7 ? 0.1060 0.1223 0.0988 -0.0055 0.0100  -0.0118 7   G   B C8    
342 N  N7    . G   B 7 ? 0.1024 0.1192 0.1031 0.0028  0.0055  -0.0032 7   G   B N7    
343 C  C5    . G   B 7 ? 0.1047 0.1112 0.1102 0.0123  0.0166  0.0007  7   G   B C5    
344 C  C6    . G   B 7 ? 0.0916 0.1112 0.1181 0.0145  0.0113  -0.0082 7   G   B C6    
345 O  O6    . G   B 7 ? 0.1061 0.1264 0.1128 0.0050  -0.0015 0.0052  7   G   B O6    
346 N  N1    . G   B 7 ? 0.1107 0.1172 0.1041 0.0066  0.0089  0.0082  7   G   B N1    
347 C  C2    . G   B 7 ? 0.1160 0.1142 0.0957 -0.0061 0.0007  0.0077  7   G   B C2    
348 N  N2    . G   B 7 ? 0.1200 0.1084 0.1112 0.0081  0.0034  0.0079  7   G   B N2    
349 N  N3    . G   B 7 ? 0.1178 0.1099 0.1065 0.0080  0.0017  0.0058  7   G   B N3    
350 C  C4    . G   B 7 ? 0.1034 0.1159 0.0924 0.0009  0.0075  0.0054  7   G   B C4    
351 P  P     . C   B 8 ? 0.1119 0.1176 0.0982 0.0042  0.0084  0.0006  8   C   B P     
352 O  OP1   . C   B 8 ? 0.1560 0.1362 0.0869 0.0289  0.0072  0.0106  8   C   B OP1   
353 O  OP2   . C   B 8 ? 0.1195 0.1392 0.1194 -0.0176 0.0155  -0.0073 8   C   B OP2   
354 O  "O5'" . C   B 8 ? 0.0990 0.1170 0.1066 0.0059  0.0074  -0.0124 8   C   B "O5'" 
355 C  "C5'" . C   B 8 ? 0.0976 0.1135 0.1176 0.0048  -0.0051 -0.0110 8   C   B "C5'" 
356 C  "C4'" . C   B 8 ? 0.0924 0.1299 0.1057 0.0082  -0.0021 0.0007  8   C   B "C4'" 
357 O  "O4'" . C   B 8 ? 0.0987 0.1320 0.0997 0.0076  -0.0015 -0.0024 8   C   B "O4'" 
358 C  "C3'" . C   B 8 ? 0.1056 0.1295 0.1019 0.0142  -0.0082 -0.0122 8   C   B "C3'" 
359 O  "O3'" . C   B 8 ? 0.1166 0.1330 0.1114 0.0047  -0.0032 -0.0173 8   C   B "O3'" 
360 C  "C2'" . C   B 8 ? 0.1346 0.1247 0.1122 0.0015  -0.0014 -0.0150 8   C   B "C2'" 
361 O  "O2'" . C   B 8 ? 0.1484 0.1092 0.1492 0.0096  -0.0161 -0.0080 8   C   B "O2'" 
362 C  "C1'" . C   B 8 ? 0.0911 0.1307 0.1110 -0.0048 -0.0062 -0.0010 8   C   B "C1'" 
363 N  N1    . C   B 8 ? 0.0928 0.1238 0.1120 0.0025  0.0002  -0.0022 8   C   B N1    
364 C  C2    . C   B 8 ? 0.1167 0.1288 0.1100 0.0034  -0.0033 -0.0034 8   C   B C2    
365 O  O2    . C   B 8 ? 0.1322 0.1287 0.1192 0.0097  -0.0180 0.0103  8   C   B O2    
366 N  N3    . C   B 8 ? 0.1073 0.1315 0.0987 0.0126  -0.0054 0.0050  8   C   B N3    
367 C  C4    . C   B 8 ? 0.0920 0.1388 0.1017 0.0121  0.0003  -0.0095 8   C   B C4    
368 N  N4    . C   B 8 ? 0.1100 0.1403 0.1077 0.0044  -0.0015 -0.0063 8   C   B N4    
369 C  C5    . C   B 8 ? 0.0869 0.1425 0.1077 0.0043  0.0139  -0.0057 8   C   B C5    
370 C  C6    . C   B 8 ? 0.0898 0.1265 0.1115 0.0122  0.0100  -0.0057 8   C   B C6    
371 C  C1    . GOL C . ? 0.1973 0.1788 0.1829 -0.0157 -0.0056 0.0291  9   GOL A C1    
372 O  O1    . GOL C . ? 0.2094 0.1846 0.2190 0.0092  0.0214  0.0111  9   GOL A O1    
373 C  C2    . GOL C . ? 0.1982 0.1722 0.1425 0.0041  0.0143  0.0116  9   GOL A C2    
374 O  O2    . GOL C . ? 0.1776 0.1907 0.1234 0.0002  0.0213  0.0310  9   GOL A O2    
375 C  C3    . GOL C . ? 0.2105 0.1722 0.1858 0.0058  -0.0072 -0.0006 9   GOL A C3    
376 O  O3    . GOL C . ? 0.1947 0.1865 0.1839 0.0304  -0.0202 -0.0153 9   GOL A O3    
377 CA CA    . CA  D . ? 0.1578 0.1711 0.1418 0.0003  -0.0095 0.0017  10  CA  A CA    
378 BR BR    . BR  E . ? 0.2633 0.2637 0.3330 0.0752  0.0872  0.0756  11  BR  A BR    
379 CA CA    . CA  F . ? 0.1787 0.2095 0.2455 0.0063  -0.0122 -0.0234 9   CA  B CA    
380 BR BR    . BR  G . ? 0.2973 0.3620 0.2371 0.0791  0.0712  0.0142  10  BR  B BR    
381 O  O     . HOH H . ? 0.1280 0.1375 0.1203 0.0023  -0.0137 0.0057  12  HOH A O     
382 O  O     . HOH H . ? 0.1730 0.2004 0.1774 -0.0013 -0.0308 -0.0085 13  HOH A O     
383 O  O     . HOH H . ? 0.1706 0.1669 0.1633 0.0080  -0.0304 0.0101  14  HOH A O     
384 O  O     . HOH H . ? 0.1634 0.1851 0.1986 -0.0070 -0.0123 -0.0550 15  HOH A O     
385 O  O     . HOH H . ? 0.1698 0.1291 0.1431 0.0154  -0.0056 -0.0093 19  HOH A O     
386 O  O     . HOH H . ? 0.2170 0.1622 0.1178 -0.0067 -0.0097 0.0165  21  HOH A O     
387 O  O     . HOH H . ? 0.1342 0.1785 0.3018 -0.0046 0.0116  -0.0168 23  HOH A O     
388 O  O     . HOH H . ? 0.2069 0.2518 0.1650 0.0207  -0.0246 0.0474  24  HOH A O     
389 O  O     . HOH H . ? 0.1703 0.1991 0.1649 -0.0079 -0.0010 -0.0070 26  HOH A O     
390 O  O     . HOH H . ? 0.1531 0.1470 0.1500 0.0315  -0.0300 -0.0077 33  HOH A O     
391 O  O     A HOH H . ? 0.2133 0.1890 0.1259 -0.0143 -0.0090 0.0025  34  HOH A O     
392 O  O     B HOH H . ? 0.1362 0.1278 0.0966 0.0123  0.0093  0.0599  34  HOH A O     
393 O  O     . HOH H . ? 0.2358 0.2426 0.1674 0.0575  -0.0337 -0.0046 38  HOH A O     
394 O  O     . HOH H . ? 0.3722 0.1715 0.1876 -0.0534 -0.0492 0.0183  39  HOH A O     
395 O  O     . HOH H . ? 0.1544 0.2438 0.2370 0.0490  0.0027  0.0326  40  HOH A O     
396 O  O     . HOH H . ? 0.1689 0.1866 0.3784 0.0577  0.0183  0.0609  41  HOH A O     
397 O  O     . HOH H . ? 0.2216 0.2011 0.2996 -0.0383 0.1148  -0.0645 43  HOH A O     
398 O  O     . HOH H . ? 0.1528 0.2124 0.3571 0.0646  -0.0135 0.0261  44  HOH A O     
399 O  O     . HOH H . ? 0.2215 0.2256 0.2176 -0.0078 -0.0007 -0.0009 46  HOH A O     
400 O  O     . HOH H . ? 0.2163 0.2783 0.2427 -0.0848 0.0467  -0.0082 47  HOH A O     
401 O  O     . HOH H . ? 0.2202 0.2826 0.2257 -0.0023 0.0266  0.0256  49  HOH A O     
402 O  O     . HOH H . ? 0.1670 0.2170 0.2546 -0.0207 -0.0240 0.0332  51  HOH A O     
403 O  O     . HOH H . ? 0.1996 0.1785 0.2899 -0.0031 -0.0565 0.0250  53  HOH A O     
404 O  O     . HOH H . ? 0.1390 0.3675 0.2848 0.0135  -0.0091 -0.1050 55  HOH A O     
405 O  O     . HOH H . ? 0.2349 0.2240 0.2239 0.0094  -0.0094 -0.0503 56  HOH A O     
406 O  O     . HOH H . ? 0.3080 0.3835 0.3344 -0.0728 -0.1373 0.0607  57  HOH A O     
407 O  O     . HOH H . ? 0.2385 0.1769 0.2531 -0.0031 0.0112  0.0065  59  HOH A O     
408 O  O     . HOH H . ? 0.1813 0.3088 0.2142 -0.0525 -0.0420 0.1332  61  HOH A O     
409 O  O     . HOH H . ? 0.4077 0.2006 0.2270 -0.0112 -0.0661 -0.0046 63  HOH A O     
410 O  O     . HOH H . ? 0.2355 0.2401 0.4014 0.0132  -0.0242 -0.1136 64  HOH A O     
411 O  O     . HOH H . ? 0.1572 0.2828 0.2283 -0.0171 -0.0510 0.1023  65  HOH A O     
412 O  O     . HOH H . ? 0.2464 0.2368 0.3611 -0.0135 0.0516  -0.0347 67  HOH A O     
413 O  O     . HOH H . ? 0.1420 0.1770 0.1019 -0.0304 0.0012  -0.0061 68  HOH A O     
414 O  O     . HOH H . ? 0.2005 0.3609 0.2640 -0.0036 0.0173  0.1137  70  HOH A O     
415 O  O     . HOH H . ? 0.2424 0.2060 0.5554 0.0926  -0.0212 0.0962  71  HOH A O     
416 O  O     . HOH H . ? 0.2877 0.2380 0.2590 -0.0393 0.0149  -0.0455 72  HOH A O     
417 O  O     . HOH H . ? 0.2702 0.1635 0.2680 0.0024  0.0319  0.0009  73  HOH A O     
418 O  O     . HOH H . ? 0.4442 0.2457 0.3194 -0.0239 -0.0021 -0.0132 74  HOH A O     
419 O  O     . HOH H . ? 0.1863 0.3557 0.4462 -0.1053 0.0004  -0.1222 75  HOH A O     
420 O  O     . HOH H . ? 0.4151 0.2036 0.2789 0.0211  0.0888  0.0610  76  HOH A O     
421 O  O     . HOH H . ? 0.2450 0.3499 0.3458 0.0619  -0.0627 0.0178  80  HOH A O     
422 O  O     . HOH H . ? 0.3554 0.3231 0.3017 -0.0927 0.1003  0.0275  86  HOH A O     
423 O  O     . HOH H . ? 0.4027 0.3119 0.3012 -0.0021 -0.0093 0.1033  89  HOH A O     
424 O  O     . HOH H . ? 0.2256 0.2452 0.2235 -0.0311 0.0016  0.0894  91  HOH A O     
425 O  O     . HOH H . ? 0.4778 0.4038 0.1835 0.0027  -0.0382 0.0844  93  HOH A O     
426 O  O     . HOH H . ? 0.2663 0.2163 0.2240 0.0051  -0.0045 0.0205  102 HOH A O     
427 O  O     . HOH H . ? 0.4758 0.3730 0.4142 -0.1086 0.0215  -0.1335 107 HOH A O     
428 O  O     . HOH H . ? 0.4717 0.2010 0.4363 0.0372  -0.0983 0.0293  109 HOH A O     
429 O  O     . HOH H . ? 0.2358 0.3110 0.1029 0.0464  0.0042  -0.0478 114 HOH A O     
430 O  O     . HOH H . ? 0.1460 0.3964 0.1456 0.0486  -0.0425 -0.0003 115 HOH A O     
431 O  O     A HOH H . ? 0.4573 0.2673 0.3052 0.0425  -0.1681 -0.0251 117 HOH A O     
432 O  O     B HOH H . ? 0.3280 0.4714 0.2077 -0.1255 -0.0813 0.1053  117 HOH A O     
433 O  O     . HOH H . ? 0.2632 0.2932 0.5294 -0.0048 0.0955  0.0260  123 HOH A O     
434 O  O     . HOH H . ? 0.3056 0.2953 0.3244 -0.0947 0.1089  -0.0538 125 HOH A O     
435 O  O     . HOH H . ? 0.2970 0.3725 0.4698 -0.1159 0.1347  -0.1308 126 HOH A O     
436 O  O     . HOH I . ? 0.1790 0.1596 0.2261 -0.0139 -0.0078 -0.0049 11  HOH B O     
437 O  O     . HOH I . ? 0.1291 0.1507 0.2099 -0.0289 -0.0608 0.0361  12  HOH B O     
438 O  O     . HOH I . ? 0.1364 0.1679 0.2175 0.0175  -0.0365 -0.0227 13  HOH B O     
439 O  O     . HOH I . ? 0.1240 0.1227 0.1126 -0.0219 -0.0101 0.0113  14  HOH B O     
440 O  O     . HOH I . ? 0.1404 0.1414 0.1373 0.0168  0.0057  0.0072  15  HOH B O     
441 O  O     . HOH I . ? 0.1591 0.1606 0.1361 0.0278  0.0158  0.0199  16  HOH B O     
442 O  O     . HOH I . ? 0.1787 0.1737 0.2300 -0.0074 0.0402  -0.0541 17  HOH B O     
443 O  O     . HOH I . ? 0.1289 0.1958 0.1841 0.0080  0.0004  -0.0425 18  HOH B O     
444 O  O     . HOH I . ? 0.1535 0.1293 0.1481 0.0008  0.0124  0.0176  19  HOH B O     
445 O  O     . HOH I . ? 0.1926 0.1504 0.1874 0.0142  -0.0385 -0.0044 20  HOH B O     
446 O  O     . HOH I . ? 0.1500 0.1189 0.1235 0.0205  0.0016  -0.0030 21  HOH B O     
447 O  O     . HOH I . ? 0.1696 0.1869 0.1695 0.0201  -0.0267 -0.0241 22  HOH B O     
448 O  O     . HOH I . ? 0.1105 0.2264 0.1513 0.0091  0.0011  -0.0292 23  HOH B O     
449 O  O     . HOH I . ? 0.1045 0.1405 0.1986 0.0023  0.0111  -0.0178 24  HOH B O     
450 O  O     . HOH I . ? 0.1553 0.1532 0.1525 -0.0031 -0.0187 0.0106  25  HOH B O     
451 O  O     . HOH I . ? 0.1981 0.1746 0.2643 0.0237  0.0033  0.0110  27  HOH B O     
452 O  O     . HOH I . ? 0.2225 0.1893 0.1917 0.0474  -0.0136 -0.0102 28  HOH B O     
453 O  O     . HOH I . ? 0.2234 0.1715 0.2028 -0.0064 -0.0585 0.0028  29  HOH B O     
454 O  O     . HOH I . ? 0.2107 0.1515 0.2507 0.0101  -0.0499 -0.0208 30  HOH B O     
455 O  O     A HOH I . ? 0.1802 0.1831 0.3350 -0.0503 0.0347  -0.0292 31  HOH B O     
456 O  O     B HOH I . ? 0.1296 0.1317 0.1380 0.0022  -0.0012 -0.0191 31  HOH B O     
457 O  O     . HOH I . ? 0.2503 0.2145 0.1650 -0.0236 0.0393  0.0204  32  HOH B O     
458 O  O     . HOH I . ? 0.2206 0.2492 0.2282 -0.0151 0.0107  0.0054  35  HOH B O     
459 O  O     . HOH I . ? 0.1850 0.1601 0.1700 -0.0366 -0.0234 0.0363  36  HOH B O     
460 O  O     . HOH I . ? 0.3429 0.2327 0.1678 0.0230  -0.0421 0.0474  37  HOH B O     
461 O  O     . HOH I . ? 0.1886 0.1937 0.2417 0.0022  0.0216  -0.0130 42  HOH B O     
462 O  O     . HOH I . ? 0.2818 0.1870 0.1894 -0.0023 0.0036  0.0299  45  HOH B O     
463 O  O     . HOH I . ? 0.1821 0.2696 0.4140 -0.0471 0.0902  0.0515  48  HOH B O     
464 O  O     . HOH I . ? 0.1589 0.2490 0.2759 0.0133  -0.0537 -0.0402 50  HOH B O     
465 O  O     . HOH I . ? 0.2606 0.1778 0.3599 0.0161  0.0946  -0.0187 52  HOH B O     
466 O  O     A HOH I . ? 0.2051 0.2032 0.2137 -0.0643 0.0361  -0.0934 54  HOH B O     
467 O  O     B HOH I . ? 0.2474 0.1582 0.1597 -0.0367 0.0679  -0.0277 54  HOH B O     
468 O  O     . HOH I . ? 0.4120 0.2263 0.5466 0.1158  0.0092  -0.0722 58  HOH B O     
469 O  O     . HOH I . ? 0.1574 0.4215 0.2348 -0.0660 -0.0155 0.0716  60  HOH B O     
470 O  O     A HOH I . ? 0.1481 0.2325 0.3940 0.0444  -0.0498 0.0030  62  HOH B O     
471 O  O     B HOH I . ? 0.0449 0.1399 0.3099 0.0399  0.0119  -0.0717 62  HOH B O     
472 O  O     . HOH I . ? 0.1548 0.2235 0.2377 0.0002  -0.0058 -0.0047 66  HOH B O     
473 O  O     . HOH I . ? 0.3913 0.4857 0.3239 0.1131  -0.0314 -0.0109 69  HOH B O     
474 O  O     . HOH I . ? 0.3170 0.1323 0.1463 -0.0372 0.0514  0.0091  77  HOH B O     
475 O  O     . HOH I . ? 0.2223 0.5456 0.2779 -0.0441 0.0000  -0.1093 78  HOH B O     
476 O  O     . HOH I . ? 0.2226 0.1968 0.3844 0.0126  -0.0751 0.0407  82  HOH B O     
477 O  O     . HOH I . ? 0.4172 0.2851 0.3361 0.0531  -0.1215 -0.0041 83  HOH B O     
478 O  O     . HOH I . ? 0.3879 0.2600 0.3431 -0.0711 -0.0450 -0.0019 84  HOH B O     
479 O  O     . HOH I . ? 0.2787 0.3302 0.4746 0.1187  0.0194  0.0189  87  HOH B O     
480 O  O     . HOH I . ? 0.4031 0.2139 0.3932 0.0359  -0.0017 -0.0198 88  HOH B O     
481 O  O     . HOH I . ? 0.2309 0.2621 0.4658 -0.0732 0.0524  -0.1134 92  HOH B O     
482 O  O     . HOH I . ? 0.3761 0.6869 0.3875 0.1380  -0.0263 -0.0484 95  HOH B O     
483 O  O     . HOH I . ? 0.4274 0.2611 0.4243 0.1541  0.0997  -0.0596 97  HOH B O     
484 O  O     . HOH I . ? 0.4691 0.1885 0.4256 -0.0388 -0.1666 0.0109  98  HOH B O     
485 O  O     . HOH I . ? 0.1731 0.4362 0.2636 -0.0085 -0.0043 0.0410  100 HOH B O     
486 O  O     . HOH I . ? 0.3032 0.3527 0.3028 0.0477  0.0933  0.1084  101 HOH B O     
487 O  O     . HOH I . ? 0.2623 0.3452 0.2744 -0.0151 0.0703  0.0524  110 HOH B O     
488 O  O     . HOH I . ? 0.3408 0.2745 0.3872 -0.0543 0.0140  -0.0517 111 HOH B O     
# 
